data_2IF5
# 
_entry.id   2IF5 
# 
_audit_conform.dict_name       mmcif_pdbx.dic 
_audit_conform.dict_version    5.377 
_audit_conform.dict_location   http://mmcif.pdb.org/dictionaries/ascii/mmcif_pdbx.dic 
# 
loop_
_database_2.database_id 
_database_2.database_code 
_database_2.pdbx_database_accession 
_database_2.pdbx_DOI 
PDB   2IF5         pdb_00002if5 10.2210/pdb2if5/pdb 
RCSB  RCSB039505   ?            ?                   
WWPDB D_1000039505 ?            ?                   
# 
_pdbx_database_status.status_code                     REL 
_pdbx_database_status.entry_id                        2IF5 
_pdbx_database_status.recvd_initial_deposition_date   2006-09-20 
_pdbx_database_status.deposit_site                    RCSB 
_pdbx_database_status.process_site                    RCSB 
_pdbx_database_status.status_code_sf                  REL 
_pdbx_database_status.status_code_mr                  ? 
_pdbx_database_status.SG_entry                        ? 
_pdbx_database_status.pdb_format_compatible           Y 
_pdbx_database_status.status_code_cs                  ? 
_pdbx_database_status.status_code_nmr_data            ? 
_pdbx_database_status.methods_development_category    ? 
# 
loop_
_audit_author.name 
_audit_author.pdbx_ordinal 
'Schubot, F.D.' 1 
'Waugh, D.S.'   2 
'Tropea, J.'    3 
# 
_citation.id                        primary 
_citation.title                     'Structure of the POZ domain of human LRF, a master regulator of oncogenesis.' 
_citation.journal_abbrev            Biochem.Biophys.Res.Commun. 
_citation.journal_volume            351 
_citation.page_first                1 
_citation.page_last                 6 
_citation.year                      2006 
_citation.journal_id_ASTM           BBRCA9 
_citation.country                   US 
_citation.journal_id_ISSN           0006-291X 
_citation.journal_id_CSD            0146 
_citation.book_publisher            ? 
_citation.pdbx_database_id_PubMed   17052694 
_citation.pdbx_database_id_DOI      10.1016/j.bbrc.2006.09.167 
# 
loop_
_citation_author.citation_id 
_citation_author.name 
_citation_author.ordinal 
_citation_author.identifier_ORCID 
primary 'Schubot, F.D.' 1 ? 
primary 'Tropea, J.E.'  2 ? 
primary 'Waugh, D.S.'   3 ? 
# 
_cell.entry_id           2IF5 
_cell.length_a           65.850 
_cell.length_b           65.850 
_cell.length_c           162.603 
_cell.angle_alpha        90.00 
_cell.angle_beta         90.00 
_cell.angle_gamma        90.00 
_cell.Z_PDB              16 
_cell.pdbx_unique_axis   ? 
_cell.length_a_esd       ? 
_cell.length_b_esd       ? 
_cell.length_c_esd       ? 
_cell.angle_alpha_esd    ? 
_cell.angle_beta_esd     ? 
_cell.angle_gamma_esd    ? 
# 
_symmetry.entry_id                         2IF5 
_symmetry.space_group_name_H-M             'I 41 2 2' 
_symmetry.pdbx_full_space_group_name_H-M   ? 
_symmetry.cell_setting                     ? 
_symmetry.Int_Tables_number                98 
_symmetry.space_group_name_Hall            ? 
# 
loop_
_entity.id 
_entity.type 
_entity.src_method 
_entity.pdbx_description 
_entity.formula_weight 
_entity.pdbx_number_of_molecules 
_entity.pdbx_ec 
_entity.pdbx_mutation 
_entity.pdbx_fragment 
_entity.details 
1 polymer     man 'Zinc finger and BTB domain-containing protein 7A' 12939.632 1   ? ? 'BTB/POZ-domain, residues 9-128' ? 
2 non-polymer syn 'PRASEODYMIUM ION'                                 140.908   3   ? ? ?                                ? 
3 water       nat water                                              18.015    117 ? ? ?                                ? 
# 
_entity_name_com.entity_id   1 
_entity_name_com.name        
;Leukemia/lymphoma- related factor, Factor that binds to inducer of short transcripts protein 1, Factor binding IST protein 1, FBI-1, HIV-1 1st-binding protein 1, TTF-I-interacting peptide 21, TIP21
;
# 
_entity_poly.entity_id                      1 
_entity_poly.type                           'polypeptide(L)' 
_entity_poly.nstd_linkage                   no 
_entity_poly.nstd_monomer                   no 
_entity_poly.pdbx_seq_one_letter_code       
;IGIPFPDHSSDILSGLNEQRTQGLLCDVVILVEGREFPTHRSVLAACSQYFKKLFTSGAVVDQQNVYEIDFVSAEALTAL
MDFAYTATLTVSTANVGDILSAARLLEIPAVSHVCADLLD
;
_entity_poly.pdbx_seq_one_letter_code_can   
;IGIPFPDHSSDILSGLNEQRTQGLLCDVVILVEGREFPTHRSVLAACSQYFKKLFTSGAVVDQQNVYEIDFVSAEALTAL
MDFAYTATLTVSTANVGDILSAARLLEIPAVSHVCADLLD
;
_entity_poly.pdbx_strand_id                 A 
_entity_poly.pdbx_target_identifier         ? 
# 
loop_
_entity_poly_seq.entity_id 
_entity_poly_seq.num 
_entity_poly_seq.mon_id 
_entity_poly_seq.hetero 
1 1   ILE n 
1 2   GLY n 
1 3   ILE n 
1 4   PRO n 
1 5   PHE n 
1 6   PRO n 
1 7   ASP n 
1 8   HIS n 
1 9   SER n 
1 10  SER n 
1 11  ASP n 
1 12  ILE n 
1 13  LEU n 
1 14  SER n 
1 15  GLY n 
1 16  LEU n 
1 17  ASN n 
1 18  GLU n 
1 19  GLN n 
1 20  ARG n 
1 21  THR n 
1 22  GLN n 
1 23  GLY n 
1 24  LEU n 
1 25  LEU n 
1 26  CYS n 
1 27  ASP n 
1 28  VAL n 
1 29  VAL n 
1 30  ILE n 
1 31  LEU n 
1 32  VAL n 
1 33  GLU n 
1 34  GLY n 
1 35  ARG n 
1 36  GLU n 
1 37  PHE n 
1 38  PRO n 
1 39  THR n 
1 40  HIS n 
1 41  ARG n 
1 42  SER n 
1 43  VAL n 
1 44  LEU n 
1 45  ALA n 
1 46  ALA n 
1 47  CYS n 
1 48  SER n 
1 49  GLN n 
1 50  TYR n 
1 51  PHE n 
1 52  LYS n 
1 53  LYS n 
1 54  LEU n 
1 55  PHE n 
1 56  THR n 
1 57  SER n 
1 58  GLY n 
1 59  ALA n 
1 60  VAL n 
1 61  VAL n 
1 62  ASP n 
1 63  GLN n 
1 64  GLN n 
1 65  ASN n 
1 66  VAL n 
1 67  TYR n 
1 68  GLU n 
1 69  ILE n 
1 70  ASP n 
1 71  PHE n 
1 72  VAL n 
1 73  SER n 
1 74  ALA n 
1 75  GLU n 
1 76  ALA n 
1 77  LEU n 
1 78  THR n 
1 79  ALA n 
1 80  LEU n 
1 81  MET n 
1 82  ASP n 
1 83  PHE n 
1 84  ALA n 
1 85  TYR n 
1 86  THR n 
1 87  ALA n 
1 88  THR n 
1 89  LEU n 
1 90  THR n 
1 91  VAL n 
1 92  SER n 
1 93  THR n 
1 94  ALA n 
1 95  ASN n 
1 96  VAL n 
1 97  GLY n 
1 98  ASP n 
1 99  ILE n 
1 100 LEU n 
1 101 SER n 
1 102 ALA n 
1 103 ALA n 
1 104 ARG n 
1 105 LEU n 
1 106 LEU n 
1 107 GLU n 
1 108 ILE n 
1 109 PRO n 
1 110 ALA n 
1 111 VAL n 
1 112 SER n 
1 113 HIS n 
1 114 VAL n 
1 115 CYS n 
1 116 ALA n 
1 117 ASP n 
1 118 LEU n 
1 119 LEU n 
1 120 ASP n 
# 
_entity_src_gen.entity_id                          1 
_entity_src_gen.pdbx_src_id                        1 
_entity_src_gen.pdbx_alt_source_flag               sample 
_entity_src_gen.pdbx_seq_type                      ? 
_entity_src_gen.pdbx_beg_seq_num                   ? 
_entity_src_gen.pdbx_end_seq_num                   ? 
_entity_src_gen.gene_src_common_name               human 
_entity_src_gen.gene_src_genus                     Homo 
_entity_src_gen.pdbx_gene_src_gene                 'ZBTB7A, FBI1, LRF, ZBTB7' 
_entity_src_gen.gene_src_species                   ? 
_entity_src_gen.gene_src_strain                    ? 
_entity_src_gen.gene_src_tissue                    ? 
_entity_src_gen.gene_src_tissue_fraction           ? 
_entity_src_gen.gene_src_details                   ? 
_entity_src_gen.pdbx_gene_src_fragment             ? 
_entity_src_gen.pdbx_gene_src_scientific_name      'Homo sapiens' 
_entity_src_gen.pdbx_gene_src_ncbi_taxonomy_id     9606 
_entity_src_gen.pdbx_gene_src_variant              ? 
_entity_src_gen.pdbx_gene_src_cell_line            ? 
_entity_src_gen.pdbx_gene_src_atcc                 ? 
_entity_src_gen.pdbx_gene_src_organ                ? 
_entity_src_gen.pdbx_gene_src_organelle            ? 
_entity_src_gen.pdbx_gene_src_cell                 ? 
_entity_src_gen.pdbx_gene_src_cellular_location    ? 
_entity_src_gen.host_org_common_name               ? 
_entity_src_gen.pdbx_host_org_scientific_name      'Escherichia coli BL21(DE3)' 
_entity_src_gen.pdbx_host_org_ncbi_taxonomy_id     469008 
_entity_src_gen.host_org_genus                     Escherichia 
_entity_src_gen.pdbx_host_org_gene                 ? 
_entity_src_gen.pdbx_host_org_organ                ? 
_entity_src_gen.host_org_species                   'Escherichia coli' 
_entity_src_gen.pdbx_host_org_tissue               ? 
_entity_src_gen.pdbx_host_org_tissue_fraction      ? 
_entity_src_gen.pdbx_host_org_strain               'BL21(DE3)' 
_entity_src_gen.pdbx_host_org_variant              ? 
_entity_src_gen.pdbx_host_org_cell_line            ? 
_entity_src_gen.pdbx_host_org_atcc                 ? 
_entity_src_gen.pdbx_host_org_culture_collection   ? 
_entity_src_gen.pdbx_host_org_cell                 ? 
_entity_src_gen.pdbx_host_org_organelle            ? 
_entity_src_gen.pdbx_host_org_cellular_location    ? 
_entity_src_gen.pdbx_host_org_vector_type          PLASMID 
_entity_src_gen.pdbx_host_org_vector               ? 
_entity_src_gen.host_org_details                   ? 
_entity_src_gen.expression_system_id               ? 
_entity_src_gen.plasmid_name                       pJT18 
_entity_src_gen.plasmid_details                    ? 
_entity_src_gen.pdbx_description                   ? 
# 
_struct_ref.id                         1 
_struct_ref.db_name                    UNP 
_struct_ref.db_code                    ZBT7A_HUMAN 
_struct_ref.pdbx_db_accession          O95365 
_struct_ref.entity_id                  1 
_struct_ref.pdbx_seq_one_letter_code   
;IGIPFPDHSSDILSGLNEQRTQGLLCDVVILVEGREFPTHRSVLAACSQYFKKLFTSGAVVDQQNVYEIDFVSAEALTAL
MDFAYTATLTVSTANVGDILSAARLLEIPAVSHVCADLLD
;
_struct_ref.pdbx_align_begin           9 
_struct_ref.pdbx_db_isoform            ? 
# 
_struct_ref_seq.align_id                      1 
_struct_ref_seq.ref_id                        1 
_struct_ref_seq.pdbx_PDB_id_code              2IF5 
_struct_ref_seq.pdbx_strand_id                A 
_struct_ref_seq.seq_align_beg                 1 
_struct_ref_seq.pdbx_seq_align_beg_ins_code   ? 
_struct_ref_seq.seq_align_end                 120 
_struct_ref_seq.pdbx_seq_align_end_ins_code   ? 
_struct_ref_seq.pdbx_db_accession             O95365 
_struct_ref_seq.db_align_beg                  9 
_struct_ref_seq.pdbx_db_align_beg_ins_code    ? 
_struct_ref_seq.db_align_end                  128 
_struct_ref_seq.pdbx_db_align_end_ins_code    ? 
_struct_ref_seq.pdbx_auth_seq_align_beg       8 
_struct_ref_seq.pdbx_auth_seq_align_end       127 
# 
loop_
_chem_comp.id 
_chem_comp.type 
_chem_comp.mon_nstd_flag 
_chem_comp.name 
_chem_comp.pdbx_synonyms 
_chem_comp.formula 
_chem_comp.formula_weight 
ALA 'L-peptide linking' y ALANINE            ? 'C3 H7 N O2'     89.093  
ARG 'L-peptide linking' y ARGININE           ? 'C6 H15 N4 O2 1' 175.209 
ASN 'L-peptide linking' y ASPARAGINE         ? 'C4 H8 N2 O3'    132.118 
ASP 'L-peptide linking' y 'ASPARTIC ACID'    ? 'C4 H7 N O4'     133.103 
CYS 'L-peptide linking' y CYSTEINE           ? 'C3 H7 N O2 S'   121.158 
GLN 'L-peptide linking' y GLUTAMINE          ? 'C5 H10 N2 O3'   146.144 
GLU 'L-peptide linking' y 'GLUTAMIC ACID'    ? 'C5 H9 N O4'     147.129 
GLY 'peptide linking'   y GLYCINE            ? 'C2 H5 N O2'     75.067  
HIS 'L-peptide linking' y HISTIDINE          ? 'C6 H10 N3 O2 1' 156.162 
HOH non-polymer         . WATER              ? 'H2 O'           18.015  
ILE 'L-peptide linking' y ISOLEUCINE         ? 'C6 H13 N O2'    131.173 
LEU 'L-peptide linking' y LEUCINE            ? 'C6 H13 N O2'    131.173 
LYS 'L-peptide linking' y LYSINE             ? 'C6 H15 N2 O2 1' 147.195 
MET 'L-peptide linking' y METHIONINE         ? 'C5 H11 N O2 S'  149.211 
PHE 'L-peptide linking' y PHENYLALANINE      ? 'C9 H11 N O2'    165.189 
PR  non-polymer         . 'PRASEODYMIUM ION' ? 'Pr 3'           140.908 
PRO 'L-peptide linking' y PROLINE            ? 'C5 H9 N O2'     115.130 
SER 'L-peptide linking' y SERINE             ? 'C3 H7 N O3'     105.093 
THR 'L-peptide linking' y THREONINE          ? 'C4 H9 N O3'     119.119 
TYR 'L-peptide linking' y TYROSINE           ? 'C9 H11 N O3'    181.189 
VAL 'L-peptide linking' y VALINE             ? 'C5 H11 N O2'    117.146 
# 
_exptl.entry_id          2IF5 
_exptl.method            'X-RAY DIFFRACTION' 
_exptl.crystals_number   ? 
# 
_exptl_crystal.id                    1 
_exptl_crystal.density_meas          ? 
_exptl_crystal.density_Matthews      3.40 
_exptl_crystal.density_percent_sol   63.87 
_exptl_crystal.description           ? 
_exptl_crystal.F_000                 ? 
_exptl_crystal.preparation           ? 
# 
_exptl_crystal_grow.crystal_id      1 
_exptl_crystal_grow.method          'VAPOR DIFFUSION, SITTING DROP' 
_exptl_crystal_grow.temp            290 
_exptl_crystal_grow.temp_details    ? 
_exptl_crystal_grow.pH              7.5 
_exptl_crystal_grow.pdbx_details    
;Protein at 24 mg/ml in 25 mM Tris, 150 mM NaCl, 2mM DTT, 0.18 M Calcium acetate hydrate, 18% w/v Polyethylene glycol 3350, 0.01 M Praseodymium (III) Acetate, pH 7.5, VAPOR DIFFUSION, SITTING DROP, temperature 290K
;
_exptl_crystal_grow.pdbx_pH_range   . 
# 
_diffrn.id                     1 
_diffrn.ambient_temp           100 
_diffrn.ambient_temp_details   ? 
_diffrn.crystal_id             1 
# 
_diffrn_detector.diffrn_id              1 
_diffrn_detector.detector               CCD 
_diffrn_detector.type                   'MARMOSAIC 225 mm CCD' 
_diffrn_detector.pdbx_collection_date   ? 
_diffrn_detector.details                ? 
# 
_diffrn_radiation.diffrn_id                        1 
_diffrn_radiation.wavelength_id                    1 
_diffrn_radiation.pdbx_monochromatic_or_laue_m_l   M 
_diffrn_radiation.monochromator                    ? 
_diffrn_radiation.pdbx_diffrn_protocol             'SINGLE WAVELENGTH' 
_diffrn_radiation.pdbx_scattering_type             x-ray 
# 
_diffrn_radiation_wavelength.id           1 
_diffrn_radiation_wavelength.wavelength   1 
_diffrn_radiation_wavelength.wt           1.0 
# 
_diffrn_source.diffrn_id                   1 
_diffrn_source.source                      SYNCHROTRON 
_diffrn_source.type                        'APS BEAMLINE 22-ID' 
_diffrn_source.pdbx_synchrotron_site       APS 
_diffrn_source.pdbx_synchrotron_beamline   22-ID 
_diffrn_source.pdbx_wavelength             ? 
_diffrn_source.pdbx_wavelength_list        1 
# 
_reflns.entry_id                     2IF5 
_reflns.observed_criterion_sigma_F   ? 
_reflns.observed_criterion_sigma_I   -1 
_reflns.d_resolution_high            2 
_reflns.d_resolution_low             50 
_reflns.number_all                   ? 
_reflns.number_obs                   12540 
_reflns.percent_possible_obs         98.2 
_reflns.pdbx_Rmerge_I_obs            0.096 
_reflns.pdbx_Rsym_value              0.096 
_reflns.pdbx_netI_over_sigmaI        25.9 
_reflns.B_iso_Wilson_estimate        19.2 
_reflns.pdbx_redundancy              13 
_reflns.R_free_details               ? 
_reflns.limit_h_max                  ? 
_reflns.limit_h_min                  ? 
_reflns.limit_k_max                  ? 
_reflns.limit_k_min                  ? 
_reflns.limit_l_max                  ? 
_reflns.limit_l_min                  ? 
_reflns.observed_criterion_F_max     ? 
_reflns.observed_criterion_F_min     ? 
_reflns.pdbx_chi_squared             ? 
_reflns.pdbx_scaling_rejects         ? 
_reflns.pdbx_ordinal                 1 
_reflns.pdbx_diffrn_id               1 
# 
_reflns_shell.d_res_high             2.03 
_reflns_shell.d_res_low              2.13 
_reflns_shell.percent_possible_all   99.8 
_reflns_shell.Rmerge_I_obs           0.259 
_reflns_shell.pdbx_Rsym_value        0.259 
_reflns_shell.meanI_over_sigI_obs    9 
_reflns_shell.pdbx_redundancy        13 
_reflns_shell.percent_possible_obs   ? 
_reflns_shell.number_unique_all      ? 
_reflns_shell.number_measured_all    ? 
_reflns_shell.number_measured_obs    ? 
_reflns_shell.number_unique_obs      ? 
_reflns_shell.pdbx_chi_squared       ? 
_reflns_shell.pdbx_ordinal           1 
_reflns_shell.pdbx_diffrn_id         1 
# 
_refine.entry_id                                 2IF5 
_refine.ls_number_reflns_obs                     11695 
_refine.ls_number_reflns_all                     ? 
_refine.pdbx_ls_sigma_I                          ? 
_refine.pdbx_ls_sigma_F                          ? 
_refine.pdbx_data_cutoff_high_absF               ? 
_refine.pdbx_data_cutoff_low_absF                ? 
_refine.pdbx_data_cutoff_high_rms_absF           ? 
_refine.ls_d_res_low                             40.08 
_refine.ls_d_res_high                            2.00 
_refine.ls_percent_reflns_obs                    98.24 
_refine.ls_R_factor_obs                          0.23245 
_refine.ls_R_factor_all                          ? 
_refine.ls_R_factor_R_work                       0.22933 
_refine.ls_R_factor_R_free                       0.29096 
_refine.ls_R_factor_R_free_error                 ? 
_refine.ls_R_factor_R_free_error_details         ? 
_refine.ls_percent_reflns_R_free                 5.0 
_refine.ls_number_reflns_R_free                  620 
_refine.ls_number_parameters                     ? 
_refine.ls_number_restraints                     ? 
_refine.occupancy_min                            ? 
_refine.occupancy_max                            ? 
_refine.correlation_coeff_Fo_to_Fc               0.908 
_refine.correlation_coeff_Fo_to_Fc_free          0.870 
_refine.B_iso_mean                               22.928 
_refine.aniso_B[1][1]                            0.20 
_refine.aniso_B[2][2]                            0.20 
_refine.aniso_B[3][3]                            -0.41 
_refine.aniso_B[1][2]                            0.00 
_refine.aniso_B[1][3]                            0.00 
_refine.aniso_B[2][3]                            0.00 
_refine.solvent_model_details                    MASK 
_refine.solvent_model_param_ksol                 ? 
_refine.solvent_model_param_bsol                 ? 
_refine.pdbx_solvent_vdw_probe_radii             1.40 
_refine.pdbx_solvent_ion_probe_radii             0.80 
_refine.pdbx_solvent_shrinkage_radii             0.80 
_refine.pdbx_ls_cross_valid_method               THROUGHOUT 
_refine.details                                  'HYDROGENS HAVE BEEN ADDED IN THE RIDING POSITIONS' 
_refine.pdbx_starting_model                      'PDB ENTRY 1BUO' 
_refine.pdbx_method_to_determine_struct          'MOLECULAR REPLACEMENT' 
_refine.pdbx_isotropic_thermal_model             ? 
_refine.pdbx_stereochemistry_target_values       'MAXIMUM LIKELIHOOD' 
_refine.pdbx_stereochem_target_val_spec_case     ? 
_refine.pdbx_R_Free_selection_details            RANDOM 
_refine.pdbx_overall_ESU_R                       0.169 
_refine.pdbx_overall_ESU_R_Free                  0.174 
_refine.overall_SU_ML                            0.101 
_refine.overall_SU_B                             5.932 
_refine.ls_redundancy_reflns_obs                 ? 
_refine.B_iso_min                                ? 
_refine.B_iso_max                                ? 
_refine.overall_SU_R_Cruickshank_DPI             ? 
_refine.overall_SU_R_free                        ? 
_refine.ls_wR_factor_R_free                      ? 
_refine.ls_wR_factor_R_work                      ? 
_refine.overall_FOM_free_R_set                   ? 
_refine.overall_FOM_work_R_set                   ? 
_refine.pdbx_refine_id                           'X-RAY DIFFRACTION' 
_refine.pdbx_TLS_residual_ADP_flag               'LIKELY RESIDUAL' 
_refine.pdbx_diffrn_id                           1 
_refine.pdbx_overall_phase_error                 ? 
_refine.pdbx_overall_SU_R_free_Cruickshank_DPI   ? 
_refine.pdbx_overall_SU_R_Blow_DPI               ? 
_refine.pdbx_overall_SU_R_free_Blow_DPI          ? 
# 
_refine_analyze.entry_id                        2IF5 
_refine_analyze.Luzzati_coordinate_error_obs    0.113 
_refine_analyze.Luzzati_sigma_a_obs             0.3 
_refine_analyze.Luzzati_d_res_low_obs           40 
_refine_analyze.Luzzati_coordinate_error_free   ? 
_refine_analyze.Luzzati_sigma_a_free            ? 
_refine_analyze.Luzzati_d_res_low_free          ? 
_refine_analyze.number_disordered_residues      ? 
_refine_analyze.occupancy_sum_non_hydrogen      ? 
_refine_analyze.occupancy_sum_hydrogen          ? 
_refine_analyze.pdbx_Luzzati_d_res_high_obs     ? 
_refine_analyze.pdbx_refine_id                  'X-RAY DIFFRACTION' 
# 
_refine_hist.pdbx_refine_id                   'X-RAY DIFFRACTION' 
_refine_hist.cycle_id                         LAST 
_refine_hist.pdbx_number_atoms_protein        877 
_refine_hist.pdbx_number_atoms_nucleic_acid   0 
_refine_hist.pdbx_number_atoms_ligand         3 
_refine_hist.number_atoms_solvent             117 
_refine_hist.number_atoms_total               997 
_refine_hist.d_res_high                       2.00 
_refine_hist.d_res_low                        40.08 
# 
loop_
_refine_ls_restr.type 
_refine_ls_restr.dev_ideal 
_refine_ls_restr.dev_ideal_target 
_refine_ls_restr.weight 
_refine_ls_restr.number 
_refine_ls_restr.pdbx_refine_id 
_refine_ls_restr.pdbx_restraint_function 
r_bond_refined_d         0.017  0.022  ? 892  'X-RAY DIFFRACTION' ? 
r_angle_refined_deg      1.580  1.970  ? 1215 'X-RAY DIFFRACTION' ? 
r_dihedral_angle_1_deg   5.285  5.000  ? 113  'X-RAY DIFFRACTION' ? 
r_dihedral_angle_2_deg   40.340 24.737 ? 38   'X-RAY DIFFRACTION' ? 
r_dihedral_angle_3_deg   12.921 15.000 ? 143  'X-RAY DIFFRACTION' ? 
r_dihedral_angle_4_deg   20.641 15.000 ? 4    'X-RAY DIFFRACTION' ? 
r_chiral_restr           0.111  0.200  ? 150  'X-RAY DIFFRACTION' ? 
r_gen_planes_refined     0.007  0.020  ? 664  'X-RAY DIFFRACTION' ? 
r_nbd_refined            0.236  0.200  ? 425  'X-RAY DIFFRACTION' ? 
r_nbtor_refined          0.314  0.200  ? 629  'X-RAY DIFFRACTION' ? 
r_xyhbond_nbd_refined    0.206  0.200  ? 97   'X-RAY DIFFRACTION' ? 
r_metal_ion_refined      0.095  0.200  ? 2    'X-RAY DIFFRACTION' ? 
r_symmetry_vdw_refined   0.264  0.200  ? 55   'X-RAY DIFFRACTION' ? 
r_symmetry_hbond_refined 0.167  0.200  ? 19   'X-RAY DIFFRACTION' ? 
r_mcbond_it              1.198  1.500  ? 591  'X-RAY DIFFRACTION' ? 
r_mcangle_it             1.891  2.000  ? 926  'X-RAY DIFFRACTION' ? 
r_scbond_it              2.857  3.000  ? 338  'X-RAY DIFFRACTION' ? 
r_scangle_it             3.966  4.500  ? 289  'X-RAY DIFFRACTION' ? 
# 
_refine_ls_shell.pdbx_total_number_of_bins_used   20 
_refine_ls_shell.d_res_high                       2.000 
_refine_ls_shell.d_res_low                        2.052 
_refine_ls_shell.number_reflns_R_work             843 
_refine_ls_shell.R_factor_R_work                  0.194 
_refine_ls_shell.percent_reflns_obs               100.00 
_refine_ls_shell.R_factor_R_free                  0.267 
_refine_ls_shell.R_factor_R_free_error            ? 
_refine_ls_shell.percent_reflns_R_free            ? 
_refine_ls_shell.number_reflns_R_free             47 
_refine_ls_shell.number_reflns_all                ? 
_refine_ls_shell.R_factor_all                     ? 
_refine_ls_shell.number_reflns_obs                ? 
_refine_ls_shell.redundancy_reflns_obs            ? 
_refine_ls_shell.pdbx_refine_id                   'X-RAY DIFFRACTION' 
# 
_struct.entry_id                  2IF5 
_struct.title                     'Structure of the POZ domain of human LRF, a master regulator of oncogenesis' 
_struct.pdbx_model_details        ? 
_struct.pdbx_CASP_flag            ? 
_struct.pdbx_model_type_details   ? 
# 
_struct_keywords.entry_id        2IF5 
_struct_keywords.pdbx_keywords   TRANSCRIPTION 
_struct_keywords.text            'POZ domain, BTB domain, POK, proto oncogene, transcription factor, TRANSCRIPTION' 
# 
loop_
_struct_asym.id 
_struct_asym.pdbx_blank_PDB_chainid_flag 
_struct_asym.pdbx_modified 
_struct_asym.entity_id 
_struct_asym.details 
A N N 1 ? 
B N N 2 ? 
C N N 2 ? 
D N N 2 ? 
E N N 3 ? 
# 
_struct_biol.id                    1 
_struct_biol.details               
;The second part of the biological assembly is generated 
by the symmetry operation (-X, -Y, Z)
;
_struct_biol.pdbx_parent_biol_id   ? 
# 
loop_
_struct_conf.conf_type_id 
_struct_conf.id 
_struct_conf.pdbx_PDB_helix_id 
_struct_conf.beg_label_comp_id 
_struct_conf.beg_label_asym_id 
_struct_conf.beg_label_seq_id 
_struct_conf.pdbx_beg_PDB_ins_code 
_struct_conf.end_label_comp_id 
_struct_conf.end_label_asym_id 
_struct_conf.end_label_seq_id 
_struct_conf.pdbx_end_PDB_ins_code 
_struct_conf.beg_auth_comp_id 
_struct_conf.beg_auth_asym_id 
_struct_conf.beg_auth_seq_id 
_struct_conf.end_auth_comp_id 
_struct_conf.end_auth_asym_id 
_struct_conf.end_auth_seq_id 
_struct_conf.pdbx_PDB_helix_class 
_struct_conf.details 
_struct_conf.pdbx_PDB_helix_length 
HELX_P HELX_P1 1 ASP A 7   ? GLN A 22  ? ASP A 14  GLN A 29  1 ? 16 
HELX_P HELX_P2 2 HIS A 40  ? SER A 48  ? HIS A 47  SER A 55  1 ? 9  
HELX_P HELX_P3 3 SER A 48  ? SER A 57  ? SER A 55  SER A 64  1 ? 10 
HELX_P HELX_P4 4 SER A 73  ? ALA A 87  ? SER A 80  ALA A 94  1 ? 15 
HELX_P HELX_P5 5 SER A 92  ? ALA A 94  ? SER A 99  ALA A 101 5 ? 3  
HELX_P HELX_P6 6 ASN A 95  ? LEU A 106 ? ASN A 102 LEU A 113 1 ? 12 
HELX_P HELX_P7 7 ILE A 108 ? ASP A 120 ? ILE A 115 ASP A 127 1 ? 13 
# 
_struct_conf_type.id          HELX_P 
_struct_conf_type.criteria    ? 
_struct_conf_type.reference   ? 
# 
_struct_sheet.id               A 
_struct_sheet.type             ? 
_struct_sheet.number_strands   3 
_struct_sheet.details          ? 
# 
loop_
_struct_sheet_order.sheet_id 
_struct_sheet_order.range_id_1 
_struct_sheet_order.range_id_2 
_struct_sheet_order.offset 
_struct_sheet_order.sense 
A 1 2 ? anti-parallel 
A 2 3 ? parallel      
# 
loop_
_struct_sheet_range.sheet_id 
_struct_sheet_range.id 
_struct_sheet_range.beg_label_comp_id 
_struct_sheet_range.beg_label_asym_id 
_struct_sheet_range.beg_label_seq_id 
_struct_sheet_range.pdbx_beg_PDB_ins_code 
_struct_sheet_range.end_label_comp_id 
_struct_sheet_range.end_label_asym_id 
_struct_sheet_range.end_label_seq_id 
_struct_sheet_range.pdbx_end_PDB_ins_code 
_struct_sheet_range.beg_auth_comp_id 
_struct_sheet_range.beg_auth_asym_id 
_struct_sheet_range.beg_auth_seq_id 
_struct_sheet_range.end_auth_comp_id 
_struct_sheet_range.end_auth_asym_id 
_struct_sheet_range.end_auth_seq_id 
A 1 ARG A 35 ? THR A 39 ? ARG A 42 THR A 46 
A 2 VAL A 28 ? VAL A 32 ? VAL A 35 VAL A 39 
A 3 VAL A 66 ? GLU A 68 ? VAL A 73 GLU A 75 
# 
loop_
_pdbx_struct_sheet_hbond.sheet_id 
_pdbx_struct_sheet_hbond.range_id_1 
_pdbx_struct_sheet_hbond.range_id_2 
_pdbx_struct_sheet_hbond.range_1_label_atom_id 
_pdbx_struct_sheet_hbond.range_1_label_comp_id 
_pdbx_struct_sheet_hbond.range_1_label_asym_id 
_pdbx_struct_sheet_hbond.range_1_label_seq_id 
_pdbx_struct_sheet_hbond.range_1_PDB_ins_code 
_pdbx_struct_sheet_hbond.range_1_auth_atom_id 
_pdbx_struct_sheet_hbond.range_1_auth_comp_id 
_pdbx_struct_sheet_hbond.range_1_auth_asym_id 
_pdbx_struct_sheet_hbond.range_1_auth_seq_id 
_pdbx_struct_sheet_hbond.range_2_label_atom_id 
_pdbx_struct_sheet_hbond.range_2_label_comp_id 
_pdbx_struct_sheet_hbond.range_2_label_asym_id 
_pdbx_struct_sheet_hbond.range_2_label_seq_id 
_pdbx_struct_sheet_hbond.range_2_PDB_ins_code 
_pdbx_struct_sheet_hbond.range_2_auth_atom_id 
_pdbx_struct_sheet_hbond.range_2_auth_comp_id 
_pdbx_struct_sheet_hbond.range_2_auth_asym_id 
_pdbx_struct_sheet_hbond.range_2_auth_seq_id 
A 1 2 O THR A 39 ? O THR A 46 N VAL A 28 ? N VAL A 35 
A 2 3 N LEU A 31 ? N LEU A 38 O TYR A 67 ? O TYR A 74 
# 
loop_
_struct_site.id 
_struct_site.pdbx_evidence_code 
_struct_site.pdbx_auth_asym_id 
_struct_site.pdbx_auth_comp_id 
_struct_site.pdbx_auth_seq_id 
_struct_site.pdbx_auth_ins_code 
_struct_site.pdbx_num_residues 
_struct_site.details 
AC1 Software A PR 128 ? 6 'BINDING SITE FOR RESIDUE PR A 128' 
AC2 Software A PR 129 ? 3 'BINDING SITE FOR RESIDUE PR A 129' 
AC3 Software A PR 130 ? 6 'BINDING SITE FOR RESIDUE PR A 130' 
# 
loop_
_struct_site_gen.id 
_struct_site_gen.site_id 
_struct_site_gen.pdbx_num_res 
_struct_site_gen.label_comp_id 
_struct_site_gen.label_asym_id 
_struct_site_gen.label_seq_id 
_struct_site_gen.pdbx_auth_ins_code 
_struct_site_gen.auth_comp_id 
_struct_site_gen.auth_asym_id 
_struct_site_gen.auth_seq_id 
_struct_site_gen.label_atom_id 
_struct_site_gen.label_alt_id 
_struct_site_gen.symmetry 
_struct_site_gen.details 
1  AC1 6 ASP A 7   ? ASP A 14  . ? 14_444 ? 
2  AC1 6 HOH E .   ? HOH A 145 . ? 1_555  ? 
3  AC1 6 HOH E .   ? HOH A 151 . ? 1_555  ? 
4  AC1 6 HOH E .   ? HOH A 154 . ? 1_555  ? 
5  AC1 6 HOH E .   ? HOH A 226 . ? 1_555  ? 
6  AC1 6 HOH E .   ? HOH A 229 . ? 1_555  ? 
7  AC2 3 SER A 14  ? SER A 21  . ? 1_555  ? 
8  AC2 3 GLU A 18  ? GLU A 25  . ? 1_555  ? 
9  AC2 3 HOH E .   ? HOH A 171 . ? 1_555  ? 
10 AC3 6 ASP A 7   ? ASP A 14  . ? 14_444 ? 
11 AC3 6 ASP A 11  ? ASP A 18  . ? 14_444 ? 
12 AC3 6 ASP A 120 ? ASP A 127 . ? 1_555  ? 
13 AC3 6 HOH E .   ? HOH A 154 . ? 1_555  ? 
14 AC3 6 HOH E .   ? HOH A 178 . ? 1_555  ? 
15 AC3 6 HOH E .   ? HOH A 206 . ? 1_555  ? 
# 
_atom_sites.entry_id                    2IF5 
_atom_sites.fract_transf_matrix[1][1]   -0.01202250 
_atom_sites.fract_transf_matrix[1][2]   0.00892542 
_atom_sites.fract_transf_matrix[1][3]   0.00253199 
_atom_sites.fract_transf_matrix[2][1]   0.00573643 
_atom_sites.fract_transf_matrix[2][2]   0.01040872 
_atom_sites.fract_transf_matrix[2][3]   -0.00945339 
_atom_sites.fract_transf_matrix[3][1]   -0.00295294 
_atom_sites.fract_transf_matrix[3][2]   -0.00264355 
_atom_sites.fract_transf_matrix[3][3]   -0.00470258 
_atom_sites.fract_transf_vector[1]      -0.175614 
_atom_sites.fract_transf_vector[2]      -0.493764 
_atom_sites.fract_transf_vector[3]      -0.028863 
# 
loop_
_atom_type.symbol 
C  
N  
O  
PR 
S  
# 
loop_
_atom_site.group_PDB 
_atom_site.id 
_atom_site.type_symbol 
_atom_site.label_atom_id 
_atom_site.label_alt_id 
_atom_site.label_comp_id 
_atom_site.label_asym_id 
_atom_site.label_entity_id 
_atom_site.label_seq_id 
_atom_site.pdbx_PDB_ins_code 
_atom_site.Cartn_x 
_atom_site.Cartn_y 
_atom_site.Cartn_z 
_atom_site.occupancy 
_atom_site.B_iso_or_equiv 
_atom_site.pdbx_formal_charge 
_atom_site.auth_seq_id 
_atom_site.auth_comp_id 
_atom_site.auth_asym_id 
_atom_site.auth_atom_id 
_atom_site.pdbx_PDB_model_num 
ATOM   1   N  N   . ILE A 1 1   ? -16.327 28.082  10.258  1.00 31.76  ? 8   ILE A N   1 
ATOM   2   C  CA  . ILE A 1 1   ? -14.879 28.219  10.368  1.00 31.03  ? 8   ILE A CA  1 
ATOM   3   C  C   . ILE A 1 1   ? -14.399 26.881  10.895  1.00 30.61  ? 8   ILE A C   1 
ATOM   4   O  O   . ILE A 1 1   ? -15.044 26.256  11.754  1.00 32.20  ? 8   ILE A O   1 
ATOM   5   C  CB  . ILE A 1 1   ? -14.487 29.503  11.175  1.00 31.41  ? 8   ILE A CB  1 
ATOM   6   C  CG1 . ILE A 1 1   ? -12.980 29.796  11.140  1.00 31.65  ? 8   ILE A CG1 1 
ATOM   7   C  CG2 . ILE A 1 1   ? -15.055 29.507  12.550  1.00 32.13  ? 8   ILE A CG2 1 
ATOM   8   C  CD1 . ILE A 1 1   ? -12.555 30.762  10.038  1.00 35.70  ? 8   ILE A CD1 1 
ATOM   9   N  N   . GLY A 1 2   ? -13.298 26.409  10.319  1.00 28.13  ? 9   GLY A N   1 
ATOM   10  C  CA  . GLY A 1 2   ? -12.942 24.994  10.383  1.00 25.36  ? 9   GLY A CA  1 
ATOM   11  C  C   . GLY A 1 2   ? -12.759 24.440  11.779  1.00 23.63  ? 9   GLY A C   1 
ATOM   12  O  O   . GLY A 1 2   ? -11.773 24.816  12.434  1.00 22.57  ? 9   GLY A O   1 
ATOM   13  N  N   . ILE A 1 3   ? -13.725 23.613  12.263  1.00 19.84  ? 10  ILE A N   1 
ATOM   14  C  CA  . ILE A 1 3   ? -13.487 22.778  13.454  1.00 17.61  ? 10  ILE A CA  1 
ATOM   15  C  C   . ILE A 1 3   ? -12.533 21.669  13.024  1.00 15.58  ? 10  ILE A C   1 
ATOM   16  O  O   . ILE A 1 3   ? -12.864 20.929  12.119  1.00 14.59  ? 10  ILE A O   1 
ATOM   17  C  CB  . ILE A 1 3   ? -14.767 22.106  14.040  1.00 17.70  ? 10  ILE A CB  1 
ATOM   18  C  CG1 . ILE A 1 3   ? -15.832 23.118  14.513  1.00 18.75  ? 10  ILE A CG1 1 
ATOM   19  C  CG2 . ILE A 1 3   ? -14.408 21.170  15.229  1.00 16.22  ? 10  ILE A CG2 1 
ATOM   20  C  CD1 . ILE A 1 3   ? -17.133 22.410  14.920  1.00 18.13  ? 10  ILE A CD1 1 
ATOM   21  N  N   . PRO A 1 4   ? -11.347 21.571  13.658  1.00 14.37  ? 11  PRO A N   1 
ATOM   22  C  CA  . PRO A 1 4   ? -10.389 20.559  13.275  1.00 14.86  ? 11  PRO A CA  1 
ATOM   23  C  C   . PRO A 1 4   ? -10.663 19.246  14.009  1.00 13.13  ? 11  PRO A C   1 
ATOM   24  O  O   . PRO A 1 4   ? -10.947 19.264  15.221  1.00 13.39  ? 11  PRO A O   1 
ATOM   25  C  CB  . PRO A 1 4   ? -9.051  21.155  13.758  1.00 14.31  ? 11  PRO A CB  1 
ATOM   26  C  CG  . PRO A 1 4   ? -9.413  22.117  14.855  1.00 14.40  ? 11  PRO A CG  1 
ATOM   27  C  CD  . PRO A 1 4   ? -10.856 22.420  14.770  1.00 15.53  ? 11  PRO A CD  1 
ATOM   28  N  N   . PHE A 1 5   ? -10.543 18.142  13.283  1.00 13.24  ? 12  PHE A N   1 
ATOM   29  C  CA  . PHE A 1 5   ? -10.682 16.764  13.821  1.00 12.01  ? 12  PHE A CA  1 
ATOM   30  C  C   . PHE A 1 5   ? -9.345  16.021  13.668  1.00 12.64  ? 12  PHE A C   1 
ATOM   31  O  O   . PHE A 1 5   ? -9.110  15.299  12.681  1.00 11.92  ? 12  PHE A O   1 
ATOM   32  C  CB  . PHE A 1 5   ? -11.808 15.986  13.125  1.00 11.56  ? 12  PHE A CB  1 
ATOM   33  C  CG  . PHE A 1 5   ? -13.182 16.529  13.416  1.00 12.92  ? 12  PHE A CG  1 
ATOM   34  C  CD1 . PHE A 1 5   ? -13.610 17.729  12.854  1.00 13.57  ? 12  PHE A CD1 1 
ATOM   35  C  CD2 . PHE A 1 5   ? -14.039 15.848  14.284  1.00 12.80  ? 12  PHE A CD2 1 
ATOM   36  C  CE1 . PHE A 1 5   ? -14.900 18.227  13.112  1.00 12.05  ? 12  PHE A CE1 1 
ATOM   37  C  CE2 . PHE A 1 5   ? -15.316 16.343  14.560  1.00 11.49  ? 12  PHE A CE2 1 
ATOM   38  C  CZ  . PHE A 1 5   ? -15.746 17.542  13.982  1.00 11.84  ? 12  PHE A CZ  1 
ATOM   39  N  N   . PRO A 1 6   ? -8.471  16.160  14.675  1.00 12.73  ? 13  PRO A N   1 
ATOM   40  C  CA  . PRO A 1 6   ? -7.163  15.543  14.527  1.00 14.48  ? 13  PRO A CA  1 
ATOM   41  C  C   . PRO A 1 6   ? -7.145  14.016  14.477  1.00 13.69  ? 13  PRO A C   1 
ATOM   42  O  O   . PRO A 1 6   ? -6.110  13.462  14.128  1.00 14.61  ? 13  PRO A O   1 
ATOM   43  C  CB  . PRO A 1 6   ? -6.377  15.993  15.770  1.00 14.17  ? 13  PRO A CB  1 
ATOM   44  C  CG  . PRO A 1 6   ? -7.280  16.917  16.528  1.00 14.06  ? 13  PRO A CG  1 
ATOM   45  C  CD  . PRO A 1 6   ? -8.648  16.864  15.964  1.00 13.81  ? 13  PRO A CD  1 
ATOM   46  N  N   . ASP A 1 7   ? -8.248  13.358  14.812  1.00 14.09  ? 14  ASP A N   1 
ATOM   47  C  CA  . ASP A 1 7   ? -8.279  11.860  14.774  1.00 13.35  ? 14  ASP A CA  1 
ATOM   48  C  C   . ASP A 1 7   ? -8.974  11.321  13.517  1.00 13.77  ? 14  ASP A C   1 
ATOM   49  O  O   . ASP A 1 7   ? -8.923  10.134  13.263  1.00 12.15  ? 14  ASP A O   1 
ATOM   50  C  CB  . ASP A 1 7   ? -8.988  11.284  15.998  1.00 13.55  ? 14  ASP A CB  1 
ATOM   51  C  CG  . ASP A 1 7   ? -8.629  9.800   16.233  1.00 14.00  ? 14  ASP A CG  1 
ATOM   52  O  OD1 . ASP A 1 7   ? -9.497  8.956   16.595  1.00 12.14  ? 14  ASP A OD1 1 
ATOM   53  O  OD2 . ASP A 1 7   ? -7.465  9.510   16.032  1.00 15.57  ? 14  ASP A OD2 1 
ATOM   54  N  N   . HIS A 1 8   ? -9.601  12.215  12.741  1.00 13.49  ? 15  HIS A N   1 
ATOM   55  C  CA  . HIS A 1 8   ? -10.424 11.835  11.597  1.00 13.39  ? 15  HIS A CA  1 
ATOM   56  C  C   . HIS A 1 8   ? -9.704  11.057  10.496  1.00 12.48  ? 15  HIS A C   1 
ATOM   57  O  O   . HIS A 1 8   ? -10.246 10.087  10.017  1.00 12.09  ? 15  HIS A O   1 
ATOM   58  C  CB  . HIS A 1 8   ? -11.175 13.038  10.991  1.00 12.06  ? 15  HIS A CB  1 
ATOM   59  C  CG  . HIS A 1 8   ? -11.977 12.695  9.773   1.00 12.66  ? 15  HIS A CG  1 
ATOM   60  N  ND1 . HIS A 1 8   ? -13.155 11.993  9.838   1.00 11.88  ? 15  HIS A ND1 1 
ATOM   61  C  CD2 . HIS A 1 8   ? -11.747 12.922  8.450   1.00 14.67  ? 15  HIS A CD2 1 
ATOM   62  C  CE1 . HIS A 1 8   ? -13.644 11.835  8.619   1.00 14.27  ? 15  HIS A CE1 1 
ATOM   63  N  NE2 . HIS A 1 8   ? -12.811 12.398  7.759   1.00 11.71  ? 15  HIS A NE2 1 
ATOM   64  N  N   . SER A 1 9   ? -8.519  11.492  10.046  1.00 13.56  ? 16  SER A N   1 
ATOM   65  C  CA  . SER A 1 9   ? -7.888  10.757  8.947   1.00 14.30  ? 16  SER A CA  1 
ATOM   66  C  C   . SER A 1 9   ? -7.527  9.337   9.366   1.00 14.51  ? 16  SER A C   1 
ATOM   67  O  O   . SER A 1 9   ? -7.647  8.426   8.572   1.00 14.97  ? 16  SER A O   1 
ATOM   68  C  CB  . SER A 1 9   ? -6.637  11.471  8.396   1.00 13.48  ? 16  SER A CB  1 
ATOM   69  O  OG  . SER A 1 9   ? -5.645  11.591  9.407   1.00 14.87  ? 16  SER A OG  1 
ATOM   70  N  N   . SER A 1 10  ? -7.123  9.149   10.615  1.00 14.78  ? 17  SER A N   1 
ATOM   71  C  CA  . SER A 1 10  ? -6.773  7.819   11.073  1.00 16.70  ? 17  SER A CA  1 
ATOM   72  C  C   . SER A 1 10  ? -8.049  6.996   11.252  1.00 14.93  ? 17  SER A C   1 
ATOM   73  O  O   . SER A 1 10  ? -8.000  5.816   11.012  1.00 14.11  ? 17  SER A O   1 
ATOM   74  C  CB  . SER A 1 10  ? -5.932  7.836   12.375  1.00 16.31  ? 17  SER A CB  1 
ATOM   75  O  OG  . SER A 1 10  ? -6.671  8.568   13.327  1.00 24.93  ? 17  SER A OG  1 
ATOM   76  N  N   . ASP A 1 11  ? -9.166  7.616   11.663  1.00 14.89  ? 18  ASP A N   1 
ATOM   77  C  CA  . ASP A 1 11  ? -10.462 6.925   11.738  1.00 14.80  ? 18  ASP A CA  1 
ATOM   78  C  C   . ASP A 1 11  ? -10.945 6.511   10.366  1.00 13.99  ? 18  ASP A C   1 
ATOM   79  O  O   . ASP A 1 11  ? -11.421 5.375   10.193  1.00 14.98  ? 18  ASP A O   1 
ATOM   80  C  CB  . ASP A 1 11  ? -11.547 7.799   12.405  1.00 13.21  ? 18  ASP A CB  1 
ATOM   81  C  CG  . ASP A 1 11  ? -11.383 7.856   13.935  1.00 15.00  ? 18  ASP A CG  1 
ATOM   82  O  OD1 . ASP A 1 11  ? -10.768 6.955   14.553  1.00 13.70  ? 18  ASP A OD1 1 
ATOM   83  O  OD2 . ASP A 1 11  ? -11.853 8.800   14.540  1.00 11.54  ? 18  ASP A OD2 1 
ATOM   84  N  N   . ILE A 1 12  ? -10.788 7.388   9.381   1.00 14.36  ? 19  ILE A N   1 
ATOM   85  C  CA  . ILE A 1 12  ? -11.046 7.009   7.970   1.00 14.06  ? 19  ILE A CA  1 
ATOM   86  C  C   . ILE A 1 12  ? -10.201 5.823   7.544   1.00 14.27  ? 19  ILE A C   1 
ATOM   87  O  O   . ILE A 1 12  ? -10.729 4.866   6.971   1.00 12.47  ? 19  ILE A O   1 
ATOM   88  C  CB  . ILE A 1 12  ? -10.830 8.193   6.953   1.00 14.91  ? 19  ILE A CB  1 
ATOM   89  C  CG1 . ILE A 1 12  ? -11.942 9.224   7.106   1.00 15.63  ? 19  ILE A CG1 1 
ATOM   90  C  CG2 . ILE A 1 12  ? -10.833 7.663   5.514   1.00 16.39  ? 19  ILE A CG2 1 
ATOM   91  C  CD1 . ILE A 1 12  ? -13.348 8.666   6.823   1.00 16.62  ? 19  ILE A CD1 1 
ATOM   92  N  N   . LEU A 1 13  ? -8.897  5.873   7.843   1.00 13.71  ? 20  LEU A N   1 
ATOM   93  C  CA  . LEU A 1 13  ? -8.015  4.818   7.384   1.00 13.52  ? 20  LEU A CA  1 
ATOM   94  C  C   . LEU A 1 13  ? -8.378  3.476   8.036   1.00 13.60  ? 20  LEU A C   1 
ATOM   95  O  O   . LEU A 1 13  ? -8.352  2.410   7.388   1.00 13.84  ? 20  LEU A O   1 
ATOM   96  C  CB  . LEU A 1 13  ? -6.547  5.175   7.641   1.00 13.75  ? 20  LEU A CB  1 
ATOM   97  C  CG  . LEU A 1 13  ? -5.567  4.301   6.863   1.00 13.32  ? 20  LEU A CG  1 
ATOM   98  C  CD1 . LEU A 1 13  ? -5.698  4.461   5.354   1.00 15.16  ? 20  LEU A CD1 1 
ATOM   99  C  CD2 . LEU A 1 13  ? -4.174  4.629   7.350   1.00 12.52  ? 20  LEU A CD2 1 
ATOM   100 N  N   . SER A 1 14  ? -8.696  3.531   9.329   1.00 14.31  ? 21  SER A N   1 
ATOM   101 C  CA  . SER A 1 14  ? -9.171  2.384   10.043  1.00 15.14  ? 21  SER A CA  1 
ATOM   102 C  C   . SER A 1 14  ? -10.407 1.759   9.394   1.00 15.59  ? 21  SER A C   1 
ATOM   103 O  O   . SER A 1 14  ? -10.560 0.531   9.353   1.00 15.85  ? 21  SER A O   1 
ATOM   104 C  CB  . SER A 1 14  ? -9.518  2.824   11.474  1.00 16.94  ? 21  SER A CB  1 
ATOM   105 O  OG  . SER A 1 14  ? -9.684  1.682   12.269  1.00 21.54  ? 21  SER A OG  1 
ATOM   106 N  N   . GLY A 1 15  ? -11.343 2.603   8.969   1.00 14.85  ? 22  GLY A N   1 
ATOM   107 C  CA  . GLY A 1 15  ? -12.540 2.149   8.323   1.00 15.59  ? 22  GLY A CA  1 
ATOM   108 C  C   . GLY A 1 15  ? -12.230 1.499   7.006   1.00 15.31  ? 22  GLY A C   1 
ATOM   109 O  O   . GLY A 1 15  ? -12.795 0.468   6.688   1.00 15.25  ? 22  GLY A O   1 
ATOM   110 N  N   . LEU A 1 16  ? -11.270 2.047   6.258   1.00 15.43  ? 23  LEU A N   1 
ATOM   111 C  CA  . LEU A 1 16  ? -10.895 1.469   4.969   1.00 15.14  ? 23  LEU A CA  1 
ATOM   112 C  C   . LEU A 1 16  ? -10.190 0.132   5.206   1.00 17.29  ? 23  LEU A C   1 
ATOM   113 O  O   . LEU A 1 16  ? -10.405 -0.831  4.459   1.00 17.60  ? 23  LEU A O   1 
ATOM   114 C  CB  . LEU A 1 16  ? -10.008 2.447   4.148   1.00 16.11  ? 23  LEU A CB  1 
ATOM   115 C  CG  . LEU A 1 16  ? -10.679 3.765   3.771   1.00 13.46  ? 23  LEU A CG  1 
ATOM   116 C  CD1 . LEU A 1 16  ? -9.660  4.823   3.276   1.00 11.83  ? 23  LEU A CD1 1 
ATOM   117 C  CD2 . LEU A 1 16  ? -11.700 3.495   2.679   1.00 15.97  ? 23  LEU A CD2 1 
ATOM   118 N  N   . ASN A 1 17  ? -9.364  0.077   6.251   1.00 16.64  ? 24  ASN A N   1 
ATOM   119 C  CA  . ASN A 1 17  ? -8.723  -1.182  6.648   1.00 17.48  ? 24  ASN A CA  1 
ATOM   120 C  C   . ASN A 1 17  ? -9.763  -2.252  7.070   1.00 18.07  ? 24  ASN A C   1 
ATOM   121 O  O   . ASN A 1 17  ? -9.617  -3.409  6.735   1.00 19.21  ? 24  ASN A O   1 
ATOM   122 C  CB  . ASN A 1 17  ? -7.736  -0.938  7.782   1.00 15.49  ? 24  ASN A CB  1 
ATOM   123 C  CG  . ASN A 1 17  ? -6.805  -2.118  8.014   1.00 18.88  ? 24  ASN A CG  1 
ATOM   124 O  OD1 . ASN A 1 17  ? -6.511  -2.478  9.156   1.00 24.83  ? 24  ASN A OD1 1 
ATOM   125 N  ND2 . ASN A 1 17  ? -6.376  -2.730  6.943   1.00 12.65  ? 24  ASN A ND2 1 
ATOM   126 N  N   . GLU A 1 18  ? -10.796 -1.865  7.806   1.00 19.38  ? 25  GLU A N   1 
ATOM   127 C  CA  . GLU A 1 18  ? -11.934 -2.765  8.111   1.00 21.56  ? 25  GLU A CA  1 
ATOM   128 C  C   . GLU A 1 18  ? -12.569 -3.371  6.838   1.00 21.47  ? 25  GLU A C   1 
ATOM   129 O  O   . GLU A 1 18  ? -12.775 -4.591  6.735   1.00 21.17  ? 25  GLU A O   1 
ATOM   130 C  CB  . GLU A 1 18  ? -13.017 -1.995  8.884   1.00 21.73  ? 25  GLU A CB  1 
ATOM   131 C  CG  . GLU A 1 18  ? -12.800 -1.931  10.377  1.00 25.07  ? 25  GLU A CG  1 
ATOM   132 C  CD  . GLU A 1 18  ? -13.804 -1.040  11.090  1.00 26.25  ? 25  GLU A CD  1 
ATOM   133 O  OE1 . GLU A 1 18  ? -14.907 -0.781  10.547  1.00 32.53  ? 25  GLU A OE1 1 
ATOM   134 O  OE2 . GLU A 1 18  ? -13.485 -0.606  12.219  1.00 34.03  ? 25  GLU A OE2 1 
ATOM   135 N  N   . GLN A 1 19  ? -12.904 -2.497  5.887   1.00 21.94  ? 26  GLN A N   1 
ATOM   136 C  CA  . GLN A 1 19  ? -13.363 -2.895  4.550   1.00 21.59  ? 26  GLN A CA  1 
ATOM   137 C  C   . GLN A 1 19  ? -12.458 -3.906  3.886   1.00 23.24  ? 26  GLN A C   1 
ATOM   138 O  O   . GLN A 1 19  ? -12.945 -4.934  3.369   1.00 22.00  ? 26  GLN A O   1 
ATOM   139 C  CB  . GLN A 1 19  ? -13.562 -1.676  3.646   1.00 20.76  ? 26  GLN A CB  1 
ATOM   140 C  CG  . GLN A 1 19  ? -14.809 -0.817  4.064   1.00 21.21  ? 26  GLN A CG  1 
ATOM   141 C  CD  . GLN A 1 19  ? -14.855 0.551   3.394   1.00 20.62  ? 26  GLN A CD  1 
ATOM   142 O  OE1 . GLN A 1 19  ? -15.323 1.551   3.976   1.00 22.04  ? 26  GLN A OE1 1 
ATOM   143 N  NE2 . GLN A 1 19  ? -14.387 0.607   2.168   1.00 16.68  ? 26  GLN A NE2 1 
ATOM   144 N  N   . ARG A 1 20  ? -11.152 -3.606  3.860   1.00 23.92  ? 27  ARG A N   1 
ATOM   145 C  CA  . ARG A 1 20  ? -10.153 -4.529  3.334   1.00 25.23  ? 27  ARG A CA  1 
ATOM   146 C  C   . ARG A 1 20  ? -10.142 -5.857  4.108   1.00 26.55  ? 27  ARG A C   1 
ATOM   147 O  O   . ARG A 1 20  ? -10.218 -6.916  3.489   1.00 26.95  ? 27  ARG A O   1 
ATOM   148 C  CB  . ARG A 1 20  ? -8.763  -3.881  3.336   1.00 25.62  ? 27  ARG A CB  1 
ATOM   149 C  CG  . ARG A 1 20  ? -7.688  -4.729  2.694   1.00 26.67  ? 27  ARG A CG  1 
ATOM   150 C  CD  . ARG A 1 20  ? -6.325  -4.085  2.840   1.00 24.40  ? 27  ARG A CD  1 
ATOM   151 N  NE  . ARG A 1 20  ? -5.823  -3.972  4.209   1.00 22.52  ? 27  ARG A NE  1 
ATOM   152 C  CZ  . ARG A 1 20  ? -4.644  -4.454  4.603   1.00 24.38  ? 27  ARG A CZ  1 
ATOM   153 N  NH1 . ARG A 1 20  ? -3.902  -5.113  3.731   1.00 23.95  ? 27  ARG A NH1 1 
ATOM   154 N  NH2 . ARG A 1 20  ? -4.230  -4.319  5.869   1.00 21.68  ? 27  ARG A NH2 1 
ATOM   155 N  N   . THR A 1 21  ? -10.040 -5.796  5.440   1.00 27.19  ? 28  THR A N   1 
ATOM   156 C  CA  . THR A 1 21  ? -10.076 -6.993  6.299   1.00 28.90  ? 28  THR A CA  1 
ATOM   157 C  C   . THR A 1 21  ? -11.305 -7.848  5.968   1.00 29.52  ? 28  THR A C   1 
ATOM   158 O  O   . THR A 1 21  ? -11.177 -9.042  5.697   1.00 30.46  ? 28  THR A O   1 
ATOM   159 C  CB  . THR A 1 21  ? -10.060 -6.619  7.828   1.00 28.94  ? 28  THR A CB  1 
ATOM   160 O  OG1 . THR A 1 21  ? -8.756  -6.162  8.187   1.00 30.18  ? 28  THR A OG1 1 
ATOM   161 C  CG2 . THR A 1 21  ? -10.414 -7.815  8.714   1.00 30.14  ? 28  THR A CG2 1 
ATOM   162 N  N   . GLN A 1 22  ? -12.473 -7.215  5.927   1.00 30.10  ? 29  GLN A N   1 
ATOM   163 C  CA  . GLN A 1 22  ? -13.756 -7.897  5.696   1.00 30.97  ? 29  GLN A CA  1 
ATOM   164 C  C   . GLN A 1 22  ? -14.130 -8.191  4.238   1.00 30.84  ? 29  GLN A C   1 
ATOM   165 O  O   . GLN A 1 22  ? -15.206 -8.757  3.965   1.00 31.15  ? 29  GLN A O   1 
ATOM   166 C  CB  . GLN A 1 22  ? -14.874 -7.105  6.365   1.00 31.23  ? 29  GLN A CB  1 
ATOM   167 C  CG  . GLN A 1 22  ? -14.857 -7.258  7.871   1.00 34.20  ? 29  GLN A CG  1 
ATOM   168 C  CD  . GLN A 1 22  ? -15.187 -5.988  8.596   1.00 39.34  ? 29  GLN A CD  1 
ATOM   169 O  OE1 . GLN A 1 22  ? -16.296 -5.445  8.478   1.00 41.99  ? 29  GLN A OE1 1 
ATOM   170 N  NE2 . GLN A 1 22  ? -14.223 -5.496  9.370   1.00 41.30  ? 29  GLN A NE2 1 
ATOM   171 N  N   . GLY A 1 23  ? -13.262 -7.807  3.309   1.00 29.54  ? 30  GLY A N   1 
ATOM   172 C  CA  . GLY A 1 23  ? -13.554 -7.931  1.887   1.00 29.83  ? 30  GLY A CA  1 
ATOM   173 C  C   . GLY A 1 23  ? -14.781 -7.158  1.447   1.00 29.18  ? 30  GLY A C   1 
ATOM   174 O  O   . GLY A 1 23  ? -15.537 -7.615  0.602   1.00 29.35  ? 30  GLY A O   1 
ATOM   175 N  N   . LEU A 1 24  ? -14.968 -5.973  2.008   1.00 28.71  ? 31  LEU A N   1 
ATOM   176 C  CA  . LEU A 1 24  ? -16.115 -5.119  1.676   1.00 27.84  ? 31  LEU A CA  1 
ATOM   177 C  C   . LEU A 1 24  ? -15.697 -3.882  0.871   1.00 27.02  ? 31  LEU A C   1 
ATOM   178 O  O   . LEU A 1 24  ? -14.651 -3.254  1.157   1.00 26.91  ? 31  LEU A O   1 
ATOM   179 C  CB  . LEU A 1 24  ? -16.856 -4.703  2.946   1.00 29.02  ? 31  LEU A CB  1 
ATOM   180 C  CG  . LEU A 1 24  ? -17.677 -5.697  3.774   1.00 29.51  ? 31  LEU A CG  1 
ATOM   181 C  CD1 . LEU A 1 24  ? -17.992 -5.088  5.131   1.00 32.45  ? 31  LEU A CD1 1 
ATOM   182 C  CD2 . LEU A 1 24  ? -18.978 -6.122  3.061   1.00 31.34  ? 31  LEU A CD2 1 
ATOM   183 N  N   . LEU A 1 25  ? -16.483 -3.563  -0.161  1.00 24.87  ? 32  LEU A N   1 
ATOM   184 C  CA  . LEU A 1 25  ? -16.277 -2.361  -0.986  1.00 25.00  ? 32  LEU A CA  1 
ATOM   185 C  C   . LEU A 1 25  ? -14.885 -2.261  -1.632  1.00 25.43  ? 32  LEU A C   1 
ATOM   186 O  O   . LEU A 1 25  ? -14.448 -1.185  -1.984  1.00 26.30  ? 32  LEU A O   1 
ATOM   187 C  CB  . LEU A 1 25  ? -16.605 -1.062  -0.194  1.00 24.82  ? 32  LEU A CB  1 
ATOM   188 C  CG  . LEU A 1 25  ? -17.973 -0.978  0.484   1.00 22.94  ? 32  LEU A CG  1 
ATOM   189 C  CD1 . LEU A 1 25  ? -18.099 0.286   1.336   1.00 22.49  ? 32  LEU A CD1 1 
ATOM   190 C  CD2 . LEU A 1 25  ? -19.099 -1.020  -0.565  1.00 22.10  ? 32  LEU A CD2 1 
ATOM   191 N  N   . CYS A 1 26  ? -14.236 -3.405  -1.826  1.00 25.80  ? 33  CYS A N   1 
ATOM   192 C  CA  . CYS A 1 26  ? -12.971 -3.493  -2.528  1.00 26.51  ? 33  CYS A CA  1 
ATOM   193 C  C   . CYS A 1 26  ? -13.280 -3.612  -4.006  1.00 26.35  ? 33  CYS A C   1 
ATOM   194 O  O   . CYS A 1 26  ? -14.125 -4.407  -4.377  1.00 28.21  ? 33  CYS A O   1 
ATOM   195 C  CB  . CYS A 1 26  ? -12.232 -4.731  -2.043  1.00 26.05  ? 33  CYS A CB  1 
ATOM   196 S  SG  . CYS A 1 26  ? -11.724 -4.548  -0.317  1.00 27.22  ? 33  CYS A SG  1 
ATOM   197 N  N   . ASP A 1 27  ? -12.589 -2.853  -4.841  1.00 25.07  ? 34  ASP A N   1 
ATOM   198 C  CA  . ASP A 1 27  ? -12.952 -2.712  -6.252  1.00 23.97  ? 34  ASP A CA  1 
ATOM   199 C  C   . ASP A 1 27  ? -11.858 -3.261  -7.163  1.00 22.75  ? 34  ASP A C   1 
ATOM   200 O  O   . ASP A 1 27  ? -11.957 -3.178  -8.385  1.00 21.94  ? 34  ASP A O   1 
ATOM   201 C  CB  . ASP A 1 27  ? -13.184 -1.232  -6.541  1.00 24.22  ? 34  ASP A CB  1 
ATOM   202 C  CG  . ASP A 1 27  ? -12.089 -0.376  -5.978  1.00 25.98  ? 34  ASP A CG  1 
ATOM   203 O  OD1 . ASP A 1 27  ? -10.948 -0.516  -6.436  1.00 27.71  ? 34  ASP A OD1 1 
ATOM   204 O  OD2 . ASP A 1 27  ? -12.333 0.407   -5.030  1.00 30.63  ? 34  ASP A OD2 1 
ATOM   205 N  N   . VAL A 1 28  ? -10.795 -3.785  -6.560  1.00 21.90  ? 35  VAL A N   1 
ATOM   206 C  CA  . VAL A 1 28  ? -9.703  -4.373  -7.330  1.00 21.46  ? 35  VAL A CA  1 
ATOM   207 C  C   . VAL A 1 28  ? -9.029  -5.509  -6.543  1.00 21.44  ? 35  VAL A C   1 
ATOM   208 O  O   . VAL A 1 28  ? -9.067  -5.548  -5.315  1.00 19.91  ? 35  VAL A O   1 
ATOM   209 C  CB  . VAL A 1 28  ? -8.706  -3.260  -7.824  1.00 21.86  ? 35  VAL A CB  1 
ATOM   210 C  CG1 . VAL A 1 28  ? -7.907  -2.609  -6.654  1.00 21.99  ? 35  VAL A CG1 1 
ATOM   211 C  CG2 . VAL A 1 28  ? -7.794  -3.775  -8.930  1.00 23.50  ? 35  VAL A CG2 1 
ATOM   212 N  N   . VAL A 1 29  ? -8.452  -6.465  -7.268  1.00 20.43  ? 36  VAL A N   1 
ATOM   213 C  CA  . VAL A 1 29  ? -7.666  -7.495  -6.643  1.00 20.92  ? 36  VAL A CA  1 
ATOM   214 C  C   . VAL A 1 29  ? -6.235  -7.387  -7.194  1.00 20.28  ? 36  VAL A C   1 
ATOM   215 O  O   . VAL A 1 29  ? -6.030  -7.413  -8.412  1.00 20.86  ? 36  VAL A O   1 
ATOM   216 C  CB  . VAL A 1 29  ? -8.302  -8.887  -6.910  1.00 20.84  ? 36  VAL A CB  1 
ATOM   217 C  CG1 . VAL A 1 29  ? -7.328  -10.006 -6.618  1.00 22.36  ? 36  VAL A CG1 1 
ATOM   218 C  CG2 . VAL A 1 29  ? -9.592  -9.046  -6.082  1.00 20.85  ? 36  VAL A CG2 1 
ATOM   219 N  N   . ILE A 1 30  ? -5.255  -7.254  -6.307  1.00 19.44  ? 37  ILE A N   1 
ATOM   220 C  CA  . ILE A 1 30  ? -3.865  -7.347  -6.732  1.00 18.52  ? 37  ILE A CA  1 
ATOM   221 C  C   . ILE A 1 30  ? -3.421  -8.825  -6.665  1.00 17.19  ? 37  ILE A C   1 
ATOM   222 O  O   . ILE A 1 30  ? -3.611  -9.503  -5.645  1.00 16.98  ? 37  ILE A O   1 
ATOM   223 C  CB  . ILE A 1 30  ? -2.881  -6.442  -5.909  1.00 18.48  ? 37  ILE A CB  1 
ATOM   224 C  CG1 . ILE A 1 30  ? -3.329  -4.979  -5.822  1.00 18.61  ? 37  ILE A CG1 1 
ATOM   225 C  CG2 . ILE A 1 30  ? -1.488  -6.499  -6.526  1.00 20.48  ? 37  ILE A CG2 1 
ATOM   226 C  CD1 . ILE A 1 30  ? -3.686  -4.312  -7.169  1.00 17.80  ? 37  ILE A CD1 1 
ATOM   227 N  N   . LEU A 1 31  ? -2.807  -9.316  -7.736  1.00 17.03  ? 38  LEU A N   1 
ATOM   228 C  CA  . LEU A 1 31  ? -2.357  -10.707 -7.783  1.00 17.15  ? 38  LEU A CA  1 
ATOM   229 C  C   . LEU A 1 31  ? -0.832  -10.785 -7.765  1.00 16.65  ? 38  LEU A C   1 
ATOM   230 O  O   . LEU A 1 31  ? -0.177  -10.270 -8.645  1.00 16.53  ? 38  LEU A O   1 
ATOM   231 C  CB  . LEU A 1 31  ? -2.930  -11.452 -9.016  1.00 17.41  ? 38  LEU A CB  1 
ATOM   232 C  CG  . LEU A 1 31  ? -2.557  -12.930 -9.243  1.00 18.17  ? 38  LEU A CG  1 
ATOM   233 C  CD1 . LEU A 1 31  ? -3.046  -13.838 -8.110  1.00 18.45  ? 38  LEU A CD1 1 
ATOM   234 C  CD2 . LEU A 1 31  ? -3.085  -13.464 -10.595 1.00 17.80  ? 38  LEU A CD2 1 
ATOM   235 N  N   . VAL A 1 32  ? -0.271  -11.427 -6.744  1.00 16.12  ? 39  VAL A N   1 
ATOM   236 C  CA  . VAL A 1 32  ? 1.167   -11.501 -6.643  1.00 15.78  ? 39  VAL A CA  1 
ATOM   237 C  C   . VAL A 1 32  ? 1.564   -12.862 -6.137  1.00 14.91  ? 39  VAL A C   1 
ATOM   238 O  O   . VAL A 1 32  ? 1.092   -13.278 -5.086  1.00 14.37  ? 39  VAL A O   1 
ATOM   239 C  CB  . VAL A 1 32  ? 1.740   -10.433 -5.710  1.00 15.53  ? 39  VAL A CB  1 
ATOM   240 C  CG1 . VAL A 1 32  ? 3.290   -10.548 -5.750  1.00 16.75  ? 39  VAL A CG1 1 
ATOM   241 C  CG2 . VAL A 1 32  ? 1.329   -9.092  -6.198  1.00 19.39  ? 39  VAL A CG2 1 
ATOM   242 N  N   . GLU A 1 33  ? 2.443   -13.520 -6.882  1.00 14.12  ? 40  GLU A N   1 
ATOM   243 C  CA  . GLU A 1 33  ? 2.841   -14.919 -6.661  1.00 14.63  ? 40  GLU A CA  1 
ATOM   244 C  C   . GLU A 1 33  ? 1.683   -15.838 -6.383  1.00 16.12  ? 40  GLU A C   1 
ATOM   245 O  O   . GLU A 1 33  ? 1.710   -16.622 -5.411  1.00 16.15  ? 40  GLU A O   1 
ATOM   246 C  CB  . GLU A 1 33  ? 3.822   -14.997 -5.503  1.00 12.63  ? 40  GLU A CB  1 
ATOM   247 C  CG  . GLU A 1 33  ? 5.016   -14.129 -5.719  1.00 12.56  ? 40  GLU A CG  1 
ATOM   248 C  CD  . GLU A 1 33  ? 6.106   -14.453 -4.672  1.00 9.21   ? 40  GLU A CD  1 
ATOM   249 O  OE1 . GLU A 1 33  ? 6.772   -15.489 -4.895  1.00 12.40  ? 40  GLU A OE1 1 
ATOM   250 O  OE2 . GLU A 1 33  ? 6.286   -13.599 -3.766  1.00 10.32  ? 40  GLU A OE2 1 
ATOM   251 N  N   . GLY A 1 34  ? 0.625   -15.723 -7.185  1.00 17.43  ? 41  GLY A N   1 
ATOM   252 C  CA  . GLY A 1 34  ? -0.522  -16.581 -6.965  1.00 19.01  ? 41  GLY A CA  1 
ATOM   253 C  C   . GLY A 1 34  ? -1.407  -16.162 -5.814  1.00 20.28  ? 41  GLY A C   1 
ATOM   254 O  O   . GLY A 1 34  ? -2.462  -16.773 -5.594  1.00 20.42  ? 41  GLY A O   1 
ATOM   255 N  N   . ARG A 1 35  ? -1.021  -15.107 -5.089  1.00 20.19  ? 42  ARG A N   1 
ATOM   256 C  CA  . ARG A 1 35  ? -1.821  -14.635 -3.968  1.00 20.88  ? 42  ARG A CA  1 
ATOM   257 C  C   . ARG A 1 35  ? -2.651  -13.389 -4.312  1.00 21.08  ? 42  ARG A C   1 
ATOM   258 O  O   . ARG A 1 35  ? -2.157  -12.438 -4.906  1.00 20.24  ? 42  ARG A O   1 
ATOM   259 C  CB  . ARG A 1 35  ? -0.959  -14.406 -2.726  1.00 21.15  ? 42  ARG A CB  1 
ATOM   260 C  CG  . ARG A 1 35  ? -0.093  -15.665 -2.335  1.00 24.33  ? 42  ARG A CG  1 
ATOM   261 C  CD  . ARG A 1 35  ? 0.893   -15.366 -1.229  1.00 22.59  ? 42  ARG A CD  1 
ATOM   262 N  NE  . ARG A 1 35  ? 0.188   -15.127 0.025   1.00 30.31  ? 42  ARG A NE  1 
ATOM   263 C  CZ  . ARG A 1 35  ? 0.680   -14.483 1.079   1.00 30.27  ? 42  ARG A CZ  1 
ATOM   264 N  NH1 . ARG A 1 35  ? 1.900   -13.968 1.066   1.00 28.17  ? 42  ARG A NH1 1 
ATOM   265 N  NH2 . ARG A 1 35  ? -0.079  -14.334 2.156   1.00 32.34  ? 42  ARG A NH2 1 
ATOM   266 N  N   . GLU A 1 36  ? -3.917  -13.400 -3.920  1.00 21.51  ? 43  GLU A N   1 
ATOM   267 C  CA  . GLU A 1 36  ? -4.834  -12.297 -4.268  1.00 23.66  ? 43  GLU A CA  1 
ATOM   268 C  C   . GLU A 1 36  ? -5.076  -11.345 -3.108  1.00 23.16  ? 43  GLU A C   1 
ATOM   269 O  O   . GLU A 1 36  ? -5.347  -11.803 -1.996  1.00 24.34  ? 43  GLU A O   1 
ATOM   270 C  CB  . GLU A 1 36  ? -6.159  -12.864 -4.768  1.00 23.91  ? 43  GLU A CB  1 
ATOM   271 C  CG  . GLU A 1 36  ? -6.036  -13.466 -6.184  1.00 26.52  ? 43  GLU A CG  1 
ATOM   272 C  CD  . GLU A 1 36  ? -7.362  -13.918 -6.758  1.00 27.62  ? 43  GLU A CD  1 
ATOM   273 O  OE1 . GLU A 1 36  ? -8.377  -13.910 -6.018  1.00 31.22  ? 43  GLU A OE1 1 
ATOM   274 O  OE2 . GLU A 1 36  ? -7.386  -14.302 -7.963  1.00 33.67  ? 43  GLU A OE2 1 
ATOM   275 N  N   . PHE A 1 37  ? -5.020  -10.033 -3.376  1.00 22.46  ? 44  PHE A N   1 
ATOM   276 C  CA  . PHE A 1 37  ? -5.167  -8.985  -2.355  1.00 22.70  ? 44  PHE A CA  1 
ATOM   277 C  C   . PHE A 1 37  ? -6.359  -8.057  -2.750  1.00 21.38  ? 44  PHE A C   1 
ATOM   278 O  O   . PHE A 1 37  ? -6.165  -7.117  -3.527  1.00 19.21  ? 44  PHE A O   1 
ATOM   279 C  CB  . PHE A 1 37  ? -3.932  -8.072  -2.342  1.00 22.78  ? 44  PHE A CB  1 
ATOM   280 C  CG  . PHE A 1 37  ? -2.615  -8.735  -1.949  1.00 26.36  ? 44  PHE A CG  1 
ATOM   281 C  CD1 . PHE A 1 37  ? -1.886  -8.220  -0.880  1.00 26.50  ? 44  PHE A CD1 1 
ATOM   282 C  CD2 . PHE A 1 37  ? -2.056  -9.781  -2.697  1.00 25.95  ? 44  PHE A CD2 1 
ATOM   283 C  CE1 . PHE A 1 37  ? -0.662  -8.773  -0.521  1.00 29.65  ? 44  PHE A CE1 1 
ATOM   284 C  CE2 . PHE A 1 37  ? -0.828  -10.347 -2.355  1.00 28.68  ? 44  PHE A CE2 1 
ATOM   285 C  CZ  . PHE A 1 37  ? -0.115  -9.833  -1.278  1.00 27.26  ? 44  PHE A CZ  1 
ATOM   286 N  N   . PRO A 1 38  ? -7.582  -8.325  -2.234  1.00 21.56  ? 45  PRO A N   1 
ATOM   287 C  CA  . PRO A 1 38  ? -8.710  -7.408  -2.486  1.00 21.58  ? 45  PRO A CA  1 
ATOM   288 C  C   . PRO A 1 38  ? -8.445  -6.066  -1.823  1.00 21.11  ? 45  PRO A C   1 
ATOM   289 O  O   . PRO A 1 38  ? -8.237  -6.002  -0.606  1.00 21.37  ? 45  PRO A O   1 
ATOM   290 C  CB  . PRO A 1 38  ? -9.908  -8.103  -1.818  1.00 22.26  ? 45  PRO A CB  1 
ATOM   291 C  CG  . PRO A 1 38  ? -9.482  -9.574  -1.653  1.00 24.16  ? 45  PRO A CG  1 
ATOM   292 C  CD  . PRO A 1 38  ? -7.978  -9.463  -1.391  1.00 22.24  ? 45  PRO A CD  1 
ATOM   293 N  N   . THR A 1 39  ? -8.427  -4.997  -2.613  1.00 20.39  ? 46  THR A N   1 
ATOM   294 C  CA  . THR A 1 39  ? -8.160  -3.668  -2.089  1.00 19.87  ? 46  THR A CA  1 
ATOM   295 C  C   . THR A 1 39  ? -9.004  -2.596  -2.795  1.00 19.34  ? 46  THR A C   1 
ATOM   296 O  O   . THR A 1 39  ? -9.883  -2.917  -3.584  1.00 20.00  ? 46  THR A O   1 
ATOM   297 C  CB  . THR A 1 39  ? -6.664  -3.298  -2.238  1.00 20.76  ? 46  THR A CB  1 
ATOM   298 O  OG1 . THR A 1 39  ? -6.204  -3.749  -3.511  1.00 18.91  ? 46  THR A OG1 1 
ATOM   299 C  CG2 . THR A 1 39  ? -5.844  -3.980  -1.150  1.00 22.62  ? 46  THR A CG2 1 
ATOM   300 N  N   . HIS A 1 40  ? -8.741  -1.329  -2.486  1.00 18.55  ? 47  HIS A N   1 
ATOM   301 C  CA  . HIS A 1 40  ? -9.402  -0.188  -3.121  1.00 18.27  ? 47  HIS A CA  1 
ATOM   302 C  C   . HIS A 1 40  ? -8.420  0.461   -4.048  1.00 19.26  ? 47  HIS A C   1 
ATOM   303 O  O   . HIS A 1 40  ? -7.282  0.742   -3.636  1.00 19.31  ? 47  HIS A O   1 
ATOM   304 C  CB  . HIS A 1 40  ? -9.824  0.869   -2.076  1.00 17.44  ? 47  HIS A CB  1 
ATOM   305 C  CG  . HIS A 1 40  ? -10.495 0.291   -0.868  1.00 18.10  ? 47  HIS A CG  1 
ATOM   306 N  ND1 . HIS A 1 40  ? -11.863 0.333   -0.674  1.00 19.59  ? 47  HIS A ND1 1 
ATOM   307 C  CD2 . HIS A 1 40  ? -9.988  -0.346  0.208   1.00 16.81  ? 47  HIS A CD2 1 
ATOM   308 C  CE1 . HIS A 1 40  ? -12.166 -0.251  0.472   1.00 17.40  ? 47  HIS A CE1 1 
ATOM   309 N  NE2 . HIS A 1 40  ? -11.046 -0.681  1.022   1.00 22.27  ? 47  HIS A NE2 1 
ATOM   310 N  N   . ARG A 1 41  ? -8.853  0.701   -5.291  1.00 19.96  ? 48  ARG A N   1 
ATOM   311 C  CA  . ARG A 1 41  ? -8.068  1.439   -6.282  1.00 21.14  ? 48  ARG A CA  1 
ATOM   312 C  C   . ARG A 1 41  ? -7.635  2.777   -5.738  1.00 20.47  ? 48  ARG A C   1 
ATOM   313 O  O   . ARG A 1 41  ? -6.511  3.217   -5.940  1.00 20.52  ? 48  ARG A O   1 
ATOM   314 C  CB  . ARG A 1 41  ? -8.920  1.738   -7.524  1.00 20.08  ? 48  ARG A CB  1 
ATOM   315 C  CG  . ARG A 1 41  ? -8.935  0.639   -8.597  1.00 25.20  ? 48  ARG A CG  1 
ATOM   316 C  CD  . ARG A 1 41  ? -10.112 0.842   -9.584  1.00 23.91  ? 48  ARG A CD  1 
ATOM   317 N  NE  . ARG A 1 41  ? -10.554 -0.462  -10.077 1.00 31.04  ? 48  ARG A NE  1 
ATOM   318 C  CZ  . ARG A 1 41  ? -10.139 -1.043  -11.198 1.00 34.41  ? 48  ARG A CZ  1 
ATOM   319 N  NH1 . ARG A 1 41  ? -9.310  -0.419  -12.034 1.00 37.13  ? 48  ARG A NH1 1 
ATOM   320 N  NH2 . ARG A 1 41  ? -10.576 -2.260  -11.496 1.00 35.47  ? 48  ARG A NH2 1 
ATOM   321 N  N   . SER A 1 42  ? -8.602  3.471   -5.133  1.00 19.31  ? 49  SER A N   1 
ATOM   322 C  CA  . SER A 1 42  ? -8.420  4.812   -4.630  1.00 18.36  ? 49  SER A CA  1 
ATOM   323 C  C   . SER A 1 42  ? -7.347  4.893   -3.560  1.00 17.53  ? 49  SER A C   1 
ATOM   324 O  O   . SER A 1 42  ? -6.532  5.793   -3.615  1.00 17.36  ? 49  SER A O   1 
ATOM   325 C  CB  . SER A 1 42  ? -9.760  5.353   -4.085  1.00 17.06  ? 49  SER A CB  1 
ATOM   326 O  OG  . SER A 1 42  ? -10.154 4.550   -3.002  1.00 18.57  ? 49  SER A OG  1 
ATOM   327 N  N   . VAL A 1 43  ? -7.361  3.982   -2.596  1.00 16.73  ? 50  VAL A N   1 
ATOM   328 C  CA  . VAL A 1 43  ? -6.327  3.939   -1.532  1.00 17.48  ? 50  VAL A CA  1 
ATOM   329 C  C   . VAL A 1 43  ? -4.943  3.654   -2.127  1.00 17.65  ? 50  VAL A C   1 
ATOM   330 O  O   . VAL A 1 43  ? -3.962  4.363   -1.840  1.00 17.37  ? 50  VAL A O   1 
ATOM   331 C  CB  . VAL A 1 43  ? -6.665  2.916   -0.399  1.00 16.29  ? 50  VAL A CB  1 
ATOM   332 C  CG1 . VAL A 1 43  ? -5.544  2.873   0.632   1.00 17.12  ? 50  VAL A CG1 1 
ATOM   333 C  CG2 . VAL A 1 43  ? -7.965  3.300   0.313   1.00 17.33  ? 50  VAL A CG2 1 
ATOM   334 N  N   . LEU A 1 44  ? -4.862  2.638   -2.986  1.00 18.64  ? 51  LEU A N   1 
ATOM   335 C  CA  . LEU A 1 44  ? -3.588  2.379   -3.672  1.00 19.66  ? 51  LEU A CA  1 
ATOM   336 C  C   . LEU A 1 44  ? -3.079  3.599   -4.435  1.00 19.85  ? 51  LEU A C   1 
ATOM   337 O  O   . LEU A 1 44  ? -1.925  3.977   -4.274  1.00 21.26  ? 51  LEU A O   1 
ATOM   338 C  CB  . LEU A 1 44  ? -3.654  1.136   -4.571  1.00 19.65  ? 51  LEU A CB  1 
ATOM   339 C  CG  . LEU A 1 44  ? -4.071  -0.155  -3.866  1.00 19.32  ? 51  LEU A CG  1 
ATOM   340 C  CD1 . LEU A 1 44  ? -4.166  -1.336  -4.844  1.00 21.12  ? 51  LEU A CD1 1 
ATOM   341 C  CD2 . LEU A 1 44  ? -3.145  -0.482  -2.684  1.00 22.94  ? 51  LEU A CD2 1 
ATOM   342 N  N   . ALA A 1 45  ? -3.929  4.243   -5.226  1.00 19.35  ? 52  ALA A N   1 
ATOM   343 C  CA  . ALA A 1 45  ? -3.510  5.429   -5.968  1.00 20.09  ? 52  ALA A CA  1 
ATOM   344 C  C   . ALA A 1 45  ? -3.093  6.629   -5.114  1.00 20.42  ? 52  ALA A C   1 
ATOM   345 O  O   . ALA A 1 45  ? -2.307  7.455   -5.554  1.00 21.80  ? 52  ALA A O   1 
ATOM   346 C  CB  . ALA A 1 45  ? -4.609  5.867   -6.980  1.00 19.52  ? 52  ALA A CB  1 
ATOM   347 N  N   . ALA A 1 46  ? -3.654  6.752   -3.922  1.00 20.97  ? 53  ALA A N   1 
ATOM   348 C  CA  . ALA A 1 46  ? -3.308  7.850   -3.006  1.00 21.08  ? 53  ALA A CA  1 
ATOM   349 C  C   . ALA A 1 46  ? -1.917  7.692   -2.394  1.00 21.58  ? 53  ALA A C   1 
ATOM   350 O  O   . ALA A 1 46  ? -1.329  8.660   -1.906  1.00 21.83  ? 53  ALA A O   1 
ATOM   351 C  CB  . ALA A 1 46  ? -4.371  7.945   -1.888  1.00 18.57  ? 53  ALA A CB  1 
ATOM   352 N  N   . CYS A 1 47  ? -1.373  6.490   -2.394  1.00 22.64  ? 54  CYS A N   1 
ATOM   353 C  CA  . CYS A 1 47  ? 0.002   6.365   -1.874  1.00 23.80  ? 54  CYS A CA  1 
ATOM   354 C  C   . CYS A 1 47  ? 1.065   5.774   -2.757  1.00 22.77  ? 54  CYS A C   1 
ATOM   355 O  O   . CYS A 1 47  ? 2.218   5.700   -2.337  1.00 22.08  ? 54  CYS A O   1 
ATOM   356 C  CB  . CYS A 1 47  ? 0.049   5.680   -0.512  1.00 24.95  ? 54  CYS A CB  1 
ATOM   357 S  SG  . CYS A 1 47  ? -0.182  3.938   -0.506  1.00 32.21  ? 54  CYS A SG  1 
ATOM   358 N  N   . SER A 1 48  ? 0.680   5.303   -3.942  1.00 20.63  ? 55  SER A N   1 
ATOM   359 C  CA  . SER A 1 48  ? 1.650   4.701   -4.843  1.00 20.02  ? 55  SER A CA  1 
ATOM   360 C  C   . SER A 1 48  ? 1.444   5.344   -6.196  1.00 20.91  ? 55  SER A C   1 
ATOM   361 O  O   . SER A 1 48  ? 0.327   5.296   -6.720  1.00 19.16  ? 55  SER A O   1 
ATOM   362 C  CB  . SER A 1 48  ? 1.410   3.195   -4.972  1.00 19.02  ? 55  SER A CB  1 
ATOM   363 O  OG  . SER A 1 48  ? 2.050   2.677   -6.151  1.00 19.51  ? 55  SER A OG  1 
ATOM   364 N  N   . GLN A 1 49  ? 2.507   5.937   -6.753  1.00 20.95  ? 56  GLN A N   1 
ATOM   365 C  CA  . GLN A 1 49  ? 2.406   6.515   -8.092  1.00 22.60  ? 56  GLN A CA  1 
ATOM   366 C  C   . GLN A 1 49  ? 2.321   5.427   -9.175  1.00 21.41  ? 56  GLN A C   1 
ATOM   367 O  O   . GLN A 1 49  ? 1.666   5.624   -10.199 1.00 20.34  ? 56  GLN A O   1 
ATOM   368 C  CB  . GLN A 1 49  ? 3.555   7.483   -8.380  1.00 23.52  ? 56  GLN A CB  1 
ATOM   369 C  CG  . GLN A 1 49  ? 3.391   8.236   -9.709  1.00 29.49  ? 56  GLN A CG  1 
ATOM   370 C  CD  . GLN A 1 49  ? 2.214   9.216   -9.707  1.00 35.12  ? 56  GLN A CD  1 
ATOM   371 O  OE1 . GLN A 1 49  ? 1.828   9.743   -8.654  1.00 38.64  ? 56  GLN A OE1 1 
ATOM   372 N  NE2 . GLN A 1 49  ? 1.642   9.473   -10.895 1.00 37.05  ? 56  GLN A NE2 1 
ATOM   373 N  N   . TYR A 1 50  ? 2.945   4.272   -8.934  1.00 20.53  ? 57  TYR A N   1 
ATOM   374 C  CA  . TYR A 1 50  ? 2.757   3.166   -9.863  1.00 19.47  ? 57  TYR A CA  1 
ATOM   375 C  C   . TYR A 1 50  ? 1.267   2.877   -9.993  1.00 19.48  ? 57  TYR A C   1 
ATOM   376 O  O   . TYR A 1 50  ? 0.727   2.825   -11.108 1.00 18.70  ? 57  TYR A O   1 
ATOM   377 C  CB  . TYR A 1 50  ? 3.506   1.916   -9.436  1.00 19.63  ? 57  TYR A CB  1 
ATOM   378 C  CG  . TYR A 1 50  ? 3.179   0.713   -10.302 1.00 20.27  ? 57  TYR A CG  1 
ATOM   379 C  CD1 . TYR A 1 50  ? 3.791   0.526   -11.547 1.00 22.96  ? 57  TYR A CD1 1 
ATOM   380 C  CD2 . TYR A 1 50  ? 2.222   -0.209  -9.890  1.00 21.09  ? 57  TYR A CD2 1 
ATOM   381 C  CE1 . TYR A 1 50  ? 3.461   -0.582  -12.340 1.00 23.74  ? 57  TYR A CE1 1 
ATOM   382 C  CE2 . TYR A 1 50  ? 1.882   -1.274  -10.666 1.00 22.12  ? 57  TYR A CE2 1 
ATOM   383 C  CZ  . TYR A 1 50  ? 2.484   -1.454  -11.886 1.00 21.74  ? 57  TYR A CZ  1 
ATOM   384 O  OH  . TYR A 1 50  ? 2.111   -2.547  -12.616 1.00 22.30  ? 57  TYR A OH  1 
ATOM   385 N  N   . PHE A 1 51  ? 0.586   2.722   -8.865  1.00 18.88  ? 58  PHE A N   1 
ATOM   386 C  CA  . PHE A 1 51  ? -0.831  2.392   -8.918  1.00 19.08  ? 58  PHE A CA  1 
ATOM   387 C  C   . PHE A 1 51  ? -1.696  3.525   -9.416  1.00 20.39  ? 58  PHE A C   1 
ATOM   388 O  O   . PHE A 1 51  ? -2.679  3.256   -10.076 1.00 20.50  ? 58  PHE A O   1 
ATOM   389 C  CB  . PHE A 1 51  ? -1.343  1.914   -7.571  1.00 19.70  ? 58  PHE A CB  1 
ATOM   390 C  CG  . PHE A 1 51  ? -0.958  0.487   -7.236  1.00 17.53  ? 58  PHE A CG  1 
ATOM   391 C  CD1 . PHE A 1 51  ? -0.264  0.220   -6.079  1.00 18.14  ? 58  PHE A CD1 1 
ATOM   392 C  CD2 . PHE A 1 51  ? -1.334  -0.575  -8.054  1.00 17.49  ? 58  PHE A CD2 1 
ATOM   393 C  CE1 . PHE A 1 51  ? 0.057   -1.071  -5.722  1.00 17.74  ? 58  PHE A CE1 1 
ATOM   394 C  CE2 . PHE A 1 51  ? -0.996  -1.904  -7.714  1.00 17.49  ? 58  PHE A CE2 1 
ATOM   395 C  CZ  . PHE A 1 51  ? -0.298  -2.148  -6.557  1.00 17.35  ? 58  PHE A CZ  1 
ATOM   396 N  N   . LYS A 1 52  ? -1.345  4.778   -9.119  1.00 21.38  ? 59  LYS A N   1 
ATOM   397 C  CA  . LYS A 1 52  ? -2.144  5.904   -9.634  1.00 23.11  ? 59  LYS A CA  1 
ATOM   398 C  C   . LYS A 1 52  ? -2.101  5.894   -11.155 1.00 23.24  ? 59  LYS A C   1 
ATOM   399 O  O   . LYS A 1 52  ? -3.133  6.007   -11.809 1.00 23.11  ? 59  LYS A O   1 
ATOM   400 C  CB  . LYS A 1 52  ? -1.681  7.259   -9.097  1.00 22.69  ? 59  LYS A CB  1 
ATOM   401 C  CG  . LYS A 1 52  ? -2.679  8.415   -9.424  1.00 25.94  ? 59  LYS A CG  1 
ATOM   402 C  CD  . LYS A 1 52  ? -2.338  9.738   -8.742  1.00 25.51  ? 59  LYS A CD  1 
ATOM   403 C  CE  . LYS A 1 52  ? -2.917  10.958  -9.516  1.00 28.82  ? 59  LYS A CE  1 
ATOM   404 N  NZ  . LYS A 1 52  ? -2.428  12.315  -9.026  1.00 31.61  ? 59  LYS A NZ  1 
ATOM   405 N  N   . LYS A 1 53  ? -0.903  5.739   -11.703 1.00 24.07  ? 60  LYS A N   1 
ATOM   406 C  CA  . LYS A 1 53  ? -0.706  5.651   -13.153 1.00 24.83  ? 60  LYS A CA  1 
ATOM   407 C  C   . LYS A 1 53  ? -1.518  4.478   -13.710 1.00 24.04  ? 60  LYS A C   1 
ATOM   408 O  O   . LYS A 1 53  ? -2.273  4.650   -14.679 1.00 23.19  ? 60  LYS A O   1 
ATOM   409 C  CB  . LYS A 1 53  ? 0.777   5.485   -13.490 1.00 25.27  ? 60  LYS A CB  1 
ATOM   410 C  CG  . LYS A 1 53  ? 1.679   6.698   -13.194 1.00 28.87  ? 60  LYS A CG  1 
ATOM   411 C  CD  . LYS A 1 53  ? 3.207   6.288   -13.024 1.00 28.16  ? 60  LYS A CD  1 
ATOM   412 C  CE  . LYS A 1 53  ? 4.133   7.530   -13.230 1.00 31.96  ? 60  LYS A CE  1 
ATOM   413 N  NZ  . LYS A 1 53  ? 5.511   7.387   -12.575 1.00 33.30  ? 60  LYS A NZ  1 
ATOM   414 N  N   . LEU A 1 54  ? -1.390  3.310   -13.071 1.00 23.25  ? 61  LEU A N   1 
ATOM   415 C  CA  . LEU A 1 54  ? -2.075  2.076   -13.488 1.00 23.27  ? 61  LEU A CA  1 
ATOM   416 C  C   . LEU A 1 54  ? -3.592  2.241   -13.563 1.00 23.41  ? 61  LEU A C   1 
ATOM   417 O  O   . LEU A 1 54  ? -4.234  1.769   -14.511 1.00 22.03  ? 61  LEU A O   1 
ATOM   418 C  CB  . LEU A 1 54  ? -1.732  0.889   -12.550 1.00 23.01  ? 61  LEU A CB  1 
ATOM   419 C  CG  . LEU A 1 54  ? -2.202  -0.511  -12.980 1.00 23.57  ? 61  LEU A CG  1 
ATOM   420 C  CD1 . LEU A 1 54  ? -1.558  -0.925  -14.313 1.00 23.22  ? 61  LEU A CD1 1 
ATOM   421 C  CD2 . LEU A 1 54  ? -1.875  -1.538  -11.927 1.00 24.10  ? 61  LEU A CD2 1 
ATOM   422 N  N   . PHE A 1 55  ? -4.172  2.891   -12.557 1.00 23.71  ? 62  PHE A N   1 
ATOM   423 C  CA  . PHE A 1 55  ? -5.628  2.987   -12.480 1.00 25.02  ? 62  PHE A CA  1 
ATOM   424 C  C   . PHE A 1 55  ? -6.242  4.207   -13.154 1.00 27.65  ? 62  PHE A C   1 
ATOM   425 O  O   . PHE A 1 55  ? -7.474  4.261   -13.340 1.00 28.17  ? 62  PHE A O   1 
ATOM   426 C  CB  . PHE A 1 55  ? -6.120  2.896   -11.027 1.00 23.70  ? 62  PHE A CB  1 
ATOM   427 C  CG  . PHE A 1 55  ? -5.724  1.613   -10.338 1.00 20.19  ? 62  PHE A CG  1 
ATOM   428 C  CD1 . PHE A 1 55  ? -5.242  1.633   -9.042  1.00 20.17  ? 62  PHE A CD1 1 
ATOM   429 C  CD2 . PHE A 1 55  ? -5.836  0.396   -10.994 1.00 19.49  ? 62  PHE A CD2 1 
ATOM   430 C  CE1 . PHE A 1 55  ? -4.863  0.438   -8.392  1.00 17.32  ? 62  PHE A CE1 1 
ATOM   431 C  CE2 . PHE A 1 55  ? -5.446  -0.801  -10.371 1.00 17.33  ? 62  PHE A CE2 1 
ATOM   432 C  CZ  . PHE A 1 55  ? -4.958  -0.760  -9.058  1.00 17.94  ? 62  PHE A CZ  1 
ATOM   433 N  N   . THR A 1 56  ? -5.424  5.194   -13.502 1.00 29.98  ? 63  THR A N   1 
ATOM   434 C  CA  . THR A 1 56  ? -5.982  6.389   -14.149 1.00 33.01  ? 63  THR A CA  1 
ATOM   435 C  C   . THR A 1 56  ? -5.676  6.403   -15.645 1.00 34.99  ? 63  THR A C   1 
ATOM   436 O  O   . THR A 1 56  ? -5.936  7.391   -16.344 1.00 36.36  ? 63  THR A O   1 
ATOM   437 C  CB  . THR A 1 56  ? -5.547  7.699   -13.463 1.00 32.85  ? 63  THR A CB  1 
ATOM   438 O  OG1 . THR A 1 56  ? -4.121  7.816   -13.472 1.00 33.73  ? 63  THR A OG1 1 
ATOM   439 C  CG2 . THR A 1 56  ? -6.062  7.763   -12.030 1.00 33.16  ? 63  THR A CG2 1 
ATOM   440 N  N   . SER A 1 57  ? -5.154  5.278   -16.124 1.00 36.90  ? 64  SER A N   1 
ATOM   441 C  CA  . SER A 1 57  ? -4.750  5.099   -17.514 1.00 38.39  ? 64  SER A CA  1 
ATOM   442 C  C   . SER A 1 57  ? -4.959  3.629   -17.870 1.00 38.92  ? 64  SER A C   1 
ATOM   443 O  O   . SER A 1 57  ? -5.824  3.294   -18.687 1.00 40.25  ? 64  SER A O   1 
ATOM   444 C  CB  . SER A 1 57  ? -3.271  5.465   -17.688 1.00 38.98  ? 64  SER A CB  1 
ATOM   445 O  OG  . SER A 1 57  ? -2.877  6.494   -16.783 1.00 39.82  ? 64  SER A OG  1 
ATOM   446 N  N   . GLN A 1 63  ? -5.555  -6.193  -15.379 1.00 45.39  ? 70  GLN A N   1 
ATOM   447 C  CA  . GLN A 1 63  ? -6.417  -5.986  -16.532 1.00 45.81  ? 70  GLN A CA  1 
ATOM   448 C  C   . GLN A 1 63  ? -7.560  -5.029  -16.245 1.00 45.04  ? 70  GLN A C   1 
ATOM   449 O  O   . GLN A 1 63  ? -7.410  -3.826  -16.484 1.00 45.56  ? 70  GLN A O   1 
ATOM   450 C  CB  . GLN A 1 63  ? -6.905  -7.329  -17.113 1.00 46.31  ? 70  GLN A CB  1 
ATOM   451 C  CG  . GLN A 1 63  ? -5.774  -8.202  -17.669 1.00 48.64  ? 70  GLN A CG  1 
ATOM   452 C  CD  . GLN A 1 63  ? -4.808  -7.411  -18.537 1.00 51.28  ? 70  GLN A CD  1 
ATOM   453 O  OE1 . GLN A 1 63  ? -5.059  -7.206  -19.727 1.00 53.34  ? 70  GLN A OE1 1 
ATOM   454 N  NE2 . GLN A 1 63  ? -3.704  -6.953  -17.941 1.00 51.76  ? 70  GLN A NE2 1 
ATOM   455 N  N   . GLN A 1 64  ? -8.686  -5.545  -15.737 1.00 44.10  ? 71  GLN A N   1 
ATOM   456 C  CA  . GLN A 1 64  ? -9.876  -4.716  -15.458 1.00 43.06  ? 71  GLN A CA  1 
ATOM   457 C  C   . GLN A 1 64  ? -10.322 -4.757  -13.989 1.00 41.19  ? 71  GLN A C   1 
ATOM   458 O  O   . GLN A 1 64  ? -10.614 -3.718  -13.404 1.00 41.30  ? 71  GLN A O   1 
ATOM   459 C  CB  . GLN A 1 64  ? -11.053 -5.085  -16.373 1.00 43.58  ? 71  GLN A CB  1 
ATOM   460 C  CG  . GLN A 1 64  ? -10.833 -4.826  -17.872 1.00 46.58  ? 71  GLN A CG  1 
ATOM   461 C  CD  . GLN A 1 64  ? -11.015 -3.361  -18.283 1.00 49.76  ? 71  GLN A CD  1 
ATOM   462 O  OE1 . GLN A 1 64  ? -11.473 -2.518  -17.492 1.00 49.71  ? 71  GLN A OE1 1 
ATOM   463 N  NE2 . GLN A 1 64  ? -10.654 -3.055  -19.537 1.00 50.24  ? 71  GLN A NE2 1 
ATOM   464 N  N   . ASN A 1 65  ? -10.403 -5.958  -13.417 1.00 38.98  ? 72  ASN A N   1 
ATOM   465 C  CA  . ASN A 1 65  ? -10.637 -6.137  -11.972 1.00 36.56  ? 72  ASN A CA  1 
ATOM   466 C  C   . ASN A 1 65  ? -9.436  -6.748  -11.247 1.00 33.83  ? 72  ASN A C   1 
ATOM   467 O  O   . ASN A 1 65  ? -9.255  -6.489  -10.066 1.00 33.62  ? 72  ASN A O   1 
ATOM   468 C  CB  . ASN A 1 65  ? -11.895 -6.988  -11.719 1.00 37.58  ? 72  ASN A CB  1 
ATOM   469 C  CG  . ASN A 1 65  ? -12.115 -7.314  -10.236 1.00 39.04  ? 72  ASN A CG  1 
ATOM   470 O  OD1 . ASN A 1 65  ? -12.515 -6.450  -9.451  1.00 42.45  ? 72  ASN A OD1 1 
ATOM   471 N  ND2 . ASN A 1 65  ? -11.869 -8.578  -9.856  1.00 39.79  ? 72  ASN A ND2 1 
ATOM   472 N  N   . VAL A 1 66  ? -8.638  -7.559  -11.949 1.00 30.73  ? 73  VAL A N   1 
ATOM   473 C  CA  . VAL A 1 66  ? -7.432  -8.196  -11.371 1.00 27.44  ? 73  VAL A CA  1 
ATOM   474 C  C   . VAL A 1 66  ? -6.171  -7.686  -12.053 1.00 26.18  ? 73  VAL A C   1 
ATOM   475 O  O   . VAL A 1 66  ? -6.087  -7.685  -13.276 1.00 24.43  ? 73  VAL A O   1 
ATOM   476 C  CB  . VAL A 1 66  ? -7.461  -9.754  -11.455 1.00 28.02  ? 73  VAL A CB  1 
ATOM   477 C  CG1 . VAL A 1 66  ? -6.265  -10.363 -10.726 1.00 24.97  ? 73  VAL A CG1 1 
ATOM   478 C  CG2 . VAL A 1 66  ? -8.765  -10.311 -10.876 1.00 28.55  ? 73  VAL A CG2 1 
ATOM   479 N  N   . TYR A 1 67  ? -5.191  -7.252  -11.258 1.00 23.93  ? 74  TYR A N   1 
ATOM   480 C  CA  . TYR A 1 67  ? -3.956  -6.704  -11.794 1.00 23.69  ? 74  TYR A CA  1 
ATOM   481 C  C   . TYR A 1 67  ? -2.811  -7.473  -11.186 1.00 23.35  ? 74  TYR A C   1 
ATOM   482 O  O   . TYR A 1 67  ? -2.642  -7.474  -9.952  1.00 22.01  ? 74  TYR A O   1 
ATOM   483 C  CB  . TYR A 1 67  ? -3.803  -5.211  -11.462 1.00 23.27  ? 74  TYR A CB  1 
ATOM   484 C  CG  . TYR A 1 67  ? -4.793  -4.313  -12.149 1.00 25.23  ? 74  TYR A CG  1 
ATOM   485 C  CD1 . TYR A 1 67  ? -6.083  -4.186  -11.674 1.00 22.73  ? 74  TYR A CD1 1 
ATOM   486 C  CD2 . TYR A 1 67  ? -4.449  -3.616  -13.300 1.00 26.35  ? 74  TYR A CD2 1 
ATOM   487 C  CE1 . TYR A 1 67  ? -7.000  -3.382  -12.305 1.00 25.48  ? 74  TYR A CE1 1 
ATOM   488 C  CE2 . TYR A 1 67  ? -5.371  -2.801  -13.948 1.00 25.02  ? 74  TYR A CE2 1 
ATOM   489 C  CZ  . TYR A 1 67  ? -6.630  -2.698  -13.439 1.00 25.89  ? 74  TYR A CZ  1 
ATOM   490 O  OH  . TYR A 1 67  ? -7.543  -1.897  -14.057 1.00 28.91  ? 74  TYR A OH  1 
ATOM   491 N  N   . GLU A 1 68  ? -2.028  -8.109  -12.052 1.00 23.62  ? 75  GLU A N   1 
ATOM   492 C  CA  . GLU A 1 68  ? -0.870  -8.892  -11.630 1.00 25.27  ? 75  GLU A CA  1 
ATOM   493 C  C   . GLU A 1 68  ? 0.359   -7.989  -11.491 1.00 24.19  ? 75  GLU A C   1 
ATOM   494 O  O   . GLU A 1 68  ? 0.598   -7.122  -12.318 1.00 24.34  ? 75  GLU A O   1 
ATOM   495 C  CB  . GLU A 1 68  ? -0.568  -10.025 -12.639 1.00 24.37  ? 75  GLU A CB  1 
ATOM   496 C  CG  . GLU A 1 68  ? -1.734  -11.002 -12.847 1.00 27.68  ? 75  GLU A CG  1 
ATOM   497 C  CD  . GLU A 1 68  ? -1.537  -12.006 -13.987 1.00 29.14  ? 75  GLU A CD  1 
ATOM   498 O  OE1 . GLU A 1 68  ? -0.488  -12.702 -14.026 1.00 33.90  ? 75  GLU A OE1 1 
ATOM   499 O  OE2 . GLU A 1 68  ? -2.452  -12.122 -14.844 1.00 33.58  ? 75  GLU A OE2 1 
ATOM   500 N  N   . ILE A 1 69  ? 1.136   -8.225  -10.449 1.00 23.36  ? 76  ILE A N   1 
ATOM   501 C  CA  . ILE A 1 69  ? 2.380   -7.534  -10.238 1.00 23.40  ? 76  ILE A CA  1 
ATOM   502 C  C   . ILE A 1 69  ? 3.432   -8.636  -10.171 1.00 22.25  ? 76  ILE A C   1 
ATOM   503 O  O   . ILE A 1 69  ? 3.358   -9.507  -9.317  1.00 21.94  ? 76  ILE A O   1 
ATOM   504 C  CB  . ILE A 1 69  ? 2.340   -6.757  -8.889  1.00 24.28  ? 76  ILE A CB  1 
ATOM   505 C  CG1 . ILE A 1 69  ? 1.279   -5.648  -8.926  1.00 26.63  ? 76  ILE A CG1 1 
ATOM   506 C  CG2 . ILE A 1 69  ? 3.719   -6.244  -8.524  1.00 25.23  ? 76  ILE A CG2 1 
ATOM   507 C  CD1 . ILE A 1 69  ? 1.677   -4.406  -9.736  1.00 28.66  ? 76  ILE A CD1 1 
ATOM   508 N  N   . ASP A 1 70  ? 4.399   -8.622  -11.089 1.00 20.90  ? 77  ASP A N   1 
ATOM   509 C  CA  . ASP A 1 70  ? 5.415   -9.641  -11.098 1.00 20.30  ? 77  ASP A CA  1 
ATOM   510 C  C   . ASP A 1 70  ? 6.765   -9.139  -10.617 1.00 19.64  ? 77  ASP A C   1 
ATOM   511 O  O   . ASP A 1 70  ? 7.714   -9.899  -10.608 1.00 17.89  ? 77  ASP A O   1 
ATOM   512 C  CB  . ASP A 1 70  ? 5.551   -10.292 -12.485 1.00 22.28  ? 77  ASP A CB  1 
ATOM   513 C  CG  . ASP A 1 70  ? 6.105   -9.318  -13.552 1.00 24.54  ? 77  ASP A CG  1 
ATOM   514 O  OD1 . ASP A 1 70  ? 6.385   -8.147  -13.204 1.00 27.19  ? 77  ASP A OD1 1 
ATOM   515 O  OD2 . ASP A 1 70  ? 6.263   -9.731  -14.728 1.00 28.89  ? 77  ASP A OD2 1 
ATOM   516 N  N   . PHE A 1 71  ? 6.844   -7.876  -10.201 1.00 17.20  ? 78  PHE A N   1 
ATOM   517 C  CA  . PHE A 1 71  ? 8.148   -7.246  -9.964  1.00 17.37  ? 78  PHE A CA  1 
ATOM   518 C  C   . PHE A 1 71  ? 8.420   -6.927  -8.494  1.00 17.23  ? 78  PHE A C   1 
ATOM   519 O  O   . PHE A 1 71  ? 9.455   -6.343  -8.160  1.00 16.81  ? 78  PHE A O   1 
ATOM   520 C  CB  . PHE A 1 71  ? 8.290   -5.964  -10.841 1.00 16.13  ? 78  PHE A CB  1 
ATOM   521 C  CG  . PHE A 1 71  ? 7.172   -4.933  -10.641 1.00 15.48  ? 78  PHE A CG  1 
ATOM   522 C  CD1 . PHE A 1 71  ? 7.266   -3.962  -9.650  1.00 15.82  ? 78  PHE A CD1 1 
ATOM   523 C  CD2 . PHE A 1 71  ? 6.059   -4.931  -11.467 1.00 17.06  ? 78  PHE A CD2 1 
ATOM   524 C  CE1 . PHE A 1 71  ? 6.245   -2.992  -9.480  1.00 14.59  ? 78  PHE A CE1 1 
ATOM   525 C  CE2 . PHE A 1 71  ? 5.041   -3.977  -11.326 1.00 17.90  ? 78  PHE A CE2 1 
ATOM   526 C  CZ  . PHE A 1 71  ? 5.132   -3.017  -10.315 1.00 15.26  ? 78  PHE A CZ  1 
ATOM   527 N  N   . VAL A 1 72  ? 7.478   -7.313  -7.626  1.00 17.88  ? 79  VAL A N   1 
ATOM   528 C  CA  . VAL A 1 72  ? 7.636   -7.314  -6.158  1.00 16.61  ? 79  VAL A CA  1 
ATOM   529 C  C   . VAL A 1 72  ? 7.151   -8.700  -5.600  1.00 16.32  ? 79  VAL A C   1 
ATOM   530 O  O   . VAL A 1 72  ? 6.227   -9.327  -6.164  1.00 15.66  ? 79  VAL A O   1 
ATOM   531 C  CB  . VAL A 1 72  ? 6.855   -6.189  -5.426  1.00 18.65  ? 79  VAL A CB  1 
ATOM   532 C  CG1 . VAL A 1 72  ? 7.113   -4.815  -6.078  1.00 17.84  ? 79  VAL A CG1 1 
ATOM   533 C  CG2 . VAL A 1 72  ? 5.337   -6.468  -5.413  1.00 16.92  ? 79  VAL A CG2 1 
ATOM   534 N  N   . SER A 1 73  ? 7.759   -9.126  -4.508  1.00 13.75  ? 80  SER A N   1 
ATOM   535 C  CA  . SER A 1 73  ? 7.334   -10.384 -3.805  1.00 14.65  ? 80  SER A CA  1 
ATOM   536 C  C   . SER A 1 73  ? 6.002   -10.198 -3.145  1.00 13.67  ? 80  SER A C   1 
ATOM   537 O  O   . SER A 1 73  ? 5.575   -9.028  -2.829  1.00 13.05  ? 80  SER A O   1 
ATOM   538 C  CB  . SER A 1 73  ? 8.366   -10.773 -2.770  1.00 14.42  ? 80  SER A CB  1 
ATOM   539 O  OG  . SER A 1 73  ? 8.270   -9.966  -1.636  1.00 18.09  ? 80  SER A OG  1 
ATOM   540 N  N   . ALA A 1 74  ? 5.261   -11.297 -3.025  1.00 12.37  ? 81  ALA A N   1 
ATOM   541 C  CA  . ALA A 1 74  ? 4.048   -11.318 -2.249  1.00 11.54  ? 81  ALA A CA  1 
ATOM   542 C  C   . ALA A 1 74  ? 4.361   -10.839 -0.854  1.00 13.34  ? 81  ALA A C   1 
ATOM   543 O  O   . ALA A 1 74  ? 3.538   -10.123 -0.226  1.00 12.74  ? 81  ALA A O   1 
ATOM   544 C  CB  . ALA A 1 74  ? 3.391   -12.734 -2.213  1.00 10.66  ? 81  ALA A CB  1 
ATOM   545 N  N   . GLU A 1 75  ? 5.533   -11.200 -0.349  1.00 10.92  ? 82  GLU A N   1 
ATOM   546 C  CA  . GLU A 1 75  ? 5.865   -10.829 1.034   1.00 13.92  ? 82  GLU A CA  1 
ATOM   547 C  C   . GLU A 1 75  ? 6.085   -9.318  1.193   1.00 13.14  ? 82  GLU A C   1 
ATOM   548 O  O   . GLU A 1 75  ? 5.613   -8.680  2.148   1.00 15.21  ? 82  GLU A O   1 
ATOM   549 C  CB  . GLU A 1 75  ? 7.115   -11.619 1.438   1.00 12.74  ? 82  GLU A CB  1 
ATOM   550 C  CG  . GLU A 1 75  ? 6.779   -13.118 1.666   1.00 12.55  ? 82  GLU A CG  1 
ATOM   551 C  CD  . GLU A 1 75  ? 6.797   -13.894 0.354   1.00 10.99  ? 82  GLU A CD  1 
ATOM   552 O  OE1 . GLU A 1 75  ? 7.097   -13.226 -0.672  1.00 12.12  ? 82  GLU A OE1 1 
ATOM   553 O  OE2 . GLU A 1 75  ? 6.448   -15.113 0.386   1.00 14.26  ? 82  GLU A OE2 1 
ATOM   554 N  N   . ALA A 1 76  ? 6.782   -8.709  0.241   1.00 13.70  ? 83  ALA A N   1 
ATOM   555 C  CA  . ALA A 1 76  ? 6.924   -7.215  0.308   1.00 13.47  ? 83  ALA A CA  1 
ATOM   556 C  C   . ALA A 1 76  ? 5.596   -6.491  0.082   1.00 14.92  ? 83  ALA A C   1 
ATOM   557 O  O   . ALA A 1 76  ? 5.314   -5.427  0.715   1.00 14.53  ? 83  ALA A O   1 
ATOM   558 C  CB  . ALA A 1 76  ? 7.988   -6.739  -0.697  1.00 12.72  ? 83  ALA A CB  1 
ATOM   559 N  N   . LEU A 1 77  ? 4.758   -7.011  -0.827  1.00 15.41  ? 84  LEU A N   1 
ATOM   560 C  CA  . LEU A 1 77  ? 3.496   -6.324  -1.130  1.00 17.02  ? 84  LEU A CA  1 
ATOM   561 C  C   . LEU A 1 77  ? 2.555   -6.337  0.064   1.00 16.97  ? 84  LEU A C   1 
ATOM   562 O  O   . LEU A 1 77  ? 1.879   -5.327  0.368   1.00 15.55  ? 84  LEU A O   1 
ATOM   563 C  CB  . LEU A 1 77  ? 2.809   -6.903  -2.386  1.00 17.75  ? 84  LEU A CB  1 
ATOM   564 C  CG  . LEU A 1 77  ? 1.692   -5.960  -2.878  1.00 17.11  ? 84  LEU A CG  1 
ATOM   565 C  CD1 . LEU A 1 77  ? 2.245   -4.656  -3.324  1.00 20.95  ? 84  LEU A CD1 1 
ATOM   566 C  CD2 . LEU A 1 77  ? 0.864   -6.541  -4.033  1.00 21.02  ? 84  LEU A CD2 1 
ATOM   567 N  N   . THR A 1 78  ? 2.523   -7.478  0.758   1.00 16.32  ? 85  THR A N   1 
ATOM   568 C  CA  . THR A 1 78  ? 1.733   -7.584  1.983   1.00 17.26  ? 85  THR A CA  1 
ATOM   569 C  C   . THR A 1 78  ? 2.200   -6.543  2.975   1.00 15.93  ? 85  THR A C   1 
ATOM   570 O  O   . THR A 1 78  ? 1.371   -5.861  3.579   1.00 16.43  ? 85  THR A O   1 
ATOM   571 C  CB  . THR A 1 78  ? 1.809   -9.010  2.630   1.00 17.58  ? 85  THR A CB  1 
ATOM   572 O  OG1 . THR A 1 78  ? 1.072   -9.919  1.827   1.00 24.42  ? 85  THR A OG1 1 
ATOM   573 C  CG2 . THR A 1 78  ? 1.132   -9.023  4.041   1.00 21.52  ? 85  THR A CG2 1 
ATOM   574 N  N   . ALA A 1 79  ? 3.512   -6.398  3.167   1.00 15.98  ? 86  ALA A N   1 
ATOM   575 C  CA  . ALA A 1 79  ? 3.979   -5.404  4.134   1.00 15.77  ? 86  ALA A CA  1 
ATOM   576 C  C   . ALA A 1 79  ? 3.619   -3.991  3.698   1.00 15.59  ? 86  ALA A C   1 
ATOM   577 O  O   . ALA A 1 79  ? 3.235   -3.153  4.520   1.00 15.56  ? 86  ALA A O   1 
ATOM   578 C  CB  . ALA A 1 79  ? 5.485   -5.545  4.366   1.00 16.07  ? 86  ALA A CB  1 
ATOM   579 N  N   . LEU A 1 80  ? 3.734   -3.714  2.407   1.00 16.28  ? 87  LEU A N   1 
ATOM   580 C  CA  . LEU A 1 80  ? 3.416   -2.372  1.902   1.00 16.32  ? 87  LEU A CA  1 
ATOM   581 C  C   . LEU A 1 80  ? 1.916   -2.081  1.849   1.00 17.35  ? 87  LEU A C   1 
ATOM   582 O  O   . LEU A 1 80  ? 1.467   -0.919  2.029   1.00 15.65  ? 87  LEU A O   1 
ATOM   583 C  CB  . LEU A 1 80  ? 4.060   -2.194  0.515   1.00 16.46  ? 87  LEU A CB  1 
ATOM   584 C  CG  . LEU A 1 80  ? 5.567   -2.008  0.542   1.00 15.93  ? 87  LEU A CG  1 
ATOM   585 C  CD1 . LEU A 1 80  ? 6.094   -2.204  -0.869  1.00 13.99  ? 87  LEU A CD1 1 
ATOM   586 C  CD2 . LEU A 1 80  ? 5.917   -0.609  1.063   1.00 16.27  ? 87  LEU A CD2 1 
ATOM   587 N  N   . MET A 1 81  ? 1.118   -3.110  1.589   1.00 17.65  ? 88  MET A N   1 
ATOM   588 C  CA  . MET A 1 81  ? -0.354  -2.929  1.650   1.00 19.93  ? 88  MET A CA  1 
ATOM   589 C  C   . MET A 1 81  ? -0.829  -2.718  3.073   1.00 17.52  ? 88  MET A C   1 
ATOM   590 O  O   . MET A 1 81  ? -1.638  -1.844  3.323   1.00 16.87  ? 88  MET A O   1 
ATOM   591 C  CB  . MET A 1 81  ? -1.139  -4.057  0.965   1.00 18.52  ? 88  MET A CB  1 
ATOM   592 C  CG  . MET A 1 81  ? -0.733  -4.211  -0.499  1.00 25.65  ? 88  MET A CG  1 
ATOM   593 S  SD  . MET A 1 81  ? -1.748  -5.208  -1.589  1.00 29.91  ? 88  MET A SD  1 
ATOM   594 C  CE  . MET A 1 81  ? -2.987  -3.955  -1.935  1.00 35.57  ? 88  MET A CE  1 
ATOM   595 N  N   . ASP A 1 82  ? -0.310  -3.511  4.000   1.00 16.32  ? 89  ASP A N   1 
ATOM   596 C  CA  . ASP A 1 82  ? -0.499  -3.242  5.419   1.00 16.85  ? 89  ASP A CA  1 
ATOM   597 C  C   . ASP A 1 82  ? -0.126  -1.807  5.811   1.00 15.31  ? 89  ASP A C   1 
ATOM   598 O  O   . ASP A 1 82  ? -0.867  -1.120  6.536   1.00 16.42  ? 89  ASP A O   1 
ATOM   599 C  CB  . ASP A 1 82  ? 0.291   -4.251  6.265   1.00 17.39  ? 89  ASP A CB  1 
ATOM   600 C  CG  . ASP A 1 82  ? -0.271  -5.676  6.191   1.00 21.97  ? 89  ASP A CG  1 
ATOM   601 O  OD1 . ASP A 1 82  ? -1.324  -5.943  5.562   1.00 22.99  ? 89  ASP A OD1 1 
ATOM   602 O  OD2 . ASP A 1 82  ? 0.383   -6.551  6.769   1.00 25.24  ? 89  ASP A OD2 1 
ATOM   603 N  N   . PHE A 1 83  ? 1.019   -1.327  5.353   1.00 15.35  ? 90  PHE A N   1 
ATOM   604 C  CA  . PHE A 1 83  ? 1.422   0.072   5.632   1.00 14.38  ? 90  PHE A CA  1 
ATOM   605 C  C   . PHE A 1 83  ? 0.385   1.051   5.080   1.00 13.60  ? 90  PHE A C   1 
ATOM   606 O  O   . PHE A 1 83  ? -0.091  1.998   5.780   1.00 14.72  ? 90  PHE A O   1 
ATOM   607 C  CB  . PHE A 1 83  ? 2.811   0.368   4.981   1.00 14.75  ? 90  PHE A CB  1 
ATOM   608 C  CG  . PHE A 1 83  ? 3.012   1.866   4.663   1.00 16.27  ? 90  PHE A CG  1 
ATOM   609 C  CD1 . PHE A 1 83  ? 3.331   2.766   5.680   1.00 18.40  ? 90  PHE A CD1 1 
ATOM   610 C  CD2 . PHE A 1 83  ? 2.844   2.356   3.371   1.00 17.22  ? 90  PHE A CD2 1 
ATOM   611 C  CE1 . PHE A 1 83  ? 3.502   4.161   5.422   1.00 15.81  ? 90  PHE A CE1 1 
ATOM   612 C  CE2 . PHE A 1 83  ? 2.983   3.741   3.083   1.00 16.30  ? 90  PHE A CE2 1 
ATOM   613 C  CZ  . PHE A 1 83  ? 3.328   4.646   4.130   1.00 15.15  ? 90  PHE A CZ  1 
ATOM   614 N  N   . ALA A 1 84  ? -0.012  0.827   3.825   1.00 13.96  ? 91  ALA A N   1 
ATOM   615 C  CA  . ALA A 1 84  ? -0.949  1.736   3.131   1.00 13.75  ? 91  ALA A CA  1 
ATOM   616 C  C   . ALA A 1 84  ? -2.208  1.937   3.957   1.00 13.70  ? 91  ALA A C   1 
ATOM   617 O  O   . ALA A 1 84  ? -2.720  3.060   4.098   1.00 14.64  ? 91  ALA A O   1 
ATOM   618 C  CB  . ALA A 1 84  ? -1.318  1.175   1.751   1.00 14.64  ? 91  ALA A CB  1 
ATOM   619 N  N   . TYR A 1 85  ? -2.675  0.840   4.544   1.00 12.33  ? 92  TYR A N   1 
ATOM   620 C  CA  . TYR A 1 85  ? -3.947  0.829   5.245   1.00 13.21  ? 92  TYR A CA  1 
ATOM   621 C  C   . TYR A 1 85  ? -3.861  1.025   6.755   1.00 13.22  ? 92  TYR A C   1 
ATOM   622 O  O   . TYR A 1 85  ? -4.879  1.093   7.424   1.00 15.28  ? 92  TYR A O   1 
ATOM   623 C  CB  . TYR A 1 85  ? -4.608  -0.499  4.986   1.00 13.30  ? 92  TYR A CB  1 
ATOM   624 C  CG  . TYR A 1 85  ? -5.348  -0.533  3.689   1.00 15.82  ? 92  TYR A CG  1 
ATOM   625 C  CD1 . TYR A 1 85  ? -4.693  -0.926  2.490   1.00 18.33  ? 92  TYR A CD1 1 
ATOM   626 C  CD2 . TYR A 1 85  ? -6.704  -0.186  3.633   1.00 15.84  ? 92  TYR A CD2 1 
ATOM   627 C  CE1 . TYR A 1 85  ? -5.378  -0.990  1.275   1.00 16.59  ? 92  TYR A CE1 1 
ATOM   628 C  CE2 . TYR A 1 85  ? -7.405  -0.250  2.405   1.00 15.01  ? 92  TYR A CE2 1 
ATOM   629 C  CZ  . TYR A 1 85  ? -6.730  -0.648  1.243   1.00 17.48  ? 92  TYR A CZ  1 
ATOM   630 O  OH  . TYR A 1 85  ? -7.389  -0.723  0.028   1.00 15.82  ? 92  TYR A OH  1 
ATOM   631 N  N   . THR A 1 86  ? -2.661  1.090   7.318   1.00 13.74  ? 93  THR A N   1 
ATOM   632 C  CA  . THR A 1 86  ? -2.526  1.277   8.785   1.00 15.24  ? 93  THR A CA  1 
ATOM   633 C  C   . THR A 1 86  ? -1.557  2.401   9.234   1.00 15.61  ? 93  THR A C   1 
ATOM   634 O  O   . THR A 1 86  ? -1.570  2.785   10.416  1.00 16.77  ? 93  THR A O   1 
ATOM   635 C  CB  . THR A 1 86  ? -2.075  0.013   9.470   1.00 16.18  ? 93  THR A CB  1 
ATOM   636 O  OG1 . THR A 1 86  ? -0.709  -0.258  9.092   1.00 15.36  ? 93  THR A OG1 1 
ATOM   637 C  CG2 . THR A 1 86  ? -2.996  -1.198  9.065   1.00 16.08  ? 93  THR A CG2 1 
ATOM   638 N  N   . ALA A 1 87  ? -0.700  2.901   8.335   1.00 14.44  ? 94  ALA A N   1 
ATOM   639 C  CA  . ALA A 1 87  ? 0.332   3.897   8.734   1.00 15.60  ? 94  ALA A CA  1 
ATOM   640 C  C   . ALA A 1 87  ? 1.489   3.346   9.601   1.00 15.11  ? 94  ALA A C   1 
ATOM   641 O  O   . ALA A 1 87  ? 2.197   4.095   10.304  1.00 15.54  ? 94  ALA A O   1 
ATOM   642 C  CB  . ALA A 1 87  ? -0.320  5.084   9.434   1.00 15.93  ? 94  ALA A CB  1 
ATOM   643 N  N   . THR A 1 88  ? 1.689   2.055   9.528   1.00 15.44  ? 95  THR A N   1 
ATOM   644 C  CA  . THR A 1 88  ? 2.806   1.360   10.170  1.00 16.68  ? 95  THR A CA  1 
ATOM   645 C  C   . THR A 1 88  ? 3.399   0.371   9.194   1.00 16.30  ? 95  THR A C   1 
ATOM   646 O  O   . THR A 1 88  ? 2.669   -0.441  8.608   1.00 16.46  ? 95  THR A O   1 
ATOM   647 C  CB  . THR A 1 88  ? 2.323   0.542   11.415  1.00 18.71  ? 95  THR A CB  1 
ATOM   648 O  OG1 . THR A 1 88  ? 1.681   1.413   12.350  1.00 20.78  ? 95  THR A OG1 1 
ATOM   649 C  CG2 . THR A 1 88  ? 3.484   -0.085  12.121  1.00 19.72  ? 95  THR A CG2 1 
ATOM   650 N  N   . LEU A 1 89  ? 4.724   0.418   9.045   1.00 15.79  ? 96  LEU A N   1 
ATOM   651 C  CA  . LEU A 1 89  ? 5.417   -0.517  8.202   1.00 16.23  ? 96  LEU A CA  1 
ATOM   652 C  C   . LEU A 1 89  ? 6.134   -1.489  9.104   1.00 16.62  ? 96  LEU A C   1 
ATOM   653 O  O   . LEU A 1 89  ? 7.033   -1.108  9.855   1.00 15.61  ? 96  LEU A O   1 
ATOM   654 C  CB  . LEU A 1 89  ? 6.436   0.219   7.323   1.00 15.27  ? 96  LEU A CB  1 
ATOM   655 C  CG  . LEU A 1 89  ? 7.326   -0.679  6.454   1.00 19.10  ? 96  LEU A CG  1 
ATOM   656 C  CD1 . LEU A 1 89  ? 6.392   -1.330  5.415   1.00 18.92  ? 96  LEU A CD1 1 
ATOM   657 C  CD2 . LEU A 1 89  ? 8.325   0.231   5.744   1.00 19.22  ? 96  LEU A CD2 1 
ATOM   658 N  N   . THR A 1 90  ? 5.742   -2.748  9.032   1.00 17.46  ? 97  THR A N   1 
ATOM   659 C  CA  . THR A 1 90  ? 6.394   -3.757  9.813   1.00 18.80  ? 97  THR A CA  1 
ATOM   660 C  C   . THR A 1 90  ? 7.521   -4.304  8.983   1.00 19.56  ? 97  THR A C   1 
ATOM   661 O  O   . THR A 1 90  ? 7.311   -4.779  7.880   1.00 19.83  ? 97  THR A O   1 
ATOM   662 C  CB  . THR A 1 90  ? 5.389   -4.871  10.194  1.00 19.78  ? 97  THR A CB  1 
ATOM   663 O  OG1 . THR A 1 90  ? 4.829   -5.415  8.987   1.00 29.38  ? 97  THR A OG1 1 
ATOM   664 C  CG2 . THR A 1 90  ? 4.312   -4.278  10.932  1.00 15.58  ? 97  THR A CG2 1 
ATOM   665 N  N   . VAL A 1 91  ? 8.737   -4.225  9.520   1.00 18.94  ? 98  VAL A N   1 
ATOM   666 C  CA  . VAL A 1 91  ? 9.904   -4.649  8.810   1.00 20.14  ? 98  VAL A CA  1 
ATOM   667 C  C   . VAL A 1 91  ? 10.936  -5.064  9.862   1.00 20.86  ? 98  VAL A C   1 
ATOM   668 O  O   . VAL A 1 91  ? 11.037  -4.473  10.936  1.00 21.55  ? 98  VAL A O   1 
ATOM   669 C  CB  . VAL A 1 91  ? 10.446  -3.546  7.818   1.00 20.91  ? 98  VAL A CB  1 
ATOM   670 C  CG1 . VAL A 1 91  ? 10.843  -2.250  8.540   1.00 20.56  ? 98  VAL A CG1 1 
ATOM   671 C  CG2 . VAL A 1 91  ? 11.630  -4.089  6.993   1.00 20.24  ? 98  VAL A CG2 1 
ATOM   672 N  N   . SER A 1 92  ? 11.725  -6.056  9.539   1.00 22.11  ? 99  SER A N   1 
ATOM   673 C  CA  . SER A 1 92  ? 12.856  -6.376  10.412  1.00 22.83  ? 99  SER A CA  1 
ATOM   674 C  C   . SER A 1 92  ? 14.123  -5.675  9.919   1.00 23.18  ? 99  SER A C   1 
ATOM   675 O  O   . SER A 1 92  ? 14.202  -5.209  8.800   1.00 21.88  ? 99  SER A O   1 
ATOM   676 C  CB  . SER A 1 92  ? 13.068  -7.864  10.393  1.00 22.43  ? 99  SER A CB  1 
ATOM   677 O  OG  . SER A 1 92  ? 13.624  -8.167  9.129   1.00 24.85  ? 99  SER A OG  1 
ATOM   678 N  N   . THR A 1 93  ? 15.144  -5.664  10.762  1.00 23.89  ? 100 THR A N   1 
ATOM   679 C  CA  . THR A 1 93  ? 16.376  -4.977  10.448  1.00 24.52  ? 100 THR A CA  1 
ATOM   680 C  C   . THR A 1 93  ? 16.999  -5.536  9.162   1.00 24.93  ? 100 THR A C   1 
ATOM   681 O  O   . THR A 1 93  ? 17.539  -4.778  8.352   1.00 24.36  ? 100 THR A O   1 
ATOM   682 C  CB  . THR A 1 93  ? 17.335  -5.072  11.642  1.00 24.57  ? 100 THR A CB  1 
ATOM   683 O  OG1 . THR A 1 93  ? 18.254  -3.977  11.598  1.00 25.14  ? 100 THR A OG1 1 
ATOM   684 C  CG2 . THR A 1 93  ? 18.063  -6.401  11.662  1.00 24.96  ? 100 THR A CG2 1 
ATOM   685 N  N   . ALA A 1 94  ? 16.880  -6.857  8.959   1.00 25.13  ? 101 ALA A N   1 
ATOM   686 C  CA  . ALA A 1 94  ? 17.422  -7.488  7.745   1.00 25.39  ? 101 ALA A CA  1 
ATOM   687 C  C   . ALA A 1 94  ? 16.678  -7.221  6.466   1.00 25.76  ? 101 ALA A C   1 
ATOM   688 O  O   . ALA A 1 94  ? 17.274  -7.341  5.403   1.00 25.31  ? 101 ALA A O   1 
ATOM   689 C  CB  . ALA A 1 94  ? 17.603  -8.961  7.915   1.00 25.76  ? 101 ALA A CB  1 
ATOM   690 N  N   . ASN A 1 95  ? 15.407  -6.827  6.559   1.00 25.87  ? 102 ASN A N   1 
ATOM   691 C  CA  . ASN A 1 95  ? 14.561  -6.663  5.390   1.00 26.04  ? 102 ASN A CA  1 
ATOM   692 C  C   . ASN A 1 95  ? 14.402  -5.238  4.923   1.00 25.67  ? 102 ASN A C   1 
ATOM   693 O  O   . ASN A 1 95  ? 13.794  -5.022  3.899   1.00 25.98  ? 102 ASN A O   1 
ATOM   694 C  CB  . ASN A 1 95  ? 13.154  -7.249  5.653   1.00 26.43  ? 102 ASN A CB  1 
ATOM   695 C  CG  . ASN A 1 95  ? 13.145  -8.766  5.596   1.00 29.95  ? 102 ASN A CG  1 
ATOM   696 O  OD1 . ASN A 1 95  ? 14.132  -9.384  5.169   1.00 29.38  ? 102 ASN A OD1 1 
ATOM   697 N  ND2 . ASN A 1 95  ? 12.037  -9.384  6.056   1.00 29.94  ? 102 ASN A ND2 1 
ATOM   698 N  N   . VAL A 1 96  ? 14.931  -4.260  5.660   1.00 25.02  ? 103 VAL A N   1 
ATOM   699 C  CA  . VAL A 1 96  ? 14.787  -2.852  5.224   1.00 24.44  ? 103 VAL A CA  1 
ATOM   700 C  C   . VAL A 1 96  ? 15.141  -2.654  3.743   1.00 24.10  ? 103 VAL A C   1 
ATOM   701 O  O   . VAL A 1 96  ? 14.360  -2.053  2.984   1.00 24.09  ? 103 VAL A O   1 
ATOM   702 C  CB  . VAL A 1 96  ? 15.554  -1.862  6.145   1.00 23.83  ? 103 VAL A CB  1 
ATOM   703 C  CG1 . VAL A 1 96  ? 15.548  -0.438  5.542   1.00 23.18  ? 103 VAL A CG1 1 
ATOM   704 C  CG2 . VAL A 1 96  ? 14.897  -1.843  7.515   1.00 22.66  ? 103 VAL A CG2 1 
ATOM   705 N  N   . GLY A 1 97  ? 16.271  -3.212  3.311   1.00 24.03  ? 104 GLY A N   1 
ATOM   706 C  CA  . GLY A 1 97  ? 16.699  -3.059  1.897   1.00 23.54  ? 104 GLY A CA  1 
ATOM   707 C  C   . GLY A 1 97  ? 15.746  -3.703  0.897   1.00 22.65  ? 104 GLY A C   1 
ATOM   708 O  O   . GLY A 1 97  ? 15.521  -3.184  -0.201  1.00 23.24  ? 104 GLY A O   1 
ATOM   709 N  N   . ASP A 1 98  ? 15.166  -4.835  1.276   1.00 21.58  ? 105 ASP A N   1 
ATOM   710 C  CA  . ASP A 1 98  ? 14.121  -5.470  0.428   1.00 22.20  ? 105 ASP A CA  1 
ATOM   711 C  C   . ASP A 1 98  ? 12.861  -4.590  0.261   1.00 21.77  ? 105 ASP A C   1 
ATOM   712 O  O   . ASP A 1 98  ? 12.262  -4.446  -0.832  1.00 21.01  ? 105 ASP A O   1 
ATOM   713 C  CB  . ASP A 1 98  ? 13.747  -6.777  1.106   1.00 22.11  ? 105 ASP A CB  1 
ATOM   714 C  CG  . ASP A 1 98  ? 14.948  -7.688  1.240   1.00 25.69  ? 105 ASP A CG  1 
ATOM   715 O  OD1 . ASP A 1 98  ? 15.386  -8.181  0.195   1.00 28.78  ? 105 ASP A OD1 1 
ATOM   716 O  OD2 . ASP A 1 98  ? 15.505  -7.822  2.356   1.00 29.46  ? 105 ASP A OD2 1 
ATOM   717 N  N   . ILE A 1 99  ? 12.429  -4.003  1.369   1.00 20.88  ? 106 ILE A N   1 
ATOM   718 C  CA  . ILE A 1 99  ? 11.246  -3.154  1.291   1.00 20.64  ? 106 ILE A CA  1 
ATOM   719 C  C   . ILE A 1 99  ? 11.554  -1.882  0.477   1.00 20.12  ? 106 ILE A C   1 
ATOM   720 O  O   . ILE A 1 99  ? 10.704  -1.411  -0.307  1.00 21.14  ? 106 ILE A O   1 
ATOM   721 C  CB  . ILE A 1 99  ? 10.687  -2.820  2.692   1.00 21.14  ? 106 ILE A CB  1 
ATOM   722 C  CG1 . ILE A 1 99  ? 10.337  -4.102  3.479   1.00 21.09  ? 106 ILE A CG1 1 
ATOM   723 C  CG2 . ILE A 1 99  ? 9.441   -1.834  2.581   1.00 20.38  ? 106 ILE A CG2 1 
ATOM   724 C  CD1 . ILE A 1 99  ? 9.201   -5.013  2.913   1.00 22.03  ? 106 ILE A CD1 1 
ATOM   725 N  N   . LEU A 1 100 ? 12.761  -1.344  0.650   1.00 20.15  ? 107 LEU A N   1 
ATOM   726 C  CA  . LEU A 1 100 ? 13.213  -0.173  -0.105  1.00 19.62  ? 107 LEU A CA  1 
ATOM   727 C  C   . LEU A 1 100 ? 13.108  -0.490  -1.588  1.00 18.80  ? 107 LEU A C   1 
ATOM   728 O  O   . LEU A 1 100 ? 12.551  0.291   -2.319  1.00 17.38  ? 107 LEU A O   1 
ATOM   729 C  CB  . LEU A 1 100 ? 14.664  0.186   0.224   1.00 19.92  ? 107 LEU A CB  1 
ATOM   730 C  CG  . LEU A 1 100 ? 15.270  1.313   -0.610  1.00 19.36  ? 107 LEU A CG  1 
ATOM   731 C  CD1 . LEU A 1 100 ? 14.362  2.564   -0.619  1.00 19.53  ? 107 LEU A CD1 1 
ATOM   732 C  CD2 . LEU A 1 100 ? 16.686  1.625   -0.114  1.00 20.06  ? 107 LEU A CD2 1 
ATOM   733 N  N   . SER A 1 101 ? 13.628  -1.652  -2.011  1.00 18.04  ? 108 SER A N   1 
ATOM   734 C  CA  . SER A 1 101 ? 13.586  -1.998  -3.428  1.00 19.05  ? 108 SER A CA  1 
ATOM   735 C  C   . SER A 1 101 ? 12.175  -2.017  -3.967  1.00 17.79  ? 108 SER A C   1 
ATOM   736 O  O   . SER A 1 101 ? 11.901  -1.433  -4.998  1.00 17.52  ? 108 SER A O   1 
ATOM   737 C  CB  . SER A 1 101 ? 14.291  -3.323  -3.693  1.00 19.54  ? 108 SER A CB  1 
ATOM   738 O  OG  . SER A 1 101 ? 15.521  -3.297  -3.006  1.00 25.41  ? 108 SER A OG  1 
ATOM   739 N  N   . ALA A 1 102 ? 11.268  -2.694  -3.262  1.00 16.89  ? 109 ALA A N   1 
ATOM   740 C  CA  . ALA A 1 102 ? 9.846   -2.696  -3.654  1.00 15.85  ? 109 ALA A CA  1 
ATOM   741 C  C   . ALA A 1 102 ? 9.124   -1.313  -3.634  1.00 15.51  ? 109 ALA A C   1 
ATOM   742 O  O   . ALA A 1 102 ? 8.328   -0.964  -4.552  1.00 15.66  ? 109 ALA A O   1 
ATOM   743 C  CB  . ALA A 1 102 ? 9.120   -3.674  -2.801  1.00 16.05  ? 109 ALA A CB  1 
ATOM   744 N  N   . ALA A 1 103 ? 9.374   -0.509  -2.599  1.00 14.63  ? 110 ALA A N   1 
ATOM   745 C  CA  . ALA A 1 103 ? 8.730   0.814   -2.511  1.00 15.38  ? 110 ALA A CA  1 
ATOM   746 C  C   . ALA A 1 103 ? 9.179   1.746   -3.633  1.00 15.55  ? 110 ALA A C   1 
ATOM   747 O  O   . ALA A 1 103 ? 8.439   2.626   -4.038  1.00 16.14  ? 110 ALA A O   1 
ATOM   748 C  CB  . ALA A 1 103 ? 8.957   1.451   -1.127  1.00 14.15  ? 110 ALA A CB  1 
ATOM   749 N  N   . ARG A 1 104 ? 10.413  1.588   -4.106  1.00 15.16  ? 111 ARG A N   1 
ATOM   750 C  CA  . ARG A 1 104 ? 10.895  2.412   -5.209  1.00 15.84  ? 111 ARG A CA  1 
ATOM   751 C  C   . ARG A 1 104 ? 10.181  2.022   -6.491  1.00 15.22  ? 111 ARG A C   1 
ATOM   752 O  O   . ARG A 1 104 ? 9.820   2.884   -7.265  1.00 16.09  ? 111 ARG A O   1 
ATOM   753 C  CB  . ARG A 1 104 ? 12.409  2.228   -5.376  1.00 16.65  ? 111 ARG A CB  1 
ATOM   754 C  CG  . ARG A 1 104 ? 13.208  3.138   -4.489  1.00 20.02  ? 111 ARG A CG  1 
ATOM   755 C  CD  . ARG A 1 104 ? 14.614  2.622   -4.367  1.00 26.74  ? 111 ARG A CD  1 
ATOM   756 N  NE  . ARG A 1 104 ? 15.416  3.592   -3.644  1.00 31.25  ? 111 ARG A NE  1 
ATOM   757 C  CZ  . ARG A 1 104 ? 16.670  3.384   -3.254  1.00 32.02  ? 111 ARG A CZ  1 
ATOM   758 N  NH1 . ARG A 1 104 ? 17.276  2.225   -3.533  1.00 29.93  ? 111 ARG A NH1 1 
ATOM   759 N  NH2 . ARG A 1 104 ? 17.310  4.348   -2.600  1.00 28.91  ? 111 ARG A NH2 1 
ATOM   760 N  N   . LEU A 1 105 ? 9.952   0.717   -6.700  1.00 15.04  ? 112 LEU A N   1 
ATOM   761 C  CA  . LEU A 1 105 ? 9.235   0.234   -7.903  1.00 16.15  ? 112 LEU A CA  1 
ATOM   762 C  C   . LEU A 1 105 ? 7.730   0.590   -7.927  1.00 16.32  ? 112 LEU A C   1 
ATOM   763 O  O   . LEU A 1 105 ? 7.143   0.903   -8.986  1.00 17.47  ? 112 LEU A O   1 
ATOM   764 C  CB  . LEU A 1 105 ? 9.444   -1.260  -8.067  1.00 16.66  ? 112 LEU A CB  1 
ATOM   765 C  CG  . LEU A 1 105 ? 10.857  -1.645  -8.525  1.00 18.31  ? 112 LEU A CG  1 
ATOM   766 C  CD1 . LEU A 1 105 ? 11.076  -3.135  -8.345  1.00 17.91  ? 112 LEU A CD1 1 
ATOM   767 C  CD2 . LEU A 1 105 ? 11.081  -1.218  -9.987  1.00 21.21  ? 112 LEU A CD2 1 
ATOM   768 N  N   . LEU A 1 106 ? 7.116   0.604   -6.753  1.00 16.10  ? 113 LEU A N   1 
ATOM   769 C  CA  . LEU A 1 106 ? 5.727   1.045   -6.619  1.00 16.54  ? 113 LEU A CA  1 
ATOM   770 C  C   . LEU A 1 106 ? 5.620   2.557   -6.450  1.00 16.07  ? 113 LEU A C   1 
ATOM   771 O  O   . LEU A 1 106 ? 4.514   3.114   -6.446  1.00 16.15  ? 113 LEU A O   1 
ATOM   772 C  CB  . LEU A 1 106 ? 5.019   0.287   -5.466  1.00 16.47  ? 113 LEU A CB  1 
ATOM   773 C  CG  . LEU A 1 106 ? 4.926   -1.238  -5.642  1.00 19.37  ? 113 LEU A CG  1 
ATOM   774 C  CD1 . LEU A 1 106 ? 4.619   -1.891  -4.315  1.00 18.65  ? 113 LEU A CD1 1 
ATOM   775 C  CD2 . LEU A 1 106 ? 3.910   -1.655  -6.761  1.00 17.36  ? 113 LEU A CD2 1 
ATOM   776 N  N   . GLU A 1 107 ? 6.766   3.226   -6.300  1.00 17.00  ? 114 GLU A N   1 
ATOM   777 C  CA  . GLU A 1 107 ? 6.814   4.681   -6.104  1.00 17.44  ? 114 GLU A CA  1 
ATOM   778 C  C   . GLU A 1 107 ? 5.944   5.144   -4.934  1.00 17.32  ? 114 GLU A C   1 
ATOM   779 O  O   . GLU A 1 107 ? 4.991   5.916   -5.095  1.00 16.62  ? 114 GLU A O   1 
ATOM   780 C  CB  . GLU A 1 107 ? 6.437   5.412   -7.403  1.00 18.37  ? 114 GLU A CB  1 
ATOM   781 C  CG  . GLU A 1 107 ? 7.256   4.921   -8.595  1.00 21.36  ? 114 GLU A CG  1 
ATOM   782 C  CD  . GLU A 1 107 ? 6.752   5.475   -9.914  1.00 29.11  ? 114 GLU A CD  1 
ATOM   783 O  OE1 . GLU A 1 107 ? 6.160   4.699   -10.704 1.00 35.30  ? 114 GLU A OE1 1 
ATOM   784 O  OE2 . GLU A 1 107 ? 6.931   6.681   -10.150 1.00 30.09  ? 114 GLU A OE2 1 
ATOM   785 N  N   . ILE A 1 108 ? 6.275   4.611   -3.765  1.00 16.32  ? 115 ILE A N   1 
ATOM   786 C  CA  . ILE A 1 108 ? 5.676   4.958   -2.484  1.00 16.00  ? 115 ILE A CA  1 
ATOM   787 C  C   . ILE A 1 108 ? 6.769   5.773   -1.780  1.00 17.35  ? 115 ILE A C   1 
ATOM   788 O  O   . ILE A 1 108 ? 7.586   5.222   -1.063  1.00 15.34  ? 115 ILE A O   1 
ATOM   789 C  CB  . ILE A 1 108 ? 5.342   3.657   -1.706  1.00 16.01  ? 115 ILE A CB  1 
ATOM   790 C  CG1 . ILE A 1 108 ? 4.404   2.785   -2.540  1.00 15.40  ? 115 ILE A CG1 1 
ATOM   791 C  CG2 . ILE A 1 108 ? 4.685   3.997   -0.315  1.00 16.90  ? 115 ILE A CG2 1 
ATOM   792 C  CD1 . ILE A 1 108 ? 4.262   1.267   -2.008  1.00 15.68  ? 115 ILE A CD1 1 
ATOM   793 N  N   . PRO A 1 109 ? 6.847   7.087   -2.077  1.00 19.40  ? 116 PRO A N   1 
ATOM   794 C  CA  . PRO A 1 109 ? 7.999   7.859   -1.616  1.00 19.36  ? 116 PRO A CA  1 
ATOM   795 C  C   . PRO A 1 109 ? 8.124   7.952   -0.090  1.00 18.52  ? 116 PRO A C   1 
ATOM   796 O  O   . PRO A 1 109 ? 9.231   8.085   0.390   1.00 17.89  ? 116 PRO A O   1 
ATOM   797 C  CB  . PRO A 1 109 ? 7.771   9.250   -2.232  1.00 21.22  ? 116 PRO A CB  1 
ATOM   798 C  CG  . PRO A 1 109 ? 6.402   9.310   -2.666  1.00 21.63  ? 116 PRO A CG  1 
ATOM   799 C  CD  . PRO A 1 109 ? 5.960   7.891   -2.937  1.00 19.90  ? 116 PRO A CD  1 
ATOM   800 N  N   . ALA A 1 110 ? 7.038   7.863   0.669   1.00 16.67  ? 117 ALA A N   1 
ATOM   801 C  CA  . ALA A 1 110 ? 7.184   7.997   2.115   1.00 17.69  ? 117 ALA A CA  1 
ATOM   802 C  C   . ALA A 1 110 ? 8.054   6.834   2.633   1.00 16.18  ? 117 ALA A C   1 
ATOM   803 O  O   . ALA A 1 110 ? 8.997   7.027   3.415   1.00 14.07  ? 117 ALA A O   1 
ATOM   804 C  CB  . ALA A 1 110 ? 5.839   8.023   2.807   1.00 19.77  ? 117 ALA A CB  1 
ATOM   805 N  N   . VAL A 1 111 ? 7.774   5.636   2.129   1.00 15.30  ? 118 VAL A N   1 
ATOM   806 C  CA  . VAL A 1 111 ? 8.527   4.457   2.541   1.00 15.63  ? 118 VAL A CA  1 
ATOM   807 C  C   . VAL A 1 111 ? 9.942   4.450   1.947   1.00 16.75  ? 118 VAL A C   1 
ATOM   808 O  O   . VAL A 1 111 ? 10.929  4.121   2.662   1.00 15.24  ? 118 VAL A O   1 
ATOM   809 C  CB  . VAL A 1 111 ? 7.758   3.153   2.188   1.00 16.06  ? 118 VAL A CB  1 
ATOM   810 C  CG1 . VAL A 1 111 ? 8.666   1.919   2.405   1.00 17.33  ? 118 VAL A CG1 1 
ATOM   811 C  CG2 . VAL A 1 111 ? 6.481   3.056   3.050   1.00 15.98  ? 118 VAL A CG2 1 
ATOM   812 N  N   . SER A 1 112 ? 10.067  4.831   0.661   1.00 16.64  ? 119 SER A N   1 
ATOM   813 C  CA  . SER A 1 112 ? 11.398  4.829   0.027   1.00 17.60  ? 119 SER A CA  1 
ATOM   814 C  C   . SER A 1 112 ? 12.377  5.759   0.733   1.00 16.70  ? 119 SER A C   1 
ATOM   815 O  O   . SER A 1 112 ? 13.514  5.365   0.964   1.00 15.48  ? 119 SER A O   1 
ATOM   816 C  CB  . SER A 1 112 ? 11.354  5.267   -1.451  1.00 17.89  ? 119 SER A CB  1 
ATOM   817 O  OG  . SER A 1 112 ? 10.471  4.453   -2.183  1.00 25.04  ? 119 SER A OG  1 
ATOM   818 N  N   . HIS A 1 113 ? 11.937  6.976   1.049   1.00 15.59  ? 120 HIS A N   1 
ATOM   819 C  CA  . HIS A 1 113 ? 12.811  7.986   1.667   1.00 17.34  ? 120 HIS A CA  1 
ATOM   820 C  C   . HIS A 1 113 ? 13.320  7.467   2.998   1.00 16.66  ? 120 HIS A C   1 
ATOM   821 O  O   . HIS A 1 113 ? 14.522  7.516   3.304   1.00 15.20  ? 120 HIS A O   1 
ATOM   822 C  CB  . HIS A 1 113 ? 12.063  9.311   1.889   1.00 18.30  ? 120 HIS A CB  1 
ATOM   823 C  CG  . HIS A 1 113 ? 11.663  10.007  0.620   1.00 23.02  ? 120 HIS A CG  1 
ATOM   824 N  ND1 . HIS A 1 113 ? 12.237  9.722   -0.598  1.00 30.62  ? 120 HIS A ND1 1 
ATOM   825 C  CD2 . HIS A 1 113 ? 10.756  10.982  0.385   1.00 26.23  ? 120 HIS A CD2 1 
ATOM   826 C  CE1 . HIS A 1 113 ? 11.702  10.498  -1.532  1.00 30.23  ? 120 HIS A CE1 1 
ATOM   827 N  NE2 . HIS A 1 113 ? 10.805  11.274  -0.958  1.00 30.72  ? 120 HIS A NE2 1 
ATOM   828 N  N   . VAL A 1 114 ? 12.387  6.959   3.783   1.00 16.04  ? 121 VAL A N   1 
ATOM   829 C  CA  . VAL A 1 114 ? 12.713  6.459   5.113   1.00 16.99  ? 121 VAL A CA  1 
ATOM   830 C  C   . VAL A 1 114 ? 13.665  5.261   5.049   1.00 16.25  ? 121 VAL A C   1 
ATOM   831 O  O   . VAL A 1 114 ? 14.680  5.237   5.721   1.00 16.04  ? 121 VAL A O   1 
ATOM   832 C  CB  . VAL A 1 114 ? 11.429  6.108   5.874   1.00 16.56  ? 121 VAL A CB  1 
ATOM   833 C  CG1 . VAL A 1 114 ? 11.752  5.307   7.135   1.00 19.68  ? 121 VAL A CG1 1 
ATOM   834 C  CG2 . VAL A 1 114 ? 10.721  7.424   6.223   1.00 20.25  ? 121 VAL A CG2 1 
ATOM   835 N  N   . CYS A 1 115 ? 13.340  4.259   4.246   1.00 15.52  ? 122 CYS A N   1 
ATOM   836 C  CA  . CYS A 1 115 ? 14.184  3.067   4.194   1.00 17.02  ? 122 CYS A CA  1 
ATOM   837 C  C   . CYS A 1 115 ? 15.593  3.403   3.680   1.00 17.29  ? 122 CYS A C   1 
ATOM   838 O  O   . CYS A 1 115 ? 16.584  2.839   4.157   1.00 17.23  ? 122 CYS A O   1 
ATOM   839 C  CB  . CYS A 1 115 ? 13.498  1.963   3.388   1.00 16.59  ? 122 CYS A CB  1 
ATOM   840 S  SG  . CYS A 1 115 ? 12.090  1.270   4.255   1.00 20.82  ? 122 CYS A SG  1 
ATOM   841 N  N   . ALA A 1 116 ? 15.700  4.355   2.751   1.00 18.35  ? 123 ALA A N   1 
ATOM   842 C  CA  . ALA A 1 116 ? 17.032  4.748   2.247   1.00 19.09  ? 123 ALA A CA  1 
ATOM   843 C  C   . ALA A 1 116 ? 17.830  5.433   3.334   1.00 19.72  ? 123 ALA A C   1 
ATOM   844 O  O   . ALA A 1 116 ? 19.043  5.240   3.463   1.00 19.89  ? 123 ALA A O   1 
ATOM   845 C  CB  . ALA A 1 116 ? 16.885  5.672   1.042   1.00 20.34  ? 123 ALA A CB  1 
ATOM   846 N  N   . ASP A 1 117 ? 17.150  6.258   4.130   1.00 19.64  ? 124 ASP A N   1 
ATOM   847 C  CA  . ASP A 1 117 ? 17.800  6.895   5.241   1.00 20.79  ? 124 ASP A CA  1 
ATOM   848 C  C   . ASP A 1 117 ? 18.275  5.868   6.270   1.00 20.33  ? 124 ASP A C   1 
ATOM   849 O  O   . ASP A 1 117 ? 19.267  6.109   6.936   1.00 19.05  ? 124 ASP A O   1 
ATOM   850 C  CB  . ASP A 1 117 ? 16.857  7.906   5.901   1.00 21.66  ? 124 ASP A CB  1 
ATOM   851 C  CG  . ASP A 1 117 ? 16.833  9.238   5.158   1.00 25.96  ? 124 ASP A CG  1 
ATOM   852 O  OD1 . ASP A 1 117 ? 17.664  9.479   4.255   1.00 29.65  ? 124 ASP A OD1 1 
ATOM   853 O  OD2 . ASP A 1 117 ? 15.987  10.064  5.493   1.00 30.75  ? 124 ASP A OD2 1 
ATOM   854 N  N   . LEU A 1 118 ? 17.558  4.747   6.409   1.00 19.50  ? 125 LEU A N   1 
ATOM   855 C  CA  . LEU A 1 118 ? 17.907  3.726   7.418   1.00 20.16  ? 125 LEU A CA  1 
ATOM   856 C  C   . LEU A 1 118 ? 19.077  2.900   6.967   1.00 22.58  ? 125 LEU A C   1 
ATOM   857 O  O   . LEU A 1 118 ? 19.760  2.314   7.779   1.00 23.98  ? 125 LEU A O   1 
ATOM   858 C  CB  . LEU A 1 118 ? 16.718  2.800   7.714   1.00 18.35  ? 125 LEU A CB  1 
ATOM   859 C  CG  . LEU A 1 118 ? 15.533  3.455   8.448   1.00 14.37  ? 125 LEU A CG  1 
ATOM   860 C  CD1 . LEU A 1 118 ? 14.417  2.453   8.553   1.00 14.96  ? 125 LEU A CD1 1 
ATOM   861 C  CD2 . LEU A 1 118 ? 15.988  3.873   9.860   1.00 15.05  ? 125 LEU A CD2 1 
ATOM   862 N  N   . LEU A 1 119 ? 19.289  2.833   5.654   1.00 25.13  ? 126 LEU A N   1 
ATOM   863 C  CA  . LEU A 1 119 ? 20.464  2.166   5.091   1.00 27.21  ? 126 LEU A CA  1 
ATOM   864 C  C   . LEU A 1 119 ? 21.705  3.044   4.936   1.00 28.99  ? 126 LEU A C   1 
ATOM   865 O  O   . LEU A 1 119 ? 22.793  2.519   4.763   1.00 29.89  ? 126 LEU A O   1 
ATOM   866 C  CB  . LEU A 1 119 ? 20.094  1.507   3.764   1.00 27.13  ? 126 LEU A CB  1 
ATOM   867 C  CG  . LEU A 1 119 ? 19.072  0.380   3.875   1.00 27.45  ? 126 LEU A CG  1 
ATOM   868 C  CD1 . LEU A 1 119 ? 18.853  -0.345  2.563   1.00 30.19  ? 126 LEU A CD1 1 
ATOM   869 C  CD2 . LEU A 1 119 ? 19.473  -0.610  4.936   1.00 26.69  ? 126 LEU A CD2 1 
ATOM   870 N  N   . ASP A 1 120 ? 21.553  4.363   5.020   1.00 31.60  ? 127 ASP A N   1 
ATOM   871 C  CA  . ASP A 1 120 ? 22.630  5.299   4.653   1.00 34.80  ? 127 ASP A CA  1 
ATOM   872 C  C   . ASP A 1 120 ? 22.545  5.567   3.127   1.00 36.62  ? 127 ASP A C   1 
ATOM   873 O  O   . ASP A 1 120 ? 21.692  6.369   2.682   1.00 37.21  ? 127 ASP A O   1 
ATOM   874 C  CB  . ASP A 1 120 ? 24.001  4.780   5.207   1.00 35.29  ? 127 ASP A CB  1 
ATOM   875 C  CG  . ASP A 1 120 ? 25.240  5.335   4.489   1.00 38.03  ? 127 ASP A CG  1 
ATOM   876 O  OD1 . ASP A 1 120 ? 25.585  4.880   3.363   1.00 40.85  ? 127 ASP A OD1 1 
ATOM   877 O  OD2 . ASP A 1 120 ? 25.935  6.173   5.099   1.00 41.95  ? 127 ASP A OD2 1 
HETATM 878 PR PR  . PR  B 2 .   ? 27.592  1.673   6.084   1.00 46.15  ? 128 PR  A PR  1 
HETATM 879 PR PR  . PR  C 2 .   ? -12.949 2.213   12.665  1.00 500.00 ? 129 PR  A PR  1 
HETATM 880 PR PR  . PR  D 2 .   ? 26.093  5.172   7.682   1.00 27.19  ? 130 PR  A PR  1 
HETATM 881 O  O   . HOH E 3 .   ? 7.484   -15.440 -2.158  0.50 2.00   ? 131 HOH A O   1 
HETATM 882 O  O   . HOH E 3 .   ? 16.083  11.696  3.602   0.50 2.00   ? 132 HOH A O   1 
HETATM 883 O  O   . HOH E 3 .   ? 18.123  -7.972  3.116   1.00 8.18   ? 133 HOH A O   1 
HETATM 884 O  O   . HOH E 3 .   ? 9.226   -13.623 -3.318  1.00 8.17   ? 134 HOH A O   1 
HETATM 885 O  O   . HOH E 3 .   ? 21.043  2.522   9.977   1.00 17.41  ? 135 HOH A O   1 
HETATM 886 O  O   . HOH E 3 .   ? -5.846  1.685   9.973   1.00 10.40  ? 136 HOH A O   1 
HETATM 887 O  O   . HOH E 3 .   ? -7.382  14.067  10.964  1.00 9.93   ? 137 HOH A O   1 
HETATM 888 O  O   . HOH E 3 .   ? 9.734   6.289   -4.527  1.00 10.76  ? 138 HOH A O   1 
HETATM 889 O  O   . HOH E 3 .   ? 3.811   -15.746 0.321   0.50 30.17  ? 139 HOH A O   1 
HETATM 890 O  O   . HOH E 3 .   ? 3.573   -3.565  7.237   1.00 11.46  ? 140 HOH A O   1 
HETATM 891 O  O   . HOH E 3 .   ? 8.876   -13.023 -6.085  1.00 22.48  ? 141 HOH A O   1 
HETATM 892 O  O   . HOH E 3 .   ? -5.861  4.127   11.156  1.00 11.42  ? 142 HOH A O   1 
HETATM 893 O  O   . HOH E 3 .   ? 6.330   -17.615 -6.334  1.00 14.55  ? 143 HOH A O   1 
HETATM 894 O  O   . HOH E 3 .   ? -13.814 25.521  13.926  0.50 10.69  ? 144 HOH A O   1 
HETATM 895 O  O   . HOH E 3 .   ? 25.696  2.317   4.314   1.00 29.59  ? 145 HOH A O   1 
HETATM 896 O  O   . HOH E 3 .   ? -0.166  -4.371  -12.884 1.00 28.57  ? 146 HOH A O   1 
HETATM 897 O  O   . HOH E 3 .   ? -5.707  11.438  12.095  1.00 14.94  ? 147 HOH A O   1 
HETATM 898 O  O   . HOH E 3 .   ? 0.578   -14.665 -9.803  1.00 21.93  ? 148 HOH A O   1 
HETATM 899 O  O   . HOH E 3 .   ? 10.511  5.664   -6.769  1.00 28.15  ? 149 HOH A O   1 
HETATM 900 O  O   . HOH E 3 .   ? 7.421   -6.062  -15.013 1.00 23.97  ? 150 HOH A O   1 
HETATM 901 O  O   . HOH E 3 .   ? 28.620  1.946   8.176   1.00 26.96  ? 151 HOH A O   1 
HETATM 902 O  O   . HOH E 3 .   ? 3.628   -12.247 -9.246  1.00 19.85  ? 152 HOH A O   1 
HETATM 903 O  O   . HOH E 3 .   ? 4.996   -9.638  4.639   1.00 19.01  ? 153 HOH A O   1 
HETATM 904 O  O   . HOH E 3 .   ? 27.856  3.867   6.531   1.00 25.83  ? 154 HOH A O   1 
HETATM 905 O  O   . HOH E 3 .   ? -3.558  5.232   11.270  1.00 24.97  ? 155 HOH A O   1 
HETATM 906 O  O   . HOH E 3 .   ? 2.748   -6.261  7.698   1.00 18.50  ? 156 HOH A O   1 
HETATM 907 O  O   . HOH E 3 .   ? -17.587 29.669  8.871   1.00 37.24  ? 157 HOH A O   1 
HETATM 908 O  O   . HOH E 3 .   ? -6.968  8.167   5.728   0.50 18.91  ? 158 HOH A O   1 
HETATM 909 O  O   . HOH E 3 .   ? 3.624   -12.512 3.533   1.00 24.83  ? 159 HOH A O   1 
HETATM 910 O  O   . HOH E 3 .   ? 10.184  -8.021  7.796   1.00 24.68  ? 160 HOH A O   1 
HETATM 911 O  O   . HOH E 3 .   ? 11.978  -7.828  13.940  1.00 36.03  ? 161 HOH A O   1 
HETATM 912 O  O   . HOH E 3 .   ? 3.694   -6.858  -13.365 1.00 30.93  ? 162 HOH A O   1 
HETATM 913 O  O   . HOH E 3 .   ? -1.687  -7.237  2.813   1.00 24.95  ? 163 HOH A O   1 
HETATM 914 O  O   . HOH E 3 .   ? -14.633 0.848   -3.723  1.00 28.10  ? 164 HOH A O   1 
HETATM 915 O  O   . HOH E 3 .   ? -11.480 2.756   -5.093  1.00 24.03  ? 165 HOH A O   1 
HETATM 916 O  O   . HOH E 3 .   ? 10.768  -5.638  -5.730  1.00 19.19  ? 166 HOH A O   1 
HETATM 917 O  O   . HOH E 3 .   ? -15.685 -6.418  -1.740  1.00 29.87  ? 167 HOH A O   1 
HETATM 918 O  O   . HOH E 3 .   ? 20.513  4.628   1.272   1.00 22.84  ? 168 HOH A O   1 
HETATM 919 O  O   . HOH E 3 .   ? -9.117  -1.305  11.104  1.00 20.61  ? 169 HOH A O   1 
HETATM 920 O  O   . HOH E 3 .   ? 18.857  -2.740  13.715  1.00 20.69  ? 170 HOH A O   1 
HETATM 921 O  O   . HOH E 3 .   ? -13.121 4.230   11.615  1.00 25.33  ? 171 HOH A O   1 
HETATM 922 O  O   . HOH E 3 .   ? 4.370   7.545   0.661   1.00 33.55  ? 172 HOH A O   1 
HETATM 923 O  O   . HOH E 3 .   ? 23.670  -0.083  4.517   1.00 40.52  ? 173 HOH A O   1 
HETATM 924 O  O   . HOH E 3 .   ? 0.339   9.588   0.092   1.00 36.69  ? 174 HOH A O   1 
HETATM 925 O  O   . HOH E 3 .   ? 4.450   -8.421  6.790   1.00 32.04  ? 175 HOH A O   1 
HETATM 926 O  O   . HOH E 3 .   ? 12.108  -6.978  -8.801  0.50 37.93  ? 176 HOH A O   1 
HETATM 927 O  O   . HOH E 3 .   ? -6.079  -7.270  0.719   1.00 27.42  ? 177 HOH A O   1 
HETATM 928 O  O   . HOH E 3 .   ? 24.001  5.140   8.119   1.00 35.32  ? 178 HOH A O   1 
HETATM 929 O  O   . HOH E 3 .   ? 10.470  -9.974  -0.267  1.00 37.53  ? 179 HOH A O   1 
HETATM 930 O  O   . HOH E 3 .   ? -4.729  10.248  15.853  1.00 34.40  ? 180 HOH A O   1 
HETATM 931 O  O   . HOH E 3 .   ? -3.978  -18.616 -6.136  1.00 30.79  ? 181 HOH A O   1 
HETATM 932 O  O   . HOH E 3 .   ? -3.901  -6.194  1.663   1.00 30.18  ? 182 HOH A O   1 
HETATM 933 O  O   . HOH E 3 .   ? 6.736   -11.396 -7.588  1.00 23.08  ? 183 HOH A O   1 
HETATM 934 O  O   . HOH E 3 .   ? -5.478  15.247  9.915   1.00 33.43  ? 184 HOH A O   1 
HETATM 935 O  O   . HOH E 3 .   ? -16.367 1.160   6.848   1.00 33.03  ? 185 HOH A O   1 
HETATM 936 O  O   . HOH E 3 .   ? 14.708  -6.564  13.303  1.00 32.80  ? 186 HOH A O   1 
HETATM 937 O  O   . HOH E 3 .   ? 2.023   2.164   -13.662 1.00 31.14  ? 187 HOH A O   1 
HETATM 938 O  O   . HOH E 3 .   ? -14.302 10.762  12.091  1.00 30.75  ? 188 HOH A O   1 
HETATM 939 O  O   . HOH E 3 .   ? 9.790   -11.228 7.472   1.00 31.00  ? 189 HOH A O   1 
HETATM 940 O  O   . HOH E 3 .   ? 9.960   -8.906  2.526   1.00 34.73  ? 190 HOH A O   1 
HETATM 941 O  O   . HOH E 3 .   ? -8.577  3.280   14.863  1.00 41.42  ? 191 HOH A O   1 
HETATM 942 O  O   . HOH E 3 .   ? 23.560  8.093   3.856   1.00 44.81  ? 192 HOH A O   1 
HETATM 943 O  O   . HOH E 3 .   ? 10.280  -7.395  -3.848  1.00 20.02  ? 193 HOH A O   1 
HETATM 944 O  O   . HOH E 3 .   ? 18.558  -5.560  3.725   1.00 28.52  ? 194 HOH A O   1 
HETATM 945 O  O   . HOH E 3 .   ? -0.978  -4.456  -15.391 1.00 30.65  ? 195 HOH A O   1 
HETATM 946 O  O   . HOH E 3 .   ? -9.403  -8.151  1.600   1.00 36.32  ? 196 HOH A O   1 
HETATM 947 O  O   . HOH E 3 .   ? 2.704   8.697   -4.350  1.00 40.83  ? 197 HOH A O   1 
HETATM 948 O  O   . HOH E 3 .   ? 21.620  6.521   6.815   1.00 42.49  ? 198 HOH A O   1 
HETATM 949 O  O   . HOH E 3 .   ? 0.369   -18.807 -4.495  1.00 28.82  ? 199 HOH A O   1 
HETATM 950 O  O   . HOH E 3 .   ? 9.863   -16.421 -6.083  1.00 45.75  ? 200 HOH A O   1 
HETATM 951 O  O   . HOH E 3 .   ? 7.828   2.199   -11.048 1.00 39.95  ? 201 HOH A O   1 
HETATM 952 O  O   . HOH E 3 .   ? -2.403  -7.567  -15.111 1.00 30.37  ? 202 HOH A O   1 
HETATM 953 O  O   . HOH E 3 .   ? 1.682   -20.287 -6.333  1.00 41.37  ? 203 HOH A O   1 
HETATM 954 O  O   . HOH E 3 .   ? 0.066   8.806   -5.222  1.00 32.14  ? 204 HOH A O   1 
HETATM 955 O  O   . HOH E 3 .   ? -1.535  -12.188 -0.004  1.00 58.08  ? 205 HOH A O   1 
HETATM 956 O  O   . HOH E 3 .   ? 28.239  6.200   7.136   1.00 28.07  ? 206 HOH A O   1 
HETATM 957 O  O   . HOH E 3 .   ? 17.562  -2.061  -1.331  1.00 25.47  ? 207 HOH A O   1 
HETATM 958 O  O   . HOH E 3 .   ? -10.878 4.488   14.629  1.00 33.18  ? 208 HOH A O   1 
HETATM 959 O  O   . HOH E 3 .   ? 9.871   4.828   -11.727 1.00 20.86  ? 209 HOH A O   1 
HETATM 960 O  O   . HOH E 3 .   ? 5.880   -16.052 -9.135  1.00 33.38  ? 210 HOH A O   1 
HETATM 961 O  O   . HOH E 3 .   ? 2.646   -9.091  -14.958 1.00 39.05  ? 211 HOH A O   1 
HETATM 962 O  O   . HOH E 3 .   ? 10.022  -9.058  -12.883 1.00 22.75  ? 212 HOH A O   1 
HETATM 963 O  O   . HOH E 3 .   ? 12.195  -6.636  -2.378  1.00 41.18  ? 213 HOH A O   1 
HETATM 964 O  O   . HOH E 3 .   ? -4.946  -15.879 -2.550  1.00 30.77  ? 214 HOH A O   1 
HETATM 965 O  O   . HOH E 3 .   ? 1.823   -6.549  10.221  1.00 43.46  ? 215 HOH A O   1 
HETATM 966 O  O   . HOH E 3 .   ? -3.537  10.627  13.204  1.00 29.80  ? 216 HOH A O   1 
HETATM 967 O  O   . HOH E 3 .   ? 13.204  -15.847 -5.732  0.50 17.18  ? 217 HOH A O   1 
HETATM 968 O  O   . HOH E 3 .   ? -18.774 -5.127  -0.663  1.00 34.11  ? 218 HOH A O   1 
HETATM 969 O  O   . HOH E 3 .   ? 6.106   -12.049 -15.314 1.00 40.56  ? 219 HOH A O   1 
HETATM 970 O  O   . HOH E 3 .   ? 15.537  -11.981 6.242   1.00 32.01  ? 220 HOH A O   1 
HETATM 971 O  O   . HOH E 3 .   ? 16.705  -0.175  -4.683  1.00 51.26  ? 221 HOH A O   1 
HETATM 972 O  O   . HOH E 3 .   ? -13.648 -4.042  -11.718 1.00 69.39  ? 222 HOH A O   1 
HETATM 973 O  O   . HOH E 3 .   ? -0.133  -3.697  10.171  1.00 32.35  ? 223 HOH A O   1 
HETATM 974 O  O   . HOH E 3 .   ? -2.967  -8.158  6.211   1.00 34.27  ? 224 HOH A O   1 
HETATM 975 O  O   . HOH E 3 .   ? 11.530  -12.565 5.929   1.00 36.23  ? 225 HOH A O   1 
HETATM 976 O  O   . HOH E 3 .   ? 26.533  -0.130  4.268   1.00 36.12  ? 226 HOH A O   1 
HETATM 977 O  O   . HOH E 3 .   ? 2.028   -3.120  9.126   1.00 30.28  ? 227 HOH A O   1 
HETATM 978 O  O   . HOH E 3 .   ? 16.495  -9.211  11.194  1.00 39.68  ? 228 HOH A O   1 
HETATM 979 O  O   . HOH E 3 .   ? 28.682  -0.509  6.638   1.00 32.93  ? 229 HOH A O   1 
HETATM 980 O  O   . HOH E 3 .   ? -2.692  -5.191  8.274   1.00 37.54  ? 230 HOH A O   1 
HETATM 981 O  O   . HOH E 3 .   ? 21.699  5.495   9.049   1.00 26.99  ? 231 HOH A O   1 
HETATM 982 O  O   . HOH E 3 .   ? -16.359 -4.171  -4.899  1.00 36.75  ? 232 HOH A O   1 
HETATM 983 O  O   . HOH E 3 .   ? -3.587  14.626  13.401  1.00 28.59  ? 233 HOH A O   1 
HETATM 984 O  O   . HOH E 3 .   ? -3.639  -10.508 0.301   1.00 53.13  ? 234 HOH A O   1 
HETATM 985 O  O   . HOH E 3 .   ? -7.051  -5.622  6.750   1.00 37.50  ? 235 HOH A O   1 
HETATM 986 O  O   . HOH E 3 .   ? 3.477   -18.853 -6.889  1.00 35.16  ? 236 HOH A O   1 
HETATM 987 O  O   . HOH E 3 .   ? 8.077   -12.669 -10.980 1.00 29.70  ? 237 HOH A O   1 
HETATM 988 O  O   . HOH E 3 .   ? 8.246   -6.872  6.423   1.00 30.93  ? 238 HOH A O   1 
HETATM 989 O  O   . HOH E 3 .   ? 14.712  6.465   -2.362  1.00 29.06  ? 239 HOH A O   1 
HETATM 990 O  O   . HOH E 3 .   ? -8.433  -0.235  -19.129 1.00 38.16  ? 240 HOH A O   1 
HETATM 991 O  O   . HOH E 3 .   ? -5.627  12.764  17.642  1.00 37.71  ? 241 HOH A O   1 
HETATM 992 O  O   . HOH E 3 .   ? -15.692 30.874  8.815   1.00 38.60  ? 242 HOH A O   1 
HETATM 993 O  O   . HOH E 3 .   ? 7.950   -8.454  4.126   1.00 35.60  ? 243 HOH A O   1 
HETATM 994 O  O   . HOH E 3 .   ? 15.772  9.624   2.062   1.00 23.14  ? 244 HOH A O   1 
HETATM 995 O  O   . HOH E 3 .   ? 18.414  -4.054  5.739   1.00 32.33  ? 245 HOH A O   1 
HETATM 996 O  O   . HOH E 3 .   ? 2.666   6.397   0.494   1.00 41.92  ? 246 HOH A O   1 
HETATM 997 O  O   . HOH E 3 .   ? 1.148   -12.223 -10.770 1.00 45.92  ? 247 HOH A O   1 
# 
loop_
_pdbx_poly_seq_scheme.asym_id 
_pdbx_poly_seq_scheme.entity_id 
_pdbx_poly_seq_scheme.seq_id 
_pdbx_poly_seq_scheme.mon_id 
_pdbx_poly_seq_scheme.ndb_seq_num 
_pdbx_poly_seq_scheme.pdb_seq_num 
_pdbx_poly_seq_scheme.auth_seq_num 
_pdbx_poly_seq_scheme.pdb_mon_id 
_pdbx_poly_seq_scheme.auth_mon_id 
_pdbx_poly_seq_scheme.pdb_strand_id 
_pdbx_poly_seq_scheme.pdb_ins_code 
_pdbx_poly_seq_scheme.hetero 
A 1 1   ILE 1   8   8   ILE ILE A . n 
A 1 2   GLY 2   9   9   GLY GLY A . n 
A 1 3   ILE 3   10  10  ILE ILE A . n 
A 1 4   PRO 4   11  11  PRO PRO A . n 
A 1 5   PHE 5   12  12  PHE PHE A . n 
A 1 6   PRO 6   13  13  PRO PRO A . n 
A 1 7   ASP 7   14  14  ASP ASP A . n 
A 1 8   HIS 8   15  15  HIS HIS A . n 
A 1 9   SER 9   16  16  SER SER A . n 
A 1 10  SER 10  17  17  SER SER A . n 
A 1 11  ASP 11  18  18  ASP ASP A . n 
A 1 12  ILE 12  19  19  ILE ILE A . n 
A 1 13  LEU 13  20  20  LEU LEU A . n 
A 1 14  SER 14  21  21  SER SER A . n 
A 1 15  GLY 15  22  22  GLY GLY A . n 
A 1 16  LEU 16  23  23  LEU LEU A . n 
A 1 17  ASN 17  24  24  ASN ASN A . n 
A 1 18  GLU 18  25  25  GLU GLU A . n 
A 1 19  GLN 19  26  26  GLN GLN A . n 
A 1 20  ARG 20  27  27  ARG ARG A . n 
A 1 21  THR 21  28  28  THR THR A . n 
A 1 22  GLN 22  29  29  GLN GLN A . n 
A 1 23  GLY 23  30  30  GLY GLY A . n 
A 1 24  LEU 24  31  31  LEU LEU A . n 
A 1 25  LEU 25  32  32  LEU LEU A . n 
A 1 26  CYS 26  33  33  CYS CYS A . n 
A 1 27  ASP 27  34  34  ASP ASP A . n 
A 1 28  VAL 28  35  35  VAL VAL A . n 
A 1 29  VAL 29  36  36  VAL VAL A . n 
A 1 30  ILE 30  37  37  ILE ILE A . n 
A 1 31  LEU 31  38  38  LEU LEU A . n 
A 1 32  VAL 32  39  39  VAL VAL A . n 
A 1 33  GLU 33  40  40  GLU GLU A . n 
A 1 34  GLY 34  41  41  GLY GLY A . n 
A 1 35  ARG 35  42  42  ARG ARG A . n 
A 1 36  GLU 36  43  43  GLU GLU A . n 
A 1 37  PHE 37  44  44  PHE PHE A . n 
A 1 38  PRO 38  45  45  PRO PRO A . n 
A 1 39  THR 39  46  46  THR THR A . n 
A 1 40  HIS 40  47  47  HIS HIS A . n 
A 1 41  ARG 41  48  48  ARG ARG A . n 
A 1 42  SER 42  49  49  SER SER A . n 
A 1 43  VAL 43  50  50  VAL VAL A . n 
A 1 44  LEU 44  51  51  LEU LEU A . n 
A 1 45  ALA 45  52  52  ALA ALA A . n 
A 1 46  ALA 46  53  53  ALA ALA A . n 
A 1 47  CYS 47  54  54  CYS CYS A . n 
A 1 48  SER 48  55  55  SER SER A . n 
A 1 49  GLN 49  56  56  GLN GLN A . n 
A 1 50  TYR 50  57  57  TYR TYR A . n 
A 1 51  PHE 51  58  58  PHE PHE A . n 
A 1 52  LYS 52  59  59  LYS LYS A . n 
A 1 53  LYS 53  60  60  LYS LYS A . n 
A 1 54  LEU 54  61  61  LEU LEU A . n 
A 1 55  PHE 55  62  62  PHE PHE A . n 
A 1 56  THR 56  63  63  THR THR A . n 
A 1 57  SER 57  64  64  SER SER A . n 
A 1 58  GLY 58  65  ?   ?   ?   A . n 
A 1 59  ALA 59  66  ?   ?   ?   A . n 
A 1 60  VAL 60  67  ?   ?   ?   A . n 
A 1 61  VAL 61  68  ?   ?   ?   A . n 
A 1 62  ASP 62  69  ?   ?   ?   A . n 
A 1 63  GLN 63  70  70  GLN GLN A . n 
A 1 64  GLN 64  71  71  GLN GLN A . n 
A 1 65  ASN 65  72  72  ASN ASN A . n 
A 1 66  VAL 66  73  73  VAL VAL A . n 
A 1 67  TYR 67  74  74  TYR TYR A . n 
A 1 68  GLU 68  75  75  GLU GLU A . n 
A 1 69  ILE 69  76  76  ILE ILE A . n 
A 1 70  ASP 70  77  77  ASP ASP A . n 
A 1 71  PHE 71  78  78  PHE PHE A . n 
A 1 72  VAL 72  79  79  VAL VAL A . n 
A 1 73  SER 73  80  80  SER SER A . n 
A 1 74  ALA 74  81  81  ALA ALA A . n 
A 1 75  GLU 75  82  82  GLU GLU A . n 
A 1 76  ALA 76  83  83  ALA ALA A . n 
A 1 77  LEU 77  84  84  LEU LEU A . n 
A 1 78  THR 78  85  85  THR THR A . n 
A 1 79  ALA 79  86  86  ALA ALA A . n 
A 1 80  LEU 80  87  87  LEU LEU A . n 
A 1 81  MET 81  88  88  MET MET A . n 
A 1 82  ASP 82  89  89  ASP ASP A . n 
A 1 83  PHE 83  90  90  PHE PHE A . n 
A 1 84  ALA 84  91  91  ALA ALA A . n 
A 1 85  TYR 85  92  92  TYR TYR A . n 
A 1 86  THR 86  93  93  THR THR A . n 
A 1 87  ALA 87  94  94  ALA ALA A . n 
A 1 88  THR 88  95  95  THR THR A . n 
A 1 89  LEU 89  96  96  LEU LEU A . n 
A 1 90  THR 90  97  97  THR THR A . n 
A 1 91  VAL 91  98  98  VAL VAL A . n 
A 1 92  SER 92  99  99  SER SER A . n 
A 1 93  THR 93  100 100 THR THR A . n 
A 1 94  ALA 94  101 101 ALA ALA A . n 
A 1 95  ASN 95  102 102 ASN ASN A . n 
A 1 96  VAL 96  103 103 VAL VAL A . n 
A 1 97  GLY 97  104 104 GLY GLY A . n 
A 1 98  ASP 98  105 105 ASP ASP A . n 
A 1 99  ILE 99  106 106 ILE ILE A . n 
A 1 100 LEU 100 107 107 LEU LEU A . n 
A 1 101 SER 101 108 108 SER SER A . n 
A 1 102 ALA 102 109 109 ALA ALA A . n 
A 1 103 ALA 103 110 110 ALA ALA A . n 
A 1 104 ARG 104 111 111 ARG ARG A . n 
A 1 105 LEU 105 112 112 LEU LEU A . n 
A 1 106 LEU 106 113 113 LEU LEU A . n 
A 1 107 GLU 107 114 114 GLU GLU A . n 
A 1 108 ILE 108 115 115 ILE ILE A . n 
A 1 109 PRO 109 116 116 PRO PRO A . n 
A 1 110 ALA 110 117 117 ALA ALA A . n 
A 1 111 VAL 111 118 118 VAL VAL A . n 
A 1 112 SER 112 119 119 SER SER A . n 
A 1 113 HIS 113 120 120 HIS HIS A . n 
A 1 114 VAL 114 121 121 VAL VAL A . n 
A 1 115 CYS 115 122 122 CYS CYS A . n 
A 1 116 ALA 116 123 123 ALA ALA A . n 
A 1 117 ASP 117 124 124 ASP ASP A . n 
A 1 118 LEU 118 125 125 LEU LEU A . n 
A 1 119 LEU 119 126 126 LEU LEU A . n 
A 1 120 ASP 120 127 127 ASP ASP A . n 
# 
loop_
_pdbx_nonpoly_scheme.asym_id 
_pdbx_nonpoly_scheme.entity_id 
_pdbx_nonpoly_scheme.mon_id 
_pdbx_nonpoly_scheme.ndb_seq_num 
_pdbx_nonpoly_scheme.pdb_seq_num 
_pdbx_nonpoly_scheme.auth_seq_num 
_pdbx_nonpoly_scheme.pdb_mon_id 
_pdbx_nonpoly_scheme.auth_mon_id 
_pdbx_nonpoly_scheme.pdb_strand_id 
_pdbx_nonpoly_scheme.pdb_ins_code 
B 2 PR  1   128 128 PR  PR  A . 
C 2 PR  1   129 129 PR  PR  A . 
D 2 PR  1   130 130 PR  PR  A . 
E 3 HOH 1   131 1   HOH HOH A . 
E 3 HOH 2   132 2   HOH HOH A . 
E 3 HOH 3   133 3   HOH HOH A . 
E 3 HOH 4   134 4   HOH HOH A . 
E 3 HOH 5   135 5   HOH HOH A . 
E 3 HOH 6   136 6   HOH HOH A . 
E 3 HOH 7   137 7   HOH HOH A . 
E 3 HOH 8   138 8   HOH HOH A . 
E 3 HOH 9   139 9   HOH HOH A . 
E 3 HOH 10  140 10  HOH HOH A . 
E 3 HOH 11  141 11  HOH HOH A . 
E 3 HOH 12  142 12  HOH HOH A . 
E 3 HOH 13  143 13  HOH HOH A . 
E 3 HOH 14  144 14  HOH HOH A . 
E 3 HOH 15  145 15  HOH HOH A . 
E 3 HOH 16  146 16  HOH HOH A . 
E 3 HOH 17  147 17  HOH HOH A . 
E 3 HOH 18  148 18  HOH HOH A . 
E 3 HOH 19  149 19  HOH HOH A . 
E 3 HOH 20  150 20  HOH HOH A . 
E 3 HOH 21  151 21  HOH HOH A . 
E 3 HOH 22  152 22  HOH HOH A . 
E 3 HOH 23  153 23  HOH HOH A . 
E 3 HOH 24  154 24  HOH HOH A . 
E 3 HOH 25  155 25  HOH HOH A . 
E 3 HOH 26  156 26  HOH HOH A . 
E 3 HOH 27  157 27  HOH HOH A . 
E 3 HOH 28  158 28  HOH HOH A . 
E 3 HOH 29  159 29  HOH HOH A . 
E 3 HOH 30  160 30  HOH HOH A . 
E 3 HOH 31  161 31  HOH HOH A . 
E 3 HOH 32  162 32  HOH HOH A . 
E 3 HOH 33  163 33  HOH HOH A . 
E 3 HOH 34  164 34  HOH HOH A . 
E 3 HOH 35  165 35  HOH HOH A . 
E 3 HOH 36  166 36  HOH HOH A . 
E 3 HOH 37  167 37  HOH HOH A . 
E 3 HOH 38  168 38  HOH HOH A . 
E 3 HOH 39  169 39  HOH HOH A . 
E 3 HOH 40  170 40  HOH HOH A . 
E 3 HOH 41  171 41  HOH HOH A . 
E 3 HOH 42  172 42  HOH HOH A . 
E 3 HOH 43  173 43  HOH HOH A . 
E 3 HOH 44  174 44  HOH HOH A . 
E 3 HOH 45  175 45  HOH HOH A . 
E 3 HOH 46  176 46  HOH HOH A . 
E 3 HOH 47  177 47  HOH HOH A . 
E 3 HOH 48  178 48  HOH HOH A . 
E 3 HOH 49  179 49  HOH HOH A . 
E 3 HOH 50  180 50  HOH HOH A . 
E 3 HOH 51  181 51  HOH HOH A . 
E 3 HOH 52  182 52  HOH HOH A . 
E 3 HOH 53  183 53  HOH HOH A . 
E 3 HOH 54  184 54  HOH HOH A . 
E 3 HOH 55  185 55  HOH HOH A . 
E 3 HOH 56  186 56  HOH HOH A . 
E 3 HOH 57  187 57  HOH HOH A . 
E 3 HOH 58  188 58  HOH HOH A . 
E 3 HOH 59  189 59  HOH HOH A . 
E 3 HOH 60  190 60  HOH HOH A . 
E 3 HOH 61  191 61  HOH HOH A . 
E 3 HOH 62  192 62  HOH HOH A . 
E 3 HOH 63  193 63  HOH HOH A . 
E 3 HOH 64  194 64  HOH HOH A . 
E 3 HOH 65  195 65  HOH HOH A . 
E 3 HOH 66  196 66  HOH HOH A . 
E 3 HOH 67  197 67  HOH HOH A . 
E 3 HOH 68  198 68  HOH HOH A . 
E 3 HOH 69  199 69  HOH HOH A . 
E 3 HOH 70  200 70  HOH HOH A . 
E 3 HOH 71  201 71  HOH HOH A . 
E 3 HOH 72  202 72  HOH HOH A . 
E 3 HOH 73  203 73  HOH HOH A . 
E 3 HOH 74  204 74  HOH HOH A . 
E 3 HOH 75  205 75  HOH HOH A . 
E 3 HOH 76  206 76  HOH HOH A . 
E 3 HOH 77  207 77  HOH HOH A . 
E 3 HOH 78  208 78  HOH HOH A . 
E 3 HOH 79  209 79  HOH HOH A . 
E 3 HOH 80  210 80  HOH HOH A . 
E 3 HOH 81  211 81  HOH HOH A . 
E 3 HOH 82  212 82  HOH HOH A . 
E 3 HOH 83  213 83  HOH HOH A . 
E 3 HOH 84  214 84  HOH HOH A . 
E 3 HOH 85  215 85  HOH HOH A . 
E 3 HOH 86  216 86  HOH HOH A . 
E 3 HOH 87  217 87  HOH HOH A . 
E 3 HOH 88  218 88  HOH HOH A . 
E 3 HOH 89  219 89  HOH HOH A . 
E 3 HOH 90  220 90  HOH HOH A . 
E 3 HOH 91  221 91  HOH HOH A . 
E 3 HOH 92  222 92  HOH HOH A . 
E 3 HOH 93  223 93  HOH HOH A . 
E 3 HOH 94  224 94  HOH HOH A . 
E 3 HOH 95  225 95  HOH HOH A . 
E 3 HOH 96  226 96  HOH HOH A . 
E 3 HOH 97  227 97  HOH HOH A . 
E 3 HOH 98  228 98  HOH HOH A . 
E 3 HOH 99  229 99  HOH HOH A . 
E 3 HOH 100 230 100 HOH HOH A . 
E 3 HOH 101 231 101 HOH HOH A . 
E 3 HOH 102 232 102 HOH HOH A . 
E 3 HOH 103 233 103 HOH HOH A . 
E 3 HOH 104 234 104 HOH HOH A . 
E 3 HOH 105 235 105 HOH HOH A . 
E 3 HOH 106 236 106 HOH HOH A . 
E 3 HOH 107 237 107 HOH HOH A . 
E 3 HOH 108 238 108 HOH HOH A . 
E 3 HOH 109 239 109 HOH HOH A . 
E 3 HOH 110 240 110 HOH HOH A . 
E 3 HOH 111 241 111 HOH HOH A . 
E 3 HOH 112 242 112 HOH HOH A . 
E 3 HOH 113 243 113 HOH HOH A . 
E 3 HOH 114 244 114 HOH HOH A . 
E 3 HOH 115 245 115 HOH HOH A . 
E 3 HOH 116 246 116 HOH HOH A . 
E 3 HOH 117 247 117 HOH HOH A . 
# 
_pdbx_struct_assembly.id                   1 
_pdbx_struct_assembly.details              author_and_software_defined_assembly 
_pdbx_struct_assembly.method_details       PISA,PQS 
_pdbx_struct_assembly.oligomeric_details   dimeric 
_pdbx_struct_assembly.oligomeric_count     2 
# 
_pdbx_struct_assembly_gen.assembly_id       1 
_pdbx_struct_assembly_gen.oper_expression   1,2 
_pdbx_struct_assembly_gen.asym_id_list      A,B,C,D,E 
# 
loop_
_pdbx_struct_assembly_prop.biol_id 
_pdbx_struct_assembly_prop.type 
_pdbx_struct_assembly_prop.value 
_pdbx_struct_assembly_prop.details 
1 'ABSA (A^2)' 4050  ? 
1 MORE         -63   ? 
1 'SSA (A^2)'  11630 ? 
# 
loop_
_pdbx_struct_oper_list.id 
_pdbx_struct_oper_list.type 
_pdbx_struct_oper_list.name 
_pdbx_struct_oper_list.symmetry_operation 
_pdbx_struct_oper_list.matrix[1][1] 
_pdbx_struct_oper_list.matrix[1][2] 
_pdbx_struct_oper_list.matrix[1][3] 
_pdbx_struct_oper_list.vector[1] 
_pdbx_struct_oper_list.matrix[2][1] 
_pdbx_struct_oper_list.matrix[2][2] 
_pdbx_struct_oper_list.matrix[2][3] 
_pdbx_struct_oper_list.vector[2] 
_pdbx_struct_oper_list.matrix[3][1] 
_pdbx_struct_oper_list.matrix[3][2] 
_pdbx_struct_oper_list.matrix[3][3] 
_pdbx_struct_oper_list.vector[3] 
1 'identity operation'         1_555  x,y,z     1.0000000000  0.0000000000 0.0000000000 0.0000000000   0.0000000000 1.0000000000  0.0000000000 0.0000000000  0.0000000000 0.0000000000 1.0000000000 0.0000000000 
2 'crystal symmetry operation' 10_545 -x,-y-1,z -0.5389072581 0.4127833971 0.7342947871 -18.6206206512 0.4127833971 -0.6304645088 0.6573616739 13.0306363002 0.7342947871 0.6573616739 0.1693717669 4.3674594607 
# 
loop_
_pdbx_struct_special_symmetry.id 
_pdbx_struct_special_symmetry.PDB_model_num 
_pdbx_struct_special_symmetry.auth_asym_id 
_pdbx_struct_special_symmetry.auth_comp_id 
_pdbx_struct_special_symmetry.auth_seq_id 
_pdbx_struct_special_symmetry.PDB_ins_code 
_pdbx_struct_special_symmetry.label_asym_id 
_pdbx_struct_special_symmetry.label_comp_id 
_pdbx_struct_special_symmetry.label_seq_id 
1 1 A HOH 131 ? E HOH . 
2 1 A HOH 139 ? E HOH . 
# 
loop_
_pdbx_audit_revision_history.ordinal 
_pdbx_audit_revision_history.data_content_type 
_pdbx_audit_revision_history.major_revision 
_pdbx_audit_revision_history.minor_revision 
_pdbx_audit_revision_history.revision_date 
1 'Structure model' 1 0 2006-11-21 
2 'Structure model' 1 1 2008-05-01 
3 'Structure model' 1 2 2011-07-13 
4 'Structure model' 1 3 2023-08-30 
# 
_pdbx_audit_revision_details.ordinal             1 
_pdbx_audit_revision_details.revision_ordinal    1 
_pdbx_audit_revision_details.data_content_type   'Structure model' 
_pdbx_audit_revision_details.provider            repository 
_pdbx_audit_revision_details.type                'Initial release' 
_pdbx_audit_revision_details.description         ? 
_pdbx_audit_revision_details.details             ? 
# 
loop_
_pdbx_audit_revision_group.ordinal 
_pdbx_audit_revision_group.revision_ordinal 
_pdbx_audit_revision_group.data_content_type 
_pdbx_audit_revision_group.group 
1 2 'Structure model' 'Version format compliance' 
2 3 'Structure model' Advisory                    
3 3 'Structure model' 'Derived calculations'      
4 3 'Structure model' 'Version format compliance' 
5 4 'Structure model' 'Data collection'           
6 4 'Structure model' 'Database references'       
7 4 'Structure model' 'Derived calculations'      
8 4 'Structure model' 'Refinement description'    
# 
loop_
_pdbx_audit_revision_category.ordinal 
_pdbx_audit_revision_category.revision_ordinal 
_pdbx_audit_revision_category.data_content_type 
_pdbx_audit_revision_category.category 
1 4 'Structure model' chem_comp_atom                
2 4 'Structure model' chem_comp_bond                
3 4 'Structure model' database_2                    
4 4 'Structure model' pdbx_initial_refinement_model 
5 4 'Structure model' struct_site                   
# 
loop_
_pdbx_audit_revision_item.ordinal 
_pdbx_audit_revision_item.revision_ordinal 
_pdbx_audit_revision_item.data_content_type 
_pdbx_audit_revision_item.item 
1 4 'Structure model' '_database_2.pdbx_DOI'                
2 4 'Structure model' '_database_2.pdbx_database_accession' 
3 4 'Structure model' '_struct_site.pdbx_auth_asym_id'      
4 4 'Structure model' '_struct_site.pdbx_auth_comp_id'      
5 4 'Structure model' '_struct_site.pdbx_auth_seq_id'       
# 
_pdbx_refine_tls.id               1 
_pdbx_refine_tls.details          ? 
_pdbx_refine_tls.method           refined 
_pdbx_refine_tls.origin_x         -0.2800 
_pdbx_refine_tls.origin_y         -0.1312 
_pdbx_refine_tls.origin_z         -0.3680 
_pdbx_refine_tls.T[1][1]          -0.0568 
_pdbx_refine_tls.T[2][2]          -0.0218 
_pdbx_refine_tls.T[3][3]          -0.0267 
_pdbx_refine_tls.T[1][2]          0.0373 
_pdbx_refine_tls.T[1][3]          -0.0092 
_pdbx_refine_tls.T[2][3]          -0.0362 
_pdbx_refine_tls.L[1][1]          0.5539 
_pdbx_refine_tls.L[2][2]          1.3530 
_pdbx_refine_tls.L[3][3]          0.7760 
_pdbx_refine_tls.L[1][2]          -0.8380 
_pdbx_refine_tls.L[1][3]          -0.4254 
_pdbx_refine_tls.L[2][3]          0.4477 
_pdbx_refine_tls.S[1][1]          0.0459 
_pdbx_refine_tls.S[1][2]          0.0517 
_pdbx_refine_tls.S[1][3]          -0.0230 
_pdbx_refine_tls.S[2][1]          -0.1072 
_pdbx_refine_tls.S[2][2]          -0.1635 
_pdbx_refine_tls.S[2][3]          0.1030 
_pdbx_refine_tls.S[3][1]          0.0186 
_pdbx_refine_tls.S[3][2]          -0.1020 
_pdbx_refine_tls.S[3][3]          0.1177 
_pdbx_refine_tls.pdbx_refine_id   'X-RAY DIFFRACTION' 
# 
loop_
_pdbx_refine_tls_group.id 
_pdbx_refine_tls_group.refine_tls_id 
_pdbx_refine_tls_group.beg_auth_asym_id 
_pdbx_refine_tls_group.beg_auth_seq_id 
_pdbx_refine_tls_group.beg_label_asym_id 
_pdbx_refine_tls_group.beg_label_seq_id 
_pdbx_refine_tls_group.end_auth_asym_id 
_pdbx_refine_tls_group.end_auth_seq_id 
_pdbx_refine_tls_group.end_label_asym_id 
_pdbx_refine_tls_group.end_label_seq_id 
_pdbx_refine_tls_group.selection 
_pdbx_refine_tls_group.pdbx_refine_id 
_pdbx_refine_tls_group.selection_details 
1 1 A 8  A 1  A 64  A 57  ? 'X-RAY DIFFRACTION' ? 
2 1 A 70 A 63 A 127 A 120 ? 'X-RAY DIFFRACTION' ? 
# 
loop_
_software.name 
_software.classification 
_software.version 
_software.citation_id 
_software.pdbx_ordinal 
REFMAC   refinement       5.2.0019 ? 1 
HKL-2000 'data reduction' .        ? 2 
HKL-2000 'data scaling'   .        ? 3 
PHASER   phasing          .        ? 4 
# 
loop_
_pdbx_validate_close_contact.id 
_pdbx_validate_close_contact.PDB_model_num 
_pdbx_validate_close_contact.auth_atom_id_1 
_pdbx_validate_close_contact.auth_asym_id_1 
_pdbx_validate_close_contact.auth_comp_id_1 
_pdbx_validate_close_contact.auth_seq_id_1 
_pdbx_validate_close_contact.PDB_ins_code_1 
_pdbx_validate_close_contact.label_alt_id_1 
_pdbx_validate_close_contact.auth_atom_id_2 
_pdbx_validate_close_contact.auth_asym_id_2 
_pdbx_validate_close_contact.auth_comp_id_2 
_pdbx_validate_close_contact.auth_seq_id_2 
_pdbx_validate_close_contact.PDB_ins_code_2 
_pdbx_validate_close_contact.label_alt_id_2 
_pdbx_validate_close_contact.dist 
1 1 O  A HOH 172 ? ? O A HOH 246 ? ? 2.06 
2 1 PR A PR  130 ? ? O A HOH 178 ? ? 2.14 
# 
_pdbx_validate_symm_contact.id                1 
_pdbx_validate_symm_contact.PDB_model_num     1 
_pdbx_validate_symm_contact.auth_atom_id_1    OD2 
_pdbx_validate_symm_contact.auth_asym_id_1    A 
_pdbx_validate_symm_contact.auth_comp_id_1    ASP 
_pdbx_validate_symm_contact.auth_seq_id_1     124 
_pdbx_validate_symm_contact.PDB_ins_code_1    ? 
_pdbx_validate_symm_contact.label_alt_id_1    ? 
_pdbx_validate_symm_contact.site_symmetry_1   1_555 
_pdbx_validate_symm_contact.auth_atom_id_2    OD2 
_pdbx_validate_symm_contact.auth_asym_id_2    A 
_pdbx_validate_symm_contact.auth_comp_id_2    ASP 
_pdbx_validate_symm_contact.auth_seq_id_2     124 
_pdbx_validate_symm_contact.PDB_ins_code_2    ? 
_pdbx_validate_symm_contact.label_alt_id_2    ? 
_pdbx_validate_symm_contact.site_symmetry_2   5_454 
_pdbx_validate_symm_contact.dist              2.18 
# 
loop_
_pdbx_unobs_or_zero_occ_residues.id 
_pdbx_unobs_or_zero_occ_residues.PDB_model_num 
_pdbx_unobs_or_zero_occ_residues.polymer_flag 
_pdbx_unobs_or_zero_occ_residues.occupancy_flag 
_pdbx_unobs_or_zero_occ_residues.auth_asym_id 
_pdbx_unobs_or_zero_occ_residues.auth_comp_id 
_pdbx_unobs_or_zero_occ_residues.auth_seq_id 
_pdbx_unobs_or_zero_occ_residues.PDB_ins_code 
_pdbx_unobs_or_zero_occ_residues.label_asym_id 
_pdbx_unobs_or_zero_occ_residues.label_comp_id 
_pdbx_unobs_or_zero_occ_residues.label_seq_id 
1 1 Y 1 A GLY 65 ? A GLY 58 
2 1 Y 1 A ALA 66 ? A ALA 59 
3 1 Y 1 A VAL 67 ? A VAL 60 
4 1 Y 1 A VAL 68 ? A VAL 61 
5 1 Y 1 A ASP 69 ? A ASP 62 
# 
loop_
_chem_comp_atom.comp_id 
_chem_comp_atom.atom_id 
_chem_comp_atom.type_symbol 
_chem_comp_atom.pdbx_aromatic_flag 
_chem_comp_atom.pdbx_stereo_config 
_chem_comp_atom.pdbx_ordinal 
ALA N    N  N N 1   
ALA CA   C  N S 2   
ALA C    C  N N 3   
ALA O    O  N N 4   
ALA CB   C  N N 5   
ALA OXT  O  N N 6   
ALA H    H  N N 7   
ALA H2   H  N N 8   
ALA HA   H  N N 9   
ALA HB1  H  N N 10  
ALA HB2  H  N N 11  
ALA HB3  H  N N 12  
ALA HXT  H  N N 13  
ARG N    N  N N 14  
ARG CA   C  N S 15  
ARG C    C  N N 16  
ARG O    O  N N 17  
ARG CB   C  N N 18  
ARG CG   C  N N 19  
ARG CD   C  N N 20  
ARG NE   N  N N 21  
ARG CZ   C  N N 22  
ARG NH1  N  N N 23  
ARG NH2  N  N N 24  
ARG OXT  O  N N 25  
ARG H    H  N N 26  
ARG H2   H  N N 27  
ARG HA   H  N N 28  
ARG HB2  H  N N 29  
ARG HB3  H  N N 30  
ARG HG2  H  N N 31  
ARG HG3  H  N N 32  
ARG HD2  H  N N 33  
ARG HD3  H  N N 34  
ARG HE   H  N N 35  
ARG HH11 H  N N 36  
ARG HH12 H  N N 37  
ARG HH21 H  N N 38  
ARG HH22 H  N N 39  
ARG HXT  H  N N 40  
ASN N    N  N N 41  
ASN CA   C  N S 42  
ASN C    C  N N 43  
ASN O    O  N N 44  
ASN CB   C  N N 45  
ASN CG   C  N N 46  
ASN OD1  O  N N 47  
ASN ND2  N  N N 48  
ASN OXT  O  N N 49  
ASN H    H  N N 50  
ASN H2   H  N N 51  
ASN HA   H  N N 52  
ASN HB2  H  N N 53  
ASN HB3  H  N N 54  
ASN HD21 H  N N 55  
ASN HD22 H  N N 56  
ASN HXT  H  N N 57  
ASP N    N  N N 58  
ASP CA   C  N S 59  
ASP C    C  N N 60  
ASP O    O  N N 61  
ASP CB   C  N N 62  
ASP CG   C  N N 63  
ASP OD1  O  N N 64  
ASP OD2  O  N N 65  
ASP OXT  O  N N 66  
ASP H    H  N N 67  
ASP H2   H  N N 68  
ASP HA   H  N N 69  
ASP HB2  H  N N 70  
ASP HB3  H  N N 71  
ASP HD2  H  N N 72  
ASP HXT  H  N N 73  
CYS N    N  N N 74  
CYS CA   C  N R 75  
CYS C    C  N N 76  
CYS O    O  N N 77  
CYS CB   C  N N 78  
CYS SG   S  N N 79  
CYS OXT  O  N N 80  
CYS H    H  N N 81  
CYS H2   H  N N 82  
CYS HA   H  N N 83  
CYS HB2  H  N N 84  
CYS HB3  H  N N 85  
CYS HG   H  N N 86  
CYS HXT  H  N N 87  
GLN N    N  N N 88  
GLN CA   C  N S 89  
GLN C    C  N N 90  
GLN O    O  N N 91  
GLN CB   C  N N 92  
GLN CG   C  N N 93  
GLN CD   C  N N 94  
GLN OE1  O  N N 95  
GLN NE2  N  N N 96  
GLN OXT  O  N N 97  
GLN H    H  N N 98  
GLN H2   H  N N 99  
GLN HA   H  N N 100 
GLN HB2  H  N N 101 
GLN HB3  H  N N 102 
GLN HG2  H  N N 103 
GLN HG3  H  N N 104 
GLN HE21 H  N N 105 
GLN HE22 H  N N 106 
GLN HXT  H  N N 107 
GLU N    N  N N 108 
GLU CA   C  N S 109 
GLU C    C  N N 110 
GLU O    O  N N 111 
GLU CB   C  N N 112 
GLU CG   C  N N 113 
GLU CD   C  N N 114 
GLU OE1  O  N N 115 
GLU OE2  O  N N 116 
GLU OXT  O  N N 117 
GLU H    H  N N 118 
GLU H2   H  N N 119 
GLU HA   H  N N 120 
GLU HB2  H  N N 121 
GLU HB3  H  N N 122 
GLU HG2  H  N N 123 
GLU HG3  H  N N 124 
GLU HE2  H  N N 125 
GLU HXT  H  N N 126 
GLY N    N  N N 127 
GLY CA   C  N N 128 
GLY C    C  N N 129 
GLY O    O  N N 130 
GLY OXT  O  N N 131 
GLY H    H  N N 132 
GLY H2   H  N N 133 
GLY HA2  H  N N 134 
GLY HA3  H  N N 135 
GLY HXT  H  N N 136 
HIS N    N  N N 137 
HIS CA   C  N S 138 
HIS C    C  N N 139 
HIS O    O  N N 140 
HIS CB   C  N N 141 
HIS CG   C  Y N 142 
HIS ND1  N  Y N 143 
HIS CD2  C  Y N 144 
HIS CE1  C  Y N 145 
HIS NE2  N  Y N 146 
HIS OXT  O  N N 147 
HIS H    H  N N 148 
HIS H2   H  N N 149 
HIS HA   H  N N 150 
HIS HB2  H  N N 151 
HIS HB3  H  N N 152 
HIS HD1  H  N N 153 
HIS HD2  H  N N 154 
HIS HE1  H  N N 155 
HIS HE2  H  N N 156 
HIS HXT  H  N N 157 
HOH O    O  N N 158 
HOH H1   H  N N 159 
HOH H2   H  N N 160 
ILE N    N  N N 161 
ILE CA   C  N S 162 
ILE C    C  N N 163 
ILE O    O  N N 164 
ILE CB   C  N S 165 
ILE CG1  C  N N 166 
ILE CG2  C  N N 167 
ILE CD1  C  N N 168 
ILE OXT  O  N N 169 
ILE H    H  N N 170 
ILE H2   H  N N 171 
ILE HA   H  N N 172 
ILE HB   H  N N 173 
ILE HG12 H  N N 174 
ILE HG13 H  N N 175 
ILE HG21 H  N N 176 
ILE HG22 H  N N 177 
ILE HG23 H  N N 178 
ILE HD11 H  N N 179 
ILE HD12 H  N N 180 
ILE HD13 H  N N 181 
ILE HXT  H  N N 182 
LEU N    N  N N 183 
LEU CA   C  N S 184 
LEU C    C  N N 185 
LEU O    O  N N 186 
LEU CB   C  N N 187 
LEU CG   C  N N 188 
LEU CD1  C  N N 189 
LEU CD2  C  N N 190 
LEU OXT  O  N N 191 
LEU H    H  N N 192 
LEU H2   H  N N 193 
LEU HA   H  N N 194 
LEU HB2  H  N N 195 
LEU HB3  H  N N 196 
LEU HG   H  N N 197 
LEU HD11 H  N N 198 
LEU HD12 H  N N 199 
LEU HD13 H  N N 200 
LEU HD21 H  N N 201 
LEU HD22 H  N N 202 
LEU HD23 H  N N 203 
LEU HXT  H  N N 204 
LYS N    N  N N 205 
LYS CA   C  N S 206 
LYS C    C  N N 207 
LYS O    O  N N 208 
LYS CB   C  N N 209 
LYS CG   C  N N 210 
LYS CD   C  N N 211 
LYS CE   C  N N 212 
LYS NZ   N  N N 213 
LYS OXT  O  N N 214 
LYS H    H  N N 215 
LYS H2   H  N N 216 
LYS HA   H  N N 217 
LYS HB2  H  N N 218 
LYS HB3  H  N N 219 
LYS HG2  H  N N 220 
LYS HG3  H  N N 221 
LYS HD2  H  N N 222 
LYS HD3  H  N N 223 
LYS HE2  H  N N 224 
LYS HE3  H  N N 225 
LYS HZ1  H  N N 226 
LYS HZ2  H  N N 227 
LYS HZ3  H  N N 228 
LYS HXT  H  N N 229 
MET N    N  N N 230 
MET CA   C  N S 231 
MET C    C  N N 232 
MET O    O  N N 233 
MET CB   C  N N 234 
MET CG   C  N N 235 
MET SD   S  N N 236 
MET CE   C  N N 237 
MET OXT  O  N N 238 
MET H    H  N N 239 
MET H2   H  N N 240 
MET HA   H  N N 241 
MET HB2  H  N N 242 
MET HB3  H  N N 243 
MET HG2  H  N N 244 
MET HG3  H  N N 245 
MET HE1  H  N N 246 
MET HE2  H  N N 247 
MET HE3  H  N N 248 
MET HXT  H  N N 249 
PHE N    N  N N 250 
PHE CA   C  N S 251 
PHE C    C  N N 252 
PHE O    O  N N 253 
PHE CB   C  N N 254 
PHE CG   C  Y N 255 
PHE CD1  C  Y N 256 
PHE CD2  C  Y N 257 
PHE CE1  C  Y N 258 
PHE CE2  C  Y N 259 
PHE CZ   C  Y N 260 
PHE OXT  O  N N 261 
PHE H    H  N N 262 
PHE H2   H  N N 263 
PHE HA   H  N N 264 
PHE HB2  H  N N 265 
PHE HB3  H  N N 266 
PHE HD1  H  N N 267 
PHE HD2  H  N N 268 
PHE HE1  H  N N 269 
PHE HE2  H  N N 270 
PHE HZ   H  N N 271 
PHE HXT  H  N N 272 
PR  PR   PR N N 273 
PRO N    N  N N 274 
PRO CA   C  N S 275 
PRO C    C  N N 276 
PRO O    O  N N 277 
PRO CB   C  N N 278 
PRO CG   C  N N 279 
PRO CD   C  N N 280 
PRO OXT  O  N N 281 
PRO H    H  N N 282 
PRO HA   H  N N 283 
PRO HB2  H  N N 284 
PRO HB3  H  N N 285 
PRO HG2  H  N N 286 
PRO HG3  H  N N 287 
PRO HD2  H  N N 288 
PRO HD3  H  N N 289 
PRO HXT  H  N N 290 
SER N    N  N N 291 
SER CA   C  N S 292 
SER C    C  N N 293 
SER O    O  N N 294 
SER CB   C  N N 295 
SER OG   O  N N 296 
SER OXT  O  N N 297 
SER H    H  N N 298 
SER H2   H  N N 299 
SER HA   H  N N 300 
SER HB2  H  N N 301 
SER HB3  H  N N 302 
SER HG   H  N N 303 
SER HXT  H  N N 304 
THR N    N  N N 305 
THR CA   C  N S 306 
THR C    C  N N 307 
THR O    O  N N 308 
THR CB   C  N R 309 
THR OG1  O  N N 310 
THR CG2  C  N N 311 
THR OXT  O  N N 312 
THR H    H  N N 313 
THR H2   H  N N 314 
THR HA   H  N N 315 
THR HB   H  N N 316 
THR HG1  H  N N 317 
THR HG21 H  N N 318 
THR HG22 H  N N 319 
THR HG23 H  N N 320 
THR HXT  H  N N 321 
TYR N    N  N N 322 
TYR CA   C  N S 323 
TYR C    C  N N 324 
TYR O    O  N N 325 
TYR CB   C  N N 326 
TYR CG   C  Y N 327 
TYR CD1  C  Y N 328 
TYR CD2  C  Y N 329 
TYR CE1  C  Y N 330 
TYR CE2  C  Y N 331 
TYR CZ   C  Y N 332 
TYR OH   O  N N 333 
TYR OXT  O  N N 334 
TYR H    H  N N 335 
TYR H2   H  N N 336 
TYR HA   H  N N 337 
TYR HB2  H  N N 338 
TYR HB3  H  N N 339 
TYR HD1  H  N N 340 
TYR HD2  H  N N 341 
TYR HE1  H  N N 342 
TYR HE2  H  N N 343 
TYR HH   H  N N 344 
TYR HXT  H  N N 345 
VAL N    N  N N 346 
VAL CA   C  N S 347 
VAL C    C  N N 348 
VAL O    O  N N 349 
VAL CB   C  N N 350 
VAL CG1  C  N N 351 
VAL CG2  C  N N 352 
VAL OXT  O  N N 353 
VAL H    H  N N 354 
VAL H2   H  N N 355 
VAL HA   H  N N 356 
VAL HB   H  N N 357 
VAL HG11 H  N N 358 
VAL HG12 H  N N 359 
VAL HG13 H  N N 360 
VAL HG21 H  N N 361 
VAL HG22 H  N N 362 
VAL HG23 H  N N 363 
VAL HXT  H  N N 364 
# 
loop_
_chem_comp_bond.comp_id 
_chem_comp_bond.atom_id_1 
_chem_comp_bond.atom_id_2 
_chem_comp_bond.value_order 
_chem_comp_bond.pdbx_aromatic_flag 
_chem_comp_bond.pdbx_stereo_config 
_chem_comp_bond.pdbx_ordinal 
ALA N   CA   sing N N 1   
ALA N   H    sing N N 2   
ALA N   H2   sing N N 3   
ALA CA  C    sing N N 4   
ALA CA  CB   sing N N 5   
ALA CA  HA   sing N N 6   
ALA C   O    doub N N 7   
ALA C   OXT  sing N N 8   
ALA CB  HB1  sing N N 9   
ALA CB  HB2  sing N N 10  
ALA CB  HB3  sing N N 11  
ALA OXT HXT  sing N N 12  
ARG N   CA   sing N N 13  
ARG N   H    sing N N 14  
ARG N   H2   sing N N 15  
ARG CA  C    sing N N 16  
ARG CA  CB   sing N N 17  
ARG CA  HA   sing N N 18  
ARG C   O    doub N N 19  
ARG C   OXT  sing N N 20  
ARG CB  CG   sing N N 21  
ARG CB  HB2  sing N N 22  
ARG CB  HB3  sing N N 23  
ARG CG  CD   sing N N 24  
ARG CG  HG2  sing N N 25  
ARG CG  HG3  sing N N 26  
ARG CD  NE   sing N N 27  
ARG CD  HD2  sing N N 28  
ARG CD  HD3  sing N N 29  
ARG NE  CZ   sing N N 30  
ARG NE  HE   sing N N 31  
ARG CZ  NH1  sing N N 32  
ARG CZ  NH2  doub N N 33  
ARG NH1 HH11 sing N N 34  
ARG NH1 HH12 sing N N 35  
ARG NH2 HH21 sing N N 36  
ARG NH2 HH22 sing N N 37  
ARG OXT HXT  sing N N 38  
ASN N   CA   sing N N 39  
ASN N   H    sing N N 40  
ASN N   H2   sing N N 41  
ASN CA  C    sing N N 42  
ASN CA  CB   sing N N 43  
ASN CA  HA   sing N N 44  
ASN C   O    doub N N 45  
ASN C   OXT  sing N N 46  
ASN CB  CG   sing N N 47  
ASN CB  HB2  sing N N 48  
ASN CB  HB3  sing N N 49  
ASN CG  OD1  doub N N 50  
ASN CG  ND2  sing N N 51  
ASN ND2 HD21 sing N N 52  
ASN ND2 HD22 sing N N 53  
ASN OXT HXT  sing N N 54  
ASP N   CA   sing N N 55  
ASP N   H    sing N N 56  
ASP N   H2   sing N N 57  
ASP CA  C    sing N N 58  
ASP CA  CB   sing N N 59  
ASP CA  HA   sing N N 60  
ASP C   O    doub N N 61  
ASP C   OXT  sing N N 62  
ASP CB  CG   sing N N 63  
ASP CB  HB2  sing N N 64  
ASP CB  HB3  sing N N 65  
ASP CG  OD1  doub N N 66  
ASP CG  OD2  sing N N 67  
ASP OD2 HD2  sing N N 68  
ASP OXT HXT  sing N N 69  
CYS N   CA   sing N N 70  
CYS N   H    sing N N 71  
CYS N   H2   sing N N 72  
CYS CA  C    sing N N 73  
CYS CA  CB   sing N N 74  
CYS CA  HA   sing N N 75  
CYS C   O    doub N N 76  
CYS C   OXT  sing N N 77  
CYS CB  SG   sing N N 78  
CYS CB  HB2  sing N N 79  
CYS CB  HB3  sing N N 80  
CYS SG  HG   sing N N 81  
CYS OXT HXT  sing N N 82  
GLN N   CA   sing N N 83  
GLN N   H    sing N N 84  
GLN N   H2   sing N N 85  
GLN CA  C    sing N N 86  
GLN CA  CB   sing N N 87  
GLN CA  HA   sing N N 88  
GLN C   O    doub N N 89  
GLN C   OXT  sing N N 90  
GLN CB  CG   sing N N 91  
GLN CB  HB2  sing N N 92  
GLN CB  HB3  sing N N 93  
GLN CG  CD   sing N N 94  
GLN CG  HG2  sing N N 95  
GLN CG  HG3  sing N N 96  
GLN CD  OE1  doub N N 97  
GLN CD  NE2  sing N N 98  
GLN NE2 HE21 sing N N 99  
GLN NE2 HE22 sing N N 100 
GLN OXT HXT  sing N N 101 
GLU N   CA   sing N N 102 
GLU N   H    sing N N 103 
GLU N   H2   sing N N 104 
GLU CA  C    sing N N 105 
GLU CA  CB   sing N N 106 
GLU CA  HA   sing N N 107 
GLU C   O    doub N N 108 
GLU C   OXT  sing N N 109 
GLU CB  CG   sing N N 110 
GLU CB  HB2  sing N N 111 
GLU CB  HB3  sing N N 112 
GLU CG  CD   sing N N 113 
GLU CG  HG2  sing N N 114 
GLU CG  HG3  sing N N 115 
GLU CD  OE1  doub N N 116 
GLU CD  OE2  sing N N 117 
GLU OE2 HE2  sing N N 118 
GLU OXT HXT  sing N N 119 
GLY N   CA   sing N N 120 
GLY N   H    sing N N 121 
GLY N   H2   sing N N 122 
GLY CA  C    sing N N 123 
GLY CA  HA2  sing N N 124 
GLY CA  HA3  sing N N 125 
GLY C   O    doub N N 126 
GLY C   OXT  sing N N 127 
GLY OXT HXT  sing N N 128 
HIS N   CA   sing N N 129 
HIS N   H    sing N N 130 
HIS N   H2   sing N N 131 
HIS CA  C    sing N N 132 
HIS CA  CB   sing N N 133 
HIS CA  HA   sing N N 134 
HIS C   O    doub N N 135 
HIS C   OXT  sing N N 136 
HIS CB  CG   sing N N 137 
HIS CB  HB2  sing N N 138 
HIS CB  HB3  sing N N 139 
HIS CG  ND1  sing Y N 140 
HIS CG  CD2  doub Y N 141 
HIS ND1 CE1  doub Y N 142 
HIS ND1 HD1  sing N N 143 
HIS CD2 NE2  sing Y N 144 
HIS CD2 HD2  sing N N 145 
HIS CE1 NE2  sing Y N 146 
HIS CE1 HE1  sing N N 147 
HIS NE2 HE2  sing N N 148 
HIS OXT HXT  sing N N 149 
HOH O   H1   sing N N 150 
HOH O   H2   sing N N 151 
ILE N   CA   sing N N 152 
ILE N   H    sing N N 153 
ILE N   H2   sing N N 154 
ILE CA  C    sing N N 155 
ILE CA  CB   sing N N 156 
ILE CA  HA   sing N N 157 
ILE C   O    doub N N 158 
ILE C   OXT  sing N N 159 
ILE CB  CG1  sing N N 160 
ILE CB  CG2  sing N N 161 
ILE CB  HB   sing N N 162 
ILE CG1 CD1  sing N N 163 
ILE CG1 HG12 sing N N 164 
ILE CG1 HG13 sing N N 165 
ILE CG2 HG21 sing N N 166 
ILE CG2 HG22 sing N N 167 
ILE CG2 HG23 sing N N 168 
ILE CD1 HD11 sing N N 169 
ILE CD1 HD12 sing N N 170 
ILE CD1 HD13 sing N N 171 
ILE OXT HXT  sing N N 172 
LEU N   CA   sing N N 173 
LEU N   H    sing N N 174 
LEU N   H2   sing N N 175 
LEU CA  C    sing N N 176 
LEU CA  CB   sing N N 177 
LEU CA  HA   sing N N 178 
LEU C   O    doub N N 179 
LEU C   OXT  sing N N 180 
LEU CB  CG   sing N N 181 
LEU CB  HB2  sing N N 182 
LEU CB  HB3  sing N N 183 
LEU CG  CD1  sing N N 184 
LEU CG  CD2  sing N N 185 
LEU CG  HG   sing N N 186 
LEU CD1 HD11 sing N N 187 
LEU CD1 HD12 sing N N 188 
LEU CD1 HD13 sing N N 189 
LEU CD2 HD21 sing N N 190 
LEU CD2 HD22 sing N N 191 
LEU CD2 HD23 sing N N 192 
LEU OXT HXT  sing N N 193 
LYS N   CA   sing N N 194 
LYS N   H    sing N N 195 
LYS N   H2   sing N N 196 
LYS CA  C    sing N N 197 
LYS CA  CB   sing N N 198 
LYS CA  HA   sing N N 199 
LYS C   O    doub N N 200 
LYS C   OXT  sing N N 201 
LYS CB  CG   sing N N 202 
LYS CB  HB2  sing N N 203 
LYS CB  HB3  sing N N 204 
LYS CG  CD   sing N N 205 
LYS CG  HG2  sing N N 206 
LYS CG  HG3  sing N N 207 
LYS CD  CE   sing N N 208 
LYS CD  HD2  sing N N 209 
LYS CD  HD3  sing N N 210 
LYS CE  NZ   sing N N 211 
LYS CE  HE2  sing N N 212 
LYS CE  HE3  sing N N 213 
LYS NZ  HZ1  sing N N 214 
LYS NZ  HZ2  sing N N 215 
LYS NZ  HZ3  sing N N 216 
LYS OXT HXT  sing N N 217 
MET N   CA   sing N N 218 
MET N   H    sing N N 219 
MET N   H2   sing N N 220 
MET CA  C    sing N N 221 
MET CA  CB   sing N N 222 
MET CA  HA   sing N N 223 
MET C   O    doub N N 224 
MET C   OXT  sing N N 225 
MET CB  CG   sing N N 226 
MET CB  HB2  sing N N 227 
MET CB  HB3  sing N N 228 
MET CG  SD   sing N N 229 
MET CG  HG2  sing N N 230 
MET CG  HG3  sing N N 231 
MET SD  CE   sing N N 232 
MET CE  HE1  sing N N 233 
MET CE  HE2  sing N N 234 
MET CE  HE3  sing N N 235 
MET OXT HXT  sing N N 236 
PHE N   CA   sing N N 237 
PHE N   H    sing N N 238 
PHE N   H2   sing N N 239 
PHE CA  C    sing N N 240 
PHE CA  CB   sing N N 241 
PHE CA  HA   sing N N 242 
PHE C   O    doub N N 243 
PHE C   OXT  sing N N 244 
PHE CB  CG   sing N N 245 
PHE CB  HB2  sing N N 246 
PHE CB  HB3  sing N N 247 
PHE CG  CD1  doub Y N 248 
PHE CG  CD2  sing Y N 249 
PHE CD1 CE1  sing Y N 250 
PHE CD1 HD1  sing N N 251 
PHE CD2 CE2  doub Y N 252 
PHE CD2 HD2  sing N N 253 
PHE CE1 CZ   doub Y N 254 
PHE CE1 HE1  sing N N 255 
PHE CE2 CZ   sing Y N 256 
PHE CE2 HE2  sing N N 257 
PHE CZ  HZ   sing N N 258 
PHE OXT HXT  sing N N 259 
PRO N   CA   sing N N 260 
PRO N   CD   sing N N 261 
PRO N   H    sing N N 262 
PRO CA  C    sing N N 263 
PRO CA  CB   sing N N 264 
PRO CA  HA   sing N N 265 
PRO C   O    doub N N 266 
PRO C   OXT  sing N N 267 
PRO CB  CG   sing N N 268 
PRO CB  HB2  sing N N 269 
PRO CB  HB3  sing N N 270 
PRO CG  CD   sing N N 271 
PRO CG  HG2  sing N N 272 
PRO CG  HG3  sing N N 273 
PRO CD  HD2  sing N N 274 
PRO CD  HD3  sing N N 275 
PRO OXT HXT  sing N N 276 
SER N   CA   sing N N 277 
SER N   H    sing N N 278 
SER N   H2   sing N N 279 
SER CA  C    sing N N 280 
SER CA  CB   sing N N 281 
SER CA  HA   sing N N 282 
SER C   O    doub N N 283 
SER C   OXT  sing N N 284 
SER CB  OG   sing N N 285 
SER CB  HB2  sing N N 286 
SER CB  HB3  sing N N 287 
SER OG  HG   sing N N 288 
SER OXT HXT  sing N N 289 
THR N   CA   sing N N 290 
THR N   H    sing N N 291 
THR N   H2   sing N N 292 
THR CA  C    sing N N 293 
THR CA  CB   sing N N 294 
THR CA  HA   sing N N 295 
THR C   O    doub N N 296 
THR C   OXT  sing N N 297 
THR CB  OG1  sing N N 298 
THR CB  CG2  sing N N 299 
THR CB  HB   sing N N 300 
THR OG1 HG1  sing N N 301 
THR CG2 HG21 sing N N 302 
THR CG2 HG22 sing N N 303 
THR CG2 HG23 sing N N 304 
THR OXT HXT  sing N N 305 
TYR N   CA   sing N N 306 
TYR N   H    sing N N 307 
TYR N   H2   sing N N 308 
TYR CA  C    sing N N 309 
TYR CA  CB   sing N N 310 
TYR CA  HA   sing N N 311 
TYR C   O    doub N N 312 
TYR C   OXT  sing N N 313 
TYR CB  CG   sing N N 314 
TYR CB  HB2  sing N N 315 
TYR CB  HB3  sing N N 316 
TYR CG  CD1  doub Y N 317 
TYR CG  CD2  sing Y N 318 
TYR CD1 CE1  sing Y N 319 
TYR CD1 HD1  sing N N 320 
TYR CD2 CE2  doub Y N 321 
TYR CD2 HD2  sing N N 322 
TYR CE1 CZ   doub Y N 323 
TYR CE1 HE1  sing N N 324 
TYR CE2 CZ   sing Y N 325 
TYR CE2 HE2  sing N N 326 
TYR CZ  OH   sing N N 327 
TYR OH  HH   sing N N 328 
TYR OXT HXT  sing N N 329 
VAL N   CA   sing N N 330 
VAL N   H    sing N N 331 
VAL N   H2   sing N N 332 
VAL CA  C    sing N N 333 
VAL CA  CB   sing N N 334 
VAL CA  HA   sing N N 335 
VAL C   O    doub N N 336 
VAL C   OXT  sing N N 337 
VAL CB  CG1  sing N N 338 
VAL CB  CG2  sing N N 339 
VAL CB  HB   sing N N 340 
VAL CG1 HG11 sing N N 341 
VAL CG1 HG12 sing N N 342 
VAL CG1 HG13 sing N N 343 
VAL CG2 HG21 sing N N 344 
VAL CG2 HG22 sing N N 345 
VAL CG2 HG23 sing N N 346 
VAL OXT HXT  sing N N 347 
# 
loop_
_pdbx_entity_nonpoly.entity_id 
_pdbx_entity_nonpoly.name 
_pdbx_entity_nonpoly.comp_id 
2 'PRASEODYMIUM ION' PR  
3 water              HOH 
# 
_pdbx_initial_refinement_model.id               1 
_pdbx_initial_refinement_model.entity_id_list   ? 
_pdbx_initial_refinement_model.type             'experimental model' 
_pdbx_initial_refinement_model.source_name      PDB 
_pdbx_initial_refinement_model.accession_code   1BUO 
_pdbx_initial_refinement_model.details          'PDB ENTRY 1BUO' 
# 
